data_1FYB
#
_entry.id   1FYB
#
_cell.length_a   1.000
_cell.length_b   1.000
_cell.length_c   1.000
_cell.angle_alpha   90.00
_cell.angle_beta   90.00
_cell.angle_gamma   90.00
#
_symmetry.space_group_name_H-M   'P 1'
#
_entity_poly.entity_id   1
_entity_poly.type   'polypeptide(L)'
_entity_poly.pdbx_seq_one_letter_code
;DRICTNCCAGTKGCKYFSDDGTFVCEGESDPRNPKACTLNCDPRIAYGVCPRSEEKKNDRICTNCCAGTKGCKYFSDDGT
FVCEGESDPRNPKACPRNCDPRIAYGICPLA
;
_entity_poly.pdbx_strand_id   A
#
# COMPACT_ATOMS: atom_id res chain seq x y z
N ASP A 1 -14.11 13.35 -8.12
CA ASP A 1 -13.74 12.76 -9.44
C ASP A 1 -14.43 11.39 -9.61
N ARG A 2 -14.31 10.87 -10.81
CA ARG A 2 -14.94 9.55 -11.12
C ARG A 2 -14.16 8.41 -10.45
N ILE A 3 -14.89 7.46 -9.91
CA ILE A 3 -14.29 6.30 -9.22
C ILE A 3 -13.90 5.21 -10.25
N CYS A 4 -13.15 5.62 -11.24
CA CYS A 4 -12.73 4.64 -12.29
C CYS A 4 -11.50 3.76 -11.97
N THR A 5 -11.61 3.15 -10.82
CA THR A 5 -10.53 2.23 -10.33
C THR A 5 -10.85 0.81 -10.77
N ASN A 6 -9.86 -0.05 -10.69
CA ASN A 6 -10.07 -1.47 -11.10
C ASN A 6 -8.98 -2.35 -10.48
N CYS A 7 -9.36 -3.57 -10.19
CA CYS A 7 -8.41 -4.55 -9.59
C CYS A 7 -7.27 -4.96 -10.55
N CYS A 8 -7.48 -4.75 -11.83
CA CYS A 8 -6.44 -5.11 -12.84
C CYS A 8 -5.35 -4.04 -12.96
N ALA A 9 -5.76 -2.88 -13.41
CA ALA A 9 -4.78 -1.74 -13.58
C ALA A 9 -4.70 -0.93 -12.28
N GLY A 10 -4.61 -1.65 -11.18
CA GLY A 10 -4.51 -1.00 -9.84
C GLY A 10 -3.06 -0.62 -9.53
N THR A 11 -2.73 -0.70 -8.27
CA THR A 11 -1.36 -0.36 -7.79
C THR A 11 -0.94 -1.40 -6.74
N LYS A 12 -0.22 -2.40 -7.20
CA LYS A 12 0.27 -3.49 -6.28
C LYS A 12 0.96 -2.85 -5.07
N GLY A 13 0.33 -3.02 -3.94
CA GLY A 13 0.84 -2.47 -2.66
C GLY A 13 -0.35 -2.04 -1.81
N CYS A 14 -1.38 -1.57 -2.46
CA CYS A 14 -2.61 -1.12 -1.76
C CYS A 14 -3.70 -2.16 -2.00
N LYS A 15 -4.30 -2.54 -0.90
CA LYS A 15 -5.38 -3.55 -0.94
C LYS A 15 -6.71 -2.89 -1.30
N TYR A 16 -6.98 -2.88 -2.59
CA TYR A 16 -8.24 -2.27 -3.12
C TYR A 16 -9.42 -2.83 -2.34
N PHE A 17 -10.13 -1.90 -1.78
CA PHE A 17 -11.33 -2.18 -0.96
C PHE A 17 -12.49 -1.27 -1.36
N SER A 18 -13.64 -1.82 -1.11
CA SER A 18 -14.94 -1.14 -1.42
C SER A 18 -15.63 -0.45 -0.24
N ASP A 19 -16.18 0.68 -0.61
CA ASP A 19 -16.93 1.62 0.28
C ASP A 19 -18.04 0.93 1.08
N ASP A 20 -18.52 -0.16 0.54
CA ASP A 20 -19.61 -0.95 1.20
C ASP A 20 -19.16 -1.50 2.57
N GLY A 21 -17.91 -1.29 2.89
CA GLY A 21 -17.32 -1.75 4.16
C GLY A 21 -16.79 -3.17 3.97
N THR A 22 -16.35 -3.46 2.76
CA THR A 22 -15.81 -4.81 2.46
C THR A 22 -14.62 -4.71 1.50
N PHE A 23 -13.70 -5.62 1.69
CA PHE A 23 -12.46 -5.68 0.85
C PHE A 23 -12.80 -6.19 -0.55
N VAL A 24 -11.89 -5.97 -1.47
CA VAL A 24 -12.08 -6.41 -2.88
C VAL A 24 -10.85 -7.23 -3.33
N CYS A 25 -9.79 -6.55 -3.68
CA CYS A 25 -8.52 -7.24 -4.12
C CYS A 25 -7.34 -6.28 -3.90
N GLU A 26 -6.18 -6.63 -4.40
CA GLU A 26 -4.96 -5.76 -4.26
C GLU A 26 -4.54 -5.38 -5.68
N GLY A 27 -3.87 -4.26 -5.83
CA GLY A 27 -3.42 -3.81 -7.18
C GLY A 27 -2.69 -4.92 -7.96
N GLU A 28 -3.27 -5.32 -9.06
CA GLU A 28 -2.66 -6.40 -9.91
C GLU A 28 -1.53 -5.80 -10.76
N SER A 29 -1.54 -4.50 -10.89
CA SER A 29 -0.50 -3.78 -11.69
C SER A 29 0.36 -2.96 -10.74
N ASP A 30 1.60 -3.36 -10.63
CA ASP A 30 2.56 -2.65 -9.72
C ASP A 30 3.04 -1.37 -10.45
N PRO A 31 3.14 -0.27 -9.74
CA PRO A 31 3.95 0.90 -10.19
C PRO A 31 5.42 0.44 -10.20
N ARG A 32 5.69 -0.33 -11.21
CA ARG A 32 7.01 -0.94 -11.49
C ARG A 32 6.87 -1.60 -12.86
N ASN A 33 5.86 -2.43 -12.97
CA ASN A 33 5.60 -3.15 -14.25
C ASN A 33 4.63 -2.34 -15.15
N PRO A 34 4.68 -2.58 -16.44
CA PRO A 34 3.64 -2.07 -17.39
C PRO A 34 2.32 -2.83 -17.19
N LYS A 35 1.33 -2.43 -17.95
CA LYS A 35 -0.02 -3.06 -17.86
C LYS A 35 -0.85 -2.73 -19.11
N ALA A 36 -1.76 -3.63 -19.43
CA ALA A 36 -2.64 -3.44 -20.62
C ALA A 36 -4.01 -4.08 -20.33
N CYS A 37 -4.66 -3.53 -19.34
CA CYS A 37 -6.01 -4.04 -18.93
C CYS A 37 -7.07 -3.48 -19.88
N THR A 38 -7.02 -2.18 -20.05
CA THR A 38 -7.96 -1.43 -20.95
C THR A 38 -9.43 -1.48 -20.47
N LEU A 39 -9.71 -2.30 -19.49
CA LEU A 39 -11.11 -2.41 -18.98
C LEU A 39 -11.40 -1.22 -18.04
N ASN A 40 -10.60 -1.07 -17.03
CA ASN A 40 -10.73 0.04 -16.03
C ASN A 40 -12.15 0.24 -15.45
N CYS A 41 -12.22 1.25 -14.61
CA CYS A 41 -13.47 1.69 -13.92
C CYS A 41 -14.29 0.59 -13.21
N ASP A 42 -14.41 0.77 -11.92
CA ASP A 42 -15.17 -0.19 -11.07
C ASP A 42 -15.72 0.57 -9.85
N PRO A 43 -16.95 1.02 -9.94
CA PRO A 43 -17.64 1.75 -8.82
C PRO A 43 -17.62 0.98 -7.49
N ARG A 44 -17.36 -0.30 -7.58
CA ARG A 44 -17.31 -1.15 -6.35
C ARG A 44 -16.23 -0.58 -5.43
N ILE A 45 -15.07 -0.38 -5.99
CA ILE A 45 -13.94 0.18 -5.18
C ILE A 45 -14.24 1.58 -4.66
N ALA A 46 -13.48 1.88 -3.63
CA ALA A 46 -13.56 3.19 -2.93
C ALA A 46 -12.13 3.73 -2.88
N TYR A 47 -11.25 2.85 -2.47
CA TYR A 47 -9.79 3.17 -2.35
C TYR A 47 -9.04 1.85 -2.18
N GLY A 48 -7.82 1.93 -1.74
CA GLY A 48 -6.99 0.71 -1.52
C GLY A 48 -6.08 0.94 -0.32
N VAL A 49 -6.33 0.20 0.73
CA VAL A 49 -5.49 0.36 1.96
C VAL A 49 -4.12 -0.35 1.89
N CYS A 50 -3.09 0.45 1.72
CA CYS A 50 -1.69 -0.06 1.65
C CYS A 50 -1.19 -0.28 3.10
N PRO A 51 -0.87 -1.51 3.48
CA PRO A 51 -0.35 -1.80 4.86
C PRO A 51 1.04 -1.18 5.05
N ARG A 52 1.33 -0.83 6.27
CA ARG A 52 2.66 -0.22 6.61
C ARG A 52 2.99 -0.54 8.08
N SER A 53 2.19 0.03 8.96
CA SER A 53 2.35 -0.17 10.44
C SER A 53 3.78 0.14 10.92
N GLU A 54 4.34 1.20 10.40
CA GLU A 54 5.72 1.63 10.77
C GLU A 54 6.02 3.04 10.23
N GLU A 55 5.01 3.69 9.72
CA GLU A 55 5.15 5.08 9.18
C GLU A 55 5.73 6.02 10.25
N LYS A 56 5.23 5.85 11.45
CA LYS A 56 5.70 6.69 12.61
C LYS A 56 7.09 6.25 13.06
N LYS A 57 7.62 6.95 14.03
CA LYS A 57 8.97 6.66 14.61
C LYS A 57 10.02 6.58 13.49
N ASN A 58 10.41 7.74 13.04
CA ASN A 58 11.43 7.86 11.95
C ASN A 58 12.01 9.28 11.97
N ASP A 59 11.13 10.22 12.20
CA ASP A 59 11.53 11.67 12.25
C ASP A 59 12.31 11.92 13.54
N ARG A 60 11.74 11.40 14.61
CA ARG A 60 12.29 11.49 16.01
C ARG A 60 13.50 12.41 16.21
N ILE A 61 14.64 11.95 15.76
CA ILE A 61 15.91 12.72 15.90
C ILE A 61 16.04 13.76 14.76
N CYS A 62 15.01 14.55 14.56
CA CYS A 62 15.08 15.58 13.48
C CYS A 62 15.81 16.87 13.84
N THR A 63 16.75 16.68 14.72
CA THR A 63 17.60 17.80 15.21
C THR A 63 18.83 17.85 14.31
N ASN A 64 19.33 19.05 14.14
CA ASN A 64 20.54 19.26 13.28
C ASN A 64 21.26 20.59 13.49
N CYS A 65 22.56 20.54 13.32
CA CYS A 65 23.45 21.73 13.48
C CYS A 65 23.13 22.84 12.47
N CYS A 66 22.48 22.47 11.39
CA CYS A 66 22.12 23.45 10.32
C CYS A 66 20.74 24.08 10.55
N ALA A 67 19.74 23.29 10.28
CA ALA A 67 18.31 23.74 10.43
C ALA A 67 17.74 23.49 11.83
N GLY A 68 18.60 23.62 12.83
CA GLY A 68 18.17 23.40 14.24
C GLY A 68 17.47 24.66 14.75
N THR A 69 18.11 25.30 15.70
CA THR A 69 17.60 26.56 16.33
C THR A 69 18.80 27.37 16.84
N LYS A 70 18.94 28.60 16.39
CA LYS A 70 20.08 29.44 16.85
C LYS A 70 19.87 29.82 18.32
N GLY A 71 20.46 29.00 19.14
CA GLY A 71 20.38 29.20 20.62
C GLY A 71 20.77 27.90 21.34
N CYS A 72 20.57 26.78 20.70
CA CYS A 72 20.94 25.47 21.34
C CYS A 72 22.15 24.88 20.66
N LYS A 73 22.98 24.30 21.49
CA LYS A 73 24.23 23.66 21.00
C LYS A 73 23.93 22.24 20.52
N TYR A 74 23.60 22.12 19.25
CA TYR A 74 23.30 20.77 18.69
C TYR A 74 24.56 19.94 18.89
N PHE A 75 24.35 18.93 19.69
CA PHE A 75 25.39 17.96 20.08
C PHE A 75 25.03 16.53 19.70
N SER A 76 26.08 15.81 19.38
CA SER A 76 25.96 14.39 18.98
C SER A 76 26.07 13.35 20.10
N ASP A 77 25.28 12.33 19.87
CA ASP A 77 25.13 11.13 20.75
C ASP A 77 26.46 10.46 21.07
N ASP A 78 27.43 10.71 20.23
CA ASP A 78 28.79 10.13 20.41
C ASP A 78 29.47 10.69 21.69
N GLY A 79 28.76 11.57 22.36
CA GLY A 79 29.27 12.21 23.59
C GLY A 79 30.15 13.40 23.23
N THR A 80 29.84 14.02 22.11
CA THR A 80 30.64 15.20 21.66
C THR A 80 29.73 16.25 21.01
N PHE A 81 30.07 17.49 21.26
CA PHE A 81 29.31 18.64 20.71
C PHE A 81 29.62 18.80 19.22
N VAL A 82 28.60 19.17 18.49
CA VAL A 82 28.73 19.37 17.01
C VAL A 82 28.77 20.88 16.76
N CYS A 83 27.63 21.53 16.78
CA CYS A 83 27.57 23.02 16.55
C CYS A 83 26.19 23.54 16.97
N GLU A 84 26.04 24.84 16.95
CA GLU A 84 24.72 25.44 17.34
C GLU A 84 23.79 25.32 16.13
N GLY A 85 22.50 25.20 16.36
CA GLY A 85 21.55 25.07 15.22
C GLY A 85 21.65 26.43 14.51
N GLU A 86 21.89 26.43 13.22
CA GLU A 86 22.00 27.72 12.48
C GLU A 86 20.70 28.18 11.85
N SER A 87 19.63 27.68 12.41
CA SER A 87 18.27 28.04 11.90
C SER A 87 17.85 29.37 12.55
N ASP A 88 18.04 30.42 11.80
CA ASP A 88 17.69 31.80 12.27
C ASP A 88 16.16 31.97 12.09
N PRO A 89 15.53 32.85 12.84
CA PRO A 89 14.17 33.36 12.50
C PRO A 89 14.00 33.61 10.99
N ARG A 90 13.22 32.74 10.38
CA ARG A 90 12.92 32.80 8.92
C ARG A 90 14.22 32.69 8.09
N ASN A 91 14.97 31.68 8.42
CA ASN A 91 16.27 31.41 7.74
C ASN A 91 16.07 30.70 6.37
N PRO A 92 16.51 31.32 5.29
CA PRO A 92 16.52 30.67 3.94
C PRO A 92 17.74 29.74 3.81
N LYS A 93 17.62 28.55 4.38
CA LYS A 93 18.73 27.55 4.32
C LYS A 93 18.26 26.16 4.73
N ALA A 94 18.83 25.17 4.08
CA ALA A 94 18.48 23.74 4.36
C ALA A 94 19.62 22.85 3.83
N CYS A 95 20.43 22.39 4.75
CA CYS A 95 21.58 21.51 4.38
C CYS A 95 21.08 20.06 4.15
N PRO A 96 21.91 19.21 3.61
CA PRO A 96 21.69 17.73 3.67
C PRO A 96 21.60 17.21 5.13
N ARG A 97 21.83 18.08 6.07
CA ARG A 97 21.77 17.73 7.51
C ARG A 97 20.33 17.68 8.04
N ASN A 98 19.37 17.81 7.15
CA ASN A 98 17.93 17.78 7.55
C ASN A 98 17.69 16.54 8.42
N CYS A 99 17.31 16.79 9.66
CA CYS A 99 17.05 15.70 10.65
C CYS A 99 18.32 14.84 10.76
N ASP A 100 19.35 15.46 11.26
CA ASP A 100 20.68 14.79 11.43
C ASP A 100 20.60 13.61 12.42
N PRO A 101 20.72 12.39 11.94
CA PRO A 101 20.55 11.18 12.80
C PRO A 101 21.73 11.07 13.78
N ARG A 102 22.87 11.47 13.31
CA ARG A 102 24.12 11.44 14.12
C ARG A 102 24.02 12.35 15.35
N ILE A 103 23.15 13.33 15.30
CA ILE A 103 23.01 14.25 16.47
C ILE A 103 22.24 13.52 17.59
N ALA A 104 22.08 14.19 18.70
CA ALA A 104 21.36 13.63 19.87
C ALA A 104 20.33 14.65 20.35
N TYR A 105 20.84 15.79 20.74
CA TYR A 105 19.96 16.90 21.24
C TYR A 105 20.61 18.24 20.88
N GLY A 106 20.15 19.26 21.57
CA GLY A 106 20.64 20.66 21.37
C GLY A 106 20.68 21.28 22.76
N ILE A 107 21.84 21.23 23.37
CA ILE A 107 21.99 21.81 24.74
C ILE A 107 22.12 23.35 24.75
N CYS A 108 21.01 24.00 25.02
CA CYS A 108 20.98 25.50 25.07
C CYS A 108 21.54 25.94 26.46
N PRO A 109 22.09 27.14 26.53
CA PRO A 109 22.65 27.68 27.80
C PRO A 109 21.53 27.86 28.84
N LEU A 110 21.67 27.18 29.94
CA LEU A 110 20.65 27.27 31.03
C LEU A 110 20.94 28.56 31.82
N ALA A 111 20.18 29.57 31.49
CA ALA A 111 20.36 30.90 32.16
C ALA A 111 19.94 30.81 33.65
N ASP A 1 -19.18 10.12 -11.40
CA ASP A 1 -18.05 10.69 -12.19
C ASP A 1 -17.34 9.57 -12.95
N ARG A 2 -16.21 9.91 -13.54
CA ARG A 2 -15.41 8.91 -14.31
C ARG A 2 -14.43 8.26 -13.32
N ILE A 3 -15.00 7.59 -12.34
CA ILE A 3 -14.20 6.90 -11.30
C ILE A 3 -13.69 5.54 -11.84
N CYS A 4 -12.73 5.64 -12.72
CA CYS A 4 -12.13 4.41 -13.32
C CYS A 4 -10.94 3.85 -12.54
N THR A 5 -11.22 3.57 -11.30
CA THR A 5 -10.19 3.00 -10.38
C THR A 5 -10.33 1.50 -10.55
N ASN A 6 -9.29 0.76 -10.25
CA ASN A 6 -9.41 -0.73 -10.42
C ASN A 6 -8.35 -1.47 -9.61
N CYS A 7 -8.40 -2.76 -9.78
CA CYS A 7 -7.44 -3.67 -9.08
C CYS A 7 -6.10 -3.57 -9.82
N CYS A 8 -6.26 -3.37 -11.10
CA CYS A 8 -5.14 -3.22 -12.08
C CYS A 8 -4.64 -1.77 -12.00
N ALA A 9 -5.56 -0.86 -12.25
CA ALA A 9 -5.25 0.60 -12.22
C ALA A 9 -4.69 1.00 -10.85
N GLY A 10 -5.01 0.22 -9.85
CA GLY A 10 -4.54 0.49 -8.46
C GLY A 10 -3.03 0.21 -8.34
N THR A 11 -2.55 0.18 -7.12
CA THR A 11 -1.11 -0.07 -6.85
C THR A 11 -0.84 -1.49 -6.32
N LYS A 12 -0.34 -2.35 -7.18
CA LYS A 12 -0.03 -3.77 -6.79
C LYS A 12 0.76 -3.81 -5.47
N GLY A 13 0.05 -4.18 -4.42
CA GLY A 13 0.66 -4.28 -3.07
C GLY A 13 -0.37 -3.98 -1.98
N CYS A 14 -1.44 -3.31 -2.35
CA CYS A 14 -2.51 -2.97 -1.35
C CYS A 14 -3.77 -3.81 -1.55
N LYS A 15 -4.43 -4.05 -0.45
CA LYS A 15 -5.69 -4.84 -0.47
C LYS A 15 -6.83 -3.92 -0.85
N TYR A 16 -7.10 -3.90 -2.14
CA TYR A 16 -8.18 -3.04 -2.69
C TYR A 16 -9.47 -3.32 -1.92
N PHE A 17 -10.06 -2.24 -1.49
CA PHE A 17 -11.32 -2.27 -0.71
C PHE A 17 -12.26 -1.11 -1.06
N SER A 18 -13.51 -1.38 -0.81
CA SER A 18 -14.63 -0.42 -1.07
C SER A 18 -15.11 0.27 0.21
N ASP A 19 -15.31 1.56 0.05
CA ASP A 19 -15.77 2.50 1.13
C ASP A 19 -17.02 2.02 1.88
N ASP A 20 -17.79 1.19 1.22
CA ASP A 20 -19.05 0.64 1.82
C ASP A 20 -18.77 -0.17 3.10
N GLY A 21 -17.51 -0.37 3.37
CA GLY A 21 -17.07 -1.13 4.58
C GLY A 21 -16.86 -2.59 4.21
N THR A 22 -16.51 -2.81 2.96
CA THR A 22 -16.27 -4.20 2.46
C THR A 22 -15.08 -4.22 1.51
N PHE A 23 -14.34 -5.28 1.60
CA PHE A 23 -13.12 -5.50 0.75
C PHE A 23 -13.52 -5.75 -0.72
N VAL A 24 -12.55 -5.68 -1.59
CA VAL A 24 -12.79 -5.89 -3.05
C VAL A 24 -11.82 -6.94 -3.64
N CYS A 25 -10.57 -6.55 -3.79
CA CYS A 25 -9.52 -7.47 -4.35
C CYS A 25 -8.15 -7.01 -3.81
N GLU A 26 -7.09 -7.54 -4.36
CA GLU A 26 -5.71 -7.14 -3.89
C GLU A 26 -4.75 -6.99 -5.08
N GLY A 27 -3.79 -6.11 -4.84
CA GLY A 27 -2.70 -5.75 -5.80
C GLY A 27 -2.55 -6.53 -7.12
N GLU A 28 -2.98 -5.94 -8.21
CA GLU A 28 -2.85 -6.65 -9.53
C GLU A 28 -1.61 -6.15 -10.31
N SER A 29 -1.50 -4.85 -10.46
CA SER A 29 -0.38 -4.21 -11.19
C SER A 29 -0.15 -2.81 -10.58
N ASP A 30 1.10 -2.44 -10.48
CA ASP A 30 1.46 -1.10 -9.90
C ASP A 30 1.81 -0.15 -11.07
N PRO A 31 1.47 1.12 -10.95
CA PRO A 31 1.94 2.18 -11.90
C PRO A 31 3.45 2.07 -12.22
N ARG A 32 4.18 1.49 -11.31
CA ARG A 32 5.65 1.31 -11.48
C ARG A 32 5.88 0.39 -12.69
N ASN A 33 5.23 -0.75 -12.66
CA ASN A 33 5.37 -1.72 -13.79
C ASN A 33 4.36 -1.36 -14.90
N PRO A 34 4.81 -1.26 -16.14
CA PRO A 34 3.91 -0.91 -17.28
C PRO A 34 2.90 -2.03 -17.50
N LYS A 35 1.66 -1.74 -17.15
CA LYS A 35 0.56 -2.75 -17.31
C LYS A 35 -0.75 -1.99 -17.45
N ALA A 36 -1.58 -2.54 -18.31
CA ALA A 36 -2.93 -1.97 -18.60
C ALA A 36 -3.85 -3.14 -18.97
N CYS A 37 -4.79 -3.39 -18.10
CA CYS A 37 -5.76 -4.51 -18.33
C CYS A 37 -6.88 -4.08 -19.29
N THR A 38 -7.90 -4.89 -19.38
CA THR A 38 -9.05 -4.61 -20.28
C THR A 38 -10.29 -4.13 -19.48
N LEU A 39 -10.08 -3.78 -18.24
CA LEU A 39 -11.20 -3.30 -17.38
C LEU A 39 -10.57 -2.52 -16.21
N ASN A 40 -9.94 -1.44 -16.56
CA ASN A 40 -9.28 -0.57 -15.55
C ASN A 40 -10.26 0.49 -14.99
N CYS A 41 -11.43 0.03 -14.66
CA CYS A 41 -12.51 0.93 -14.10
C CYS A 41 -13.32 0.14 -13.06
N ASP A 42 -13.64 0.79 -11.98
CA ASP A 42 -14.43 0.14 -10.89
C ASP A 42 -14.98 1.19 -9.91
N PRO A 43 -16.14 1.74 -10.18
CA PRO A 43 -16.84 2.67 -9.24
C PRO A 43 -16.99 2.08 -7.83
N ARG A 44 -16.82 0.79 -7.71
CA ARG A 44 -16.95 0.11 -6.39
C ARG A 44 -15.73 0.32 -5.46
N ILE A 45 -14.53 0.31 -6.00
CA ILE A 45 -13.34 0.50 -5.12
C ILE A 45 -13.18 1.97 -4.69
N ALA A 46 -12.76 2.12 -3.47
CA ALA A 46 -12.53 3.46 -2.85
C ALA A 46 -11.02 3.70 -2.79
N TYR A 47 -10.35 2.72 -2.27
CA TYR A 47 -8.86 2.75 -2.12
C TYR A 47 -8.39 1.32 -1.88
N GLY A 48 -7.18 1.19 -1.39
CA GLY A 48 -6.60 -0.16 -1.10
C GLY A 48 -5.72 -0.07 0.14
N VAL A 49 -6.04 -0.86 1.14
CA VAL A 49 -5.23 -0.85 2.39
C VAL A 49 -4.05 -1.84 2.35
N CYS A 50 -2.86 -1.28 2.26
CA CYS A 50 -1.62 -2.12 2.21
C CYS A 50 -1.26 -2.57 3.65
N PRO A 51 -0.88 -3.81 3.83
CA PRO A 51 -0.44 -4.34 5.16
C PRO A 51 0.83 -3.63 5.62
N ARG A 52 1.61 -3.23 4.64
CA ARG A 52 2.90 -2.51 4.91
C ARG A 52 2.79 -1.04 4.48
N SER A 53 1.63 -0.48 4.69
CA SER A 53 1.38 0.95 4.32
C SER A 53 2.22 1.86 5.24
N GLU A 54 3.32 2.33 4.72
CA GLU A 54 4.22 3.22 5.51
C GLU A 54 3.61 4.61 5.72
N GLU A 55 3.93 5.14 6.87
CA GLU A 55 3.47 6.48 7.31
C GLU A 55 4.72 7.34 7.62
N LYS A 56 5.81 6.64 7.79
CA LYS A 56 7.13 7.25 8.11
C LYS A 56 7.53 8.30 7.06
N LYS A 57 7.78 7.83 5.86
CA LYS A 57 8.19 8.68 4.69
C LYS A 57 9.56 9.33 4.97
N ASN A 58 10.32 9.51 3.90
CA ASN A 58 11.69 10.13 3.98
C ASN A 58 12.63 9.21 4.78
N ASP A 59 12.52 9.25 6.08
CA ASP A 59 13.36 8.42 7.01
C ASP A 59 14.87 8.72 6.89
N ARG A 60 15.60 8.21 7.86
CA ARG A 60 17.08 8.41 7.90
C ARG A 60 17.72 7.79 6.64
N ILE A 61 18.84 8.37 6.26
CA ILE A 61 19.60 7.89 5.06
C ILE A 61 20.02 6.41 5.18
N CYS A 62 19.13 5.52 4.80
CA CYS A 62 19.50 4.08 4.90
C CYS A 62 20.11 3.46 3.65
N THR A 63 20.83 4.35 3.01
CA THR A 63 21.57 4.07 1.77
C THR A 63 22.96 3.63 2.27
N ASN A 64 23.53 2.64 1.65
CA ASN A 64 24.88 2.16 2.08
C ASN A 64 25.60 1.35 1.02
N CYS A 65 26.89 1.25 1.21
CA CYS A 65 27.79 0.49 0.29
C CYS A 65 27.35 -0.97 0.11
N CYS A 66 26.61 -1.46 1.08
CA CYS A 66 26.12 -2.87 1.02
C CYS A 66 24.76 -2.93 0.31
N ALA A 67 23.74 -2.42 0.96
CA ALA A 67 22.37 -2.42 0.38
C ALA A 67 22.14 -1.13 -0.42
N GLY A 68 22.95 -0.99 -1.45
CA GLY A 68 22.88 0.21 -2.34
C GLY A 68 22.41 -0.17 -3.74
N THR A 69 23.07 0.43 -4.71
CA THR A 69 22.76 0.19 -6.15
C THR A 69 24.06 -0.18 -6.90
N LYS A 70 24.09 -1.37 -7.44
CA LYS A 70 25.27 -1.87 -8.20
C LYS A 70 25.39 -1.08 -9.51
N GLY A 71 26.05 0.03 -9.41
CA GLY A 71 26.26 0.92 -10.60
C GLY A 71 26.72 2.31 -10.16
N CYS A 72 26.29 2.74 -8.99
CA CYS A 72 26.69 4.09 -8.48
C CYS A 72 27.74 3.92 -7.37
N LYS A 73 28.79 4.69 -7.51
CA LYS A 73 29.90 4.63 -6.53
C LYS A 73 29.59 5.51 -5.33
N TYR A 74 28.90 4.92 -4.37
CA TYR A 74 28.53 5.68 -3.14
C TYR A 74 29.82 6.28 -2.61
N PHE A 75 29.73 7.56 -2.36
CA PHE A 75 30.88 8.34 -1.85
C PHE A 75 30.50 9.21 -0.66
N SER A 76 31.52 9.54 0.09
CA SER A 76 31.37 10.39 1.31
C SER A 76 31.82 11.85 1.08
N ASP A 77 31.01 12.73 1.59
CA ASP A 77 31.23 14.21 1.50
C ASP A 77 32.59 14.71 2.00
N ASP A 78 33.23 13.95 2.84
CA ASP A 78 34.57 14.33 3.38
C ASP A 78 35.61 14.42 2.25
N GLY A 79 35.19 14.01 1.07
CA GLY A 79 36.07 14.03 -0.13
C GLY A 79 36.73 12.66 -0.27
N THR A 80 36.03 11.65 0.18
CA THR A 80 36.58 10.26 0.09
C THR A 80 35.50 9.31 -0.43
N PHE A 81 35.92 8.46 -1.33
CA PHE A 81 35.01 7.45 -1.95
C PHE A 81 34.76 6.32 -0.95
N VAL A 82 33.55 5.84 -0.93
CA VAL A 82 33.16 4.74 0.01
C VAL A 82 33.25 3.45 -0.83
N CYS A 83 32.26 3.20 -1.64
CA CYS A 83 32.22 1.97 -2.50
C CYS A 83 30.96 1.97 -3.38
N GLU A 84 30.87 1.05 -4.30
CA GLU A 84 29.66 0.99 -5.19
C GLU A 84 28.59 0.15 -4.47
N GLY A 85 27.34 0.44 -4.72
CA GLY A 85 26.25 -0.34 -4.05
C GLY A 85 26.49 -1.85 -4.27
N GLU A 86 26.37 -2.63 -3.23
CA GLU A 86 26.58 -4.11 -3.35
C GLU A 86 25.20 -4.81 -3.42
N SER A 87 24.26 -4.10 -3.97
CA SER A 87 22.87 -4.62 -4.11
C SER A 87 22.29 -4.03 -5.39
N ASP A 88 21.71 -4.87 -6.21
CA ASP A 88 21.11 -4.40 -7.50
C ASP A 88 19.73 -3.78 -7.18
N PRO A 89 19.41 -2.64 -7.78
CA PRO A 89 18.15 -1.88 -7.51
C PRO A 89 16.88 -2.61 -8.02
N ARG A 90 16.57 -3.67 -7.32
CA ARG A 90 15.40 -4.56 -7.59
C ARG A 90 15.23 -5.34 -6.28
N ASN A 91 16.34 -5.91 -5.88
CA ASN A 91 16.42 -6.73 -4.63
C ASN A 91 16.82 -5.85 -3.42
N PRO A 92 15.95 -5.72 -2.45
CA PRO A 92 16.28 -5.02 -1.17
C PRO A 92 17.11 -5.94 -0.26
N LYS A 93 18.42 -5.80 -0.35
CA LYS A 93 19.32 -6.65 0.48
C LYS A 93 19.25 -6.22 1.96
N ALA A 94 19.00 -7.20 2.80
CA ALA A 94 18.90 -6.96 4.27
C ALA A 94 20.31 -7.00 4.88
N CYS A 95 21.01 -5.90 4.72
CA CYS A 95 22.39 -5.78 5.26
C CYS A 95 22.39 -5.47 6.76
N PRO A 96 23.37 -5.97 7.48
CA PRO A 96 23.68 -5.51 8.87
C PRO A 96 24.35 -4.12 8.84
N ARG A 97 24.61 -3.64 7.65
CA ARG A 97 25.26 -2.31 7.47
C ARG A 97 24.20 -1.22 7.65
N ASN A 98 23.14 -1.32 6.89
CA ASN A 98 22.02 -0.33 6.94
C ASN A 98 22.53 1.12 6.79
N CYS A 99 21.70 2.05 7.21
CA CYS A 99 22.03 3.51 7.15
C CYS A 99 23.50 3.83 7.44
N ASP A 100 24.17 4.25 6.39
CA ASP A 100 25.61 4.60 6.49
C ASP A 100 25.78 6.10 6.80
N PRO A 101 26.26 6.45 7.98
CA PRO A 101 26.44 7.88 8.37
C PRO A 101 27.50 8.55 7.47
N ARG A 102 28.33 7.72 6.89
CA ARG A 102 29.41 8.23 5.99
C ARG A 102 28.95 8.51 4.55
N ILE A 103 27.88 7.91 4.09
CA ILE A 103 27.46 8.20 2.68
C ILE A 103 26.91 9.63 2.58
N ALA A 104 27.22 10.26 1.48
CA ALA A 104 26.77 11.66 1.22
C ALA A 104 26.17 11.76 -0.19
N TYR A 105 26.86 11.14 -1.12
CA TYR A 105 26.41 11.14 -2.55
C TYR A 105 26.67 9.76 -3.17
N GLY A 106 26.63 9.74 -4.48
CA GLY A 106 26.86 8.51 -5.26
C GLY A 106 27.37 8.95 -6.64
N ILE A 107 28.64 8.71 -6.87
CA ILE A 107 29.26 9.11 -8.16
C ILE A 107 28.90 8.03 -9.20
N CYS A 108 27.73 8.20 -9.77
CA CYS A 108 27.24 7.25 -10.81
C CYS A 108 27.87 7.61 -12.17
N PRO A 109 28.08 6.63 -13.03
CA PRO A 109 28.60 6.87 -14.42
C PRO A 109 27.57 7.65 -15.25
N LEU A 110 26.34 7.59 -14.83
CA LEU A 110 25.23 8.30 -15.53
C LEU A 110 24.03 8.48 -14.59
N ALA A 111 23.10 9.30 -15.02
CA ALA A 111 21.88 9.57 -14.20
C ALA A 111 21.05 8.28 -14.01
N ASP A 1 -19.41 8.46 -13.28
CA ASP A 1 -18.65 7.98 -12.10
C ASP A 1 -17.35 8.77 -11.92
N ARG A 2 -16.76 9.11 -13.05
CA ARG A 2 -15.47 9.88 -13.13
C ARG A 2 -14.30 8.92 -12.80
N ILE A 3 -14.27 8.44 -11.59
CA ILE A 3 -13.19 7.50 -11.15
C ILE A 3 -13.11 6.26 -12.05
N CYS A 4 -11.89 5.88 -12.37
CA CYS A 4 -11.65 4.70 -13.22
C CYS A 4 -10.45 3.84 -12.80
N THR A 5 -10.54 3.40 -11.57
CA THR A 5 -9.48 2.53 -10.98
C THR A 5 -9.87 1.08 -11.27
N ASN A 6 -8.93 0.17 -11.18
CA ASN A 6 -9.23 -1.26 -11.46
C ASN A 6 -8.17 -2.20 -10.87
N CYS A 7 -8.60 -3.39 -10.54
CA CYS A 7 -7.70 -4.42 -9.96
C CYS A 7 -6.48 -4.75 -10.84
N CYS A 8 -6.77 -4.77 -12.13
CA CYS A 8 -5.74 -5.07 -13.17
C CYS A 8 -4.62 -4.03 -13.15
N ALA A 9 -5.04 -2.79 -13.20
CA ALA A 9 -4.08 -1.63 -13.19
C ALA A 9 -3.10 -1.78 -12.00
N GLY A 10 -3.57 -2.46 -10.99
CA GLY A 10 -2.77 -2.70 -9.77
C GLY A 10 -2.37 -1.46 -8.98
N THR A 11 -2.03 -1.73 -7.75
CA THR A 11 -1.59 -0.70 -6.76
C THR A 11 -0.68 -1.46 -5.79
N LYS A 12 0.30 -2.10 -6.38
CA LYS A 12 1.32 -2.90 -5.61
C LYS A 12 0.68 -3.73 -4.48
N GLY A 13 1.43 -3.86 -3.42
CA GLY A 13 0.98 -4.63 -2.22
C GLY A 13 -0.15 -3.94 -1.43
N CYS A 14 -0.95 -3.12 -2.07
CA CYS A 14 -2.06 -2.42 -1.34
C CYS A 14 -3.35 -3.10 -1.76
N LYS A 15 -4.01 -3.61 -0.75
CA LYS A 15 -5.29 -4.32 -0.94
C LYS A 15 -6.43 -3.44 -1.47
N TYR A 16 -6.71 -3.52 -2.75
CA TYR A 16 -7.82 -2.69 -3.34
C TYR A 16 -9.04 -2.88 -2.45
N PHE A 17 -9.60 -1.76 -2.05
CA PHE A 17 -10.78 -1.81 -1.15
C PHE A 17 -11.80 -0.71 -1.44
N SER A 18 -13.02 -1.03 -1.10
CA SER A 18 -14.17 -0.11 -1.29
C SER A 18 -14.56 0.64 0.00
N ASP A 19 -14.78 1.91 -0.21
CA ASP A 19 -15.18 2.88 0.85
C ASP A 19 -16.36 2.42 1.72
N ASP A 20 -17.16 1.56 1.16
CA ASP A 20 -18.36 1.02 1.88
C ASP A 20 -17.97 0.27 3.17
N GLY A 21 -16.69 0.08 3.35
CA GLY A 21 -16.15 -0.62 4.55
C GLY A 21 -15.94 -2.10 4.21
N THR A 22 -15.65 -2.36 2.96
CA THR A 22 -15.42 -3.77 2.52
C THR A 22 -14.30 -3.85 1.47
N PHE A 23 -13.54 -4.91 1.58
CA PHE A 23 -12.40 -5.18 0.66
C PHE A 23 -12.92 -5.52 -0.75
N VAL A 24 -12.02 -5.40 -1.71
CA VAL A 24 -12.37 -5.68 -3.13
C VAL A 24 -11.37 -6.70 -3.70
N CYS A 25 -10.15 -6.27 -3.92
CA CYS A 25 -9.09 -7.17 -4.48
C CYS A 25 -7.73 -6.66 -3.96
N GLU A 26 -6.67 -7.15 -4.56
CA GLU A 26 -5.29 -6.74 -4.15
C GLU A 26 -4.63 -6.14 -5.41
N GLY A 27 -3.76 -5.17 -5.27
CA GLY A 27 -3.09 -4.55 -6.46
C GLY A 27 -2.39 -5.64 -7.30
N GLU A 28 -2.93 -5.92 -8.47
CA GLU A 28 -2.31 -6.96 -9.35
C GLU A 28 -1.18 -6.44 -10.24
N SER A 29 -0.73 -5.24 -9.96
CA SER A 29 0.37 -4.64 -10.79
C SER A 29 0.85 -3.36 -10.07
N ASP A 30 1.74 -2.65 -10.70
CA ASP A 30 2.29 -1.38 -10.11
C ASP A 30 1.23 -0.27 -10.33
N PRO A 31 1.06 0.64 -9.38
CA PRO A 31 0.14 1.81 -9.54
C PRO A 31 0.43 2.59 -10.84
N ARG A 32 1.67 2.60 -11.21
CA ARG A 32 2.13 3.31 -12.44
C ARG A 32 2.64 2.28 -13.47
N ASN A 33 2.00 1.14 -13.49
CA ASN A 33 2.40 0.05 -14.43
C ASN A 33 2.16 0.44 -15.91
N PRO A 34 3.17 0.33 -16.74
CA PRO A 34 2.99 0.43 -18.22
C PRO A 34 2.40 -0.90 -18.72
N LYS A 35 1.10 -1.01 -18.58
CA LYS A 35 0.37 -2.24 -19.00
C LYS A 35 -1.06 -1.89 -19.41
N ALA A 36 -1.59 -2.72 -20.28
CA ALA A 36 -2.98 -2.55 -20.80
C ALA A 36 -3.94 -3.48 -20.06
N CYS A 37 -5.19 -3.10 -20.06
CA CYS A 37 -6.25 -3.91 -19.36
C CYS A 37 -7.60 -3.80 -20.07
N THR A 38 -8.54 -4.54 -19.54
CA THR A 38 -9.94 -4.58 -20.08
C THR A 38 -10.93 -4.44 -18.91
N LEU A 39 -10.43 -4.68 -17.72
CA LEU A 39 -11.25 -4.59 -16.47
C LEU A 39 -11.14 -3.13 -15.96
N ASN A 40 -10.84 -2.24 -16.87
CA ASN A 40 -10.71 -0.78 -16.53
C ASN A 40 -11.95 -0.20 -15.86
N CYS A 41 -11.70 0.81 -15.08
CA CYS A 41 -12.74 1.56 -14.30
C CYS A 41 -13.53 0.70 -13.30
N ASP A 42 -13.50 1.14 -12.07
CA ASP A 42 -14.21 0.42 -10.97
C ASP A 42 -14.60 1.43 -9.87
N PRO A 43 -15.72 2.11 -10.05
CA PRO A 43 -16.23 3.10 -9.06
C PRO A 43 -16.47 2.49 -7.67
N ARG A 44 -16.58 1.19 -7.61
CA ARG A 44 -16.80 0.50 -6.29
C ARG A 44 -15.59 0.76 -5.38
N ILE A 45 -14.42 0.68 -5.96
CA ILE A 45 -13.17 0.90 -5.17
C ILE A 45 -13.07 2.36 -4.75
N ALA A 46 -12.29 2.51 -3.71
CA ALA A 46 -12.01 3.84 -3.09
C ALA A 46 -10.50 4.02 -3.05
N TYR A 47 -9.85 3.02 -2.51
CA TYR A 47 -8.36 3.02 -2.38
C TYR A 47 -7.85 1.65 -1.93
N GLY A 48 -6.58 1.45 -2.17
CA GLY A 48 -5.90 0.18 -1.79
C GLY A 48 -5.19 0.36 -0.46
N VAL A 49 -5.56 -0.46 0.50
CA VAL A 49 -4.95 -0.38 1.85
C VAL A 49 -3.77 -1.36 2.04
N CYS A 50 -2.57 -0.80 2.01
CA CYS A 50 -1.34 -1.63 2.19
C CYS A 50 -1.17 -1.88 3.70
N PRO A 51 -1.27 -3.11 4.16
CA PRO A 51 -1.30 -3.43 5.62
C PRO A 51 0.00 -3.01 6.34
N ARG A 52 -0.06 -3.03 7.65
CA ARG A 52 1.12 -2.66 8.50
C ARG A 52 0.98 -3.21 9.92
N SER A 53 2.12 -3.48 10.51
CA SER A 53 2.15 -4.02 11.91
C SER A 53 1.91 -2.87 12.87
N GLU A 54 0.92 -3.05 13.73
CA GLU A 54 0.52 -2.03 14.76
C GLU A 54 -0.06 -0.78 14.05
N GLU A 55 -1.30 -0.51 14.35
CA GLU A 55 -2.00 0.67 13.74
C GLU A 55 -3.22 1.10 14.58
N LYS A 56 -3.92 0.11 15.07
CA LYS A 56 -5.13 0.34 15.91
C LYS A 56 -4.86 -0.08 17.36
N LYS A 57 -5.91 -0.25 18.14
CA LYS A 57 -5.79 -0.66 19.57
C LYS A 57 -4.93 0.39 20.29
N ASN A 58 -5.47 1.59 20.32
CA ASN A 58 -4.78 2.74 20.97
C ASN A 58 -5.79 3.51 21.84
N ASP A 59 -6.93 3.78 21.25
CA ASP A 59 -8.02 4.52 21.96
C ASP A 59 -9.18 3.58 22.32
N ARG A 60 -9.69 2.90 21.32
CA ARG A 60 -10.82 1.92 21.45
C ARG A 60 -11.71 2.12 22.71
N ILE A 61 -12.32 3.28 22.75
CA ILE A 61 -13.22 3.65 23.89
C ILE A 61 -14.41 2.69 24.00
N CYS A 62 -14.55 2.12 25.18
CA CYS A 62 -15.66 1.15 25.44
C CYS A 62 -16.51 1.54 26.66
N THR A 63 -16.85 2.81 26.68
CA THR A 63 -17.68 3.38 27.76
C THR A 63 -19.17 3.28 27.37
N ASN A 64 -20.01 3.53 28.34
CA ASN A 64 -21.51 3.48 28.14
C ASN A 64 -22.16 4.61 28.97
N CYS A 65 -23.46 4.74 28.83
CA CYS A 65 -24.20 5.80 29.58
C CYS A 65 -24.78 5.35 30.93
N CYS A 66 -25.14 4.10 31.00
CA CYS A 66 -25.72 3.53 32.26
C CYS A 66 -24.70 3.58 33.39
N ALA A 67 -23.59 2.93 33.13
CA ALA A 67 -22.48 2.88 34.13
C ALA A 67 -21.52 4.06 33.93
N GLY A 68 -22.10 5.19 33.56
CA GLY A 68 -21.30 6.43 33.33
C GLY A 68 -20.91 7.04 34.67
N THR A 69 -21.41 8.23 34.92
CA THR A 69 -21.13 8.96 36.20
C THR A 69 -22.27 9.95 36.42
N LYS A 70 -23.25 9.57 37.23
CA LYS A 70 -24.40 10.48 37.50
C LYS A 70 -23.93 11.87 37.95
N GLY A 71 -24.02 12.80 37.03
CA GLY A 71 -23.60 14.21 37.31
C GLY A 71 -23.01 14.92 36.08
N CYS A 72 -22.37 14.16 35.22
CA CYS A 72 -21.76 14.75 33.99
C CYS A 72 -22.68 14.65 32.77
N LYS A 73 -22.26 15.24 31.67
CA LYS A 73 -23.09 15.22 30.43
C LYS A 73 -22.22 14.57 29.34
N TYR A 74 -22.28 13.25 29.28
CA TYR A 74 -21.48 12.49 28.27
C TYR A 74 -21.65 13.09 26.88
N PHE A 75 -20.54 13.10 26.17
CA PHE A 75 -20.50 13.66 24.79
C PHE A 75 -19.70 12.82 23.79
N SER A 76 -19.94 13.15 22.54
CA SER A 76 -19.30 12.47 21.37
C SER A 76 -18.57 13.46 20.45
N ASP A 77 -17.35 13.09 20.14
CA ASP A 77 -16.47 13.91 19.26
C ASP A 77 -17.14 14.19 17.91
N ASP A 78 -17.63 13.12 17.35
CA ASP A 78 -18.34 13.12 16.03
C ASP A 78 -19.84 12.90 16.21
N GLY A 79 -20.36 13.30 17.33
CA GLY A 79 -21.82 13.11 17.57
C GLY A 79 -22.36 14.02 18.67
N THR A 80 -21.60 15.04 18.99
CA THR A 80 -21.95 16.04 20.04
C THR A 80 -22.54 15.40 21.31
N PHE A 81 -23.23 16.19 22.09
CA PHE A 81 -23.85 15.68 23.36
C PHE A 81 -24.50 14.30 23.15
N VAL A 82 -24.01 13.36 23.93
CA VAL A 82 -24.50 11.95 23.88
C VAL A 82 -25.62 11.71 24.90
N CYS A 83 -25.28 11.76 26.15
CA CYS A 83 -26.30 11.53 27.22
C CYS A 83 -25.82 12.15 28.54
N GLU A 84 -26.62 11.95 29.55
CA GLU A 84 -26.33 12.46 30.92
C GLU A 84 -25.83 11.23 31.69
N GLY A 85 -25.00 11.42 32.68
CA GLY A 85 -24.51 10.25 33.47
C GLY A 85 -25.68 9.59 34.18
N GLU A 86 -25.82 8.31 33.99
CA GLU A 86 -26.95 7.57 34.65
C GLU A 86 -26.42 6.57 35.69
N SER A 87 -25.15 6.70 36.01
CA SER A 87 -24.53 5.80 37.02
C SER A 87 -24.93 6.29 38.41
N ASP A 88 -26.07 5.79 38.82
CA ASP A 88 -26.68 6.12 40.14
C ASP A 88 -26.32 4.99 41.13
N PRO A 89 -25.96 5.31 42.36
CA PRO A 89 -25.59 4.28 43.37
C PRO A 89 -26.78 3.38 43.74
N ARG A 90 -27.93 4.00 43.86
CA ARG A 90 -29.18 3.26 44.20
C ARG A 90 -29.81 2.57 42.96
N ASN A 91 -29.15 2.65 41.83
CA ASN A 91 -29.69 2.01 40.58
C ASN A 91 -30.24 0.58 40.81
N PRO A 92 -31.54 0.40 40.69
CA PRO A 92 -32.20 -0.94 40.84
C PRO A 92 -32.08 -1.77 39.54
N LYS A 93 -30.91 -1.74 38.96
CA LYS A 93 -30.66 -2.49 37.69
C LYS A 93 -29.15 -2.62 37.44
N ALA A 94 -28.81 -3.66 36.73
CA ALA A 94 -27.39 -3.95 36.38
C ALA A 94 -27.11 -3.35 35.00
N CYS A 95 -26.04 -2.59 34.91
CA CYS A 95 -25.68 -1.96 33.60
C CYS A 95 -24.95 -2.92 32.65
N PRO A 96 -25.16 -2.73 31.35
CA PRO A 96 -24.29 -3.32 30.31
C PRO A 96 -22.93 -2.59 30.29
N ARG A 97 -21.90 -3.35 30.04
CA ARG A 97 -20.51 -2.78 30.00
C ARG A 97 -20.15 -2.57 28.52
N ASN A 98 -21.16 -2.28 27.75
CA ASN A 98 -21.01 -2.04 26.28
C ASN A 98 -20.05 -0.90 25.91
N CYS A 99 -19.67 -0.93 24.66
CA CYS A 99 -18.73 0.08 24.08
C CYS A 99 -19.49 1.15 23.29
N ASP A 100 -19.15 2.39 23.53
CA ASP A 100 -19.82 3.53 22.81
C ASP A 100 -18.74 4.26 21.97
N PRO A 101 -18.46 3.78 20.79
CA PRO A 101 -17.36 4.31 19.94
C PRO A 101 -17.54 5.81 19.66
N ARG A 102 -18.78 6.20 19.52
CA ARG A 102 -19.10 7.64 19.25
C ARG A 102 -18.67 8.54 20.40
N ILE A 103 -18.86 8.07 21.61
CA ILE A 103 -18.48 8.88 22.81
C ILE A 103 -17.00 9.33 22.70
N ALA A 104 -16.70 10.41 23.36
CA ALA A 104 -15.31 10.96 23.33
C ALA A 104 -14.96 11.67 24.64
N TYR A 105 -15.91 12.42 25.13
CA TYR A 105 -15.67 13.17 26.41
C TYR A 105 -16.91 13.11 27.31
N GLY A 106 -16.91 13.99 28.27
CA GLY A 106 -18.01 14.10 29.26
C GLY A 106 -18.00 15.54 29.74
N ILE A 107 -18.96 16.29 29.23
CA ILE A 107 -19.07 17.73 29.61
C ILE A 107 -19.74 17.81 30.99
N CYS A 108 -18.90 17.74 32.00
CA CYS A 108 -19.38 17.80 33.41
C CYS A 108 -19.60 19.28 33.81
N PRO A 109 -20.55 19.54 34.69
CA PRO A 109 -20.85 20.94 35.15
C PRO A 109 -19.59 21.59 35.76
N LEU A 110 -19.43 22.87 35.46
CA LEU A 110 -18.25 23.63 35.97
C LEU A 110 -18.49 24.05 37.43
N ALA A 111 -17.47 23.83 38.24
CA ALA A 111 -17.55 24.19 39.68
C ALA A 111 -17.45 25.72 39.85
N ASP A 1 -19.13 6.91 -9.70
CA ASP A 1 -19.38 7.11 -11.15
C ASP A 1 -18.16 7.79 -11.79
N ARG A 2 -17.69 8.82 -11.13
CA ARG A 2 -16.50 9.58 -11.63
C ARG A 2 -15.28 8.66 -11.59
N ILE A 3 -15.14 8.00 -10.47
CA ILE A 3 -14.01 7.05 -10.26
C ILE A 3 -14.11 5.91 -11.29
N CYS A 4 -13.01 5.59 -11.91
CA CYS A 4 -12.99 4.50 -12.93
C CYS A 4 -11.73 3.64 -12.84
N THR A 5 -11.42 3.30 -11.62
CA THR A 5 -10.23 2.46 -11.33
C THR A 5 -10.61 0.96 -11.34
N ASN A 6 -9.60 0.16 -11.14
CA ASN A 6 -9.76 -1.32 -11.11
C ASN A 6 -8.63 -1.94 -10.28
N CYS A 7 -8.50 -3.24 -10.34
CA CYS A 7 -7.44 -3.94 -9.57
C CYS A 7 -6.07 -3.91 -10.27
N CYS A 8 -6.13 -3.81 -11.57
CA CYS A 8 -4.88 -3.77 -12.40
C CYS A 8 -4.28 -2.36 -12.40
N ALA A 9 -5.04 -1.40 -12.87
CA ALA A 9 -4.55 0.02 -12.92
C ALA A 9 -4.91 0.75 -11.60
N GLY A 10 -4.31 0.27 -10.55
CA GLY A 10 -4.51 0.85 -9.19
C GLY A 10 -3.17 0.99 -8.46
N THR A 11 -3.00 0.26 -7.38
CA THR A 11 -1.73 0.32 -6.58
C THR A 11 -1.31 -1.09 -6.10
N LYS A 12 -0.23 -1.58 -6.65
CA LYS A 12 0.29 -2.94 -6.27
C LYS A 12 0.60 -3.02 -4.77
N GLY A 13 0.38 -4.20 -4.24
CA GLY A 13 0.63 -4.45 -2.79
C GLY A 13 -0.50 -3.93 -1.88
N CYS A 14 -1.35 -3.07 -2.40
CA CYS A 14 -2.46 -2.54 -1.57
C CYS A 14 -3.71 -3.40 -1.79
N LYS A 15 -4.28 -3.81 -0.70
CA LYS A 15 -5.49 -4.67 -0.75
C LYS A 15 -6.72 -3.84 -1.07
N TYR A 16 -7.03 -3.78 -2.35
CA TYR A 16 -8.21 -2.99 -2.82
C TYR A 16 -9.41 -3.30 -1.92
N PHE A 17 -10.11 -2.26 -1.60
CA PHE A 17 -11.30 -2.38 -0.71
C PHE A 17 -12.36 -1.34 -1.06
N SER A 18 -13.56 -1.75 -0.74
CA SER A 18 -14.79 -0.94 -0.97
C SER A 18 -15.41 -0.37 0.32
N ASP A 19 -15.78 0.89 0.18
CA ASP A 19 -16.41 1.71 1.28
C ASP A 19 -17.63 1.05 1.95
N ASP A 20 -18.29 0.18 1.22
CA ASP A 20 -19.50 -0.51 1.79
C ASP A 20 -19.15 -1.26 3.10
N GLY A 21 -17.87 -1.46 3.28
CA GLY A 21 -17.35 -2.17 4.47
C GLY A 21 -16.93 -3.57 4.07
N THR A 22 -16.51 -3.71 2.83
CA THR A 22 -16.08 -5.04 2.32
C THR A 22 -14.83 -4.91 1.44
N PHE A 23 -14.09 -6.00 1.40
CA PHE A 23 -12.84 -6.11 0.60
C PHE A 23 -13.17 -6.21 -0.90
N VAL A 24 -12.16 -6.03 -1.72
CA VAL A 24 -12.35 -6.10 -3.20
C VAL A 24 -11.34 -7.07 -3.83
N CYS A 25 -10.08 -6.69 -3.82
CA CYS A 25 -9.01 -7.56 -4.43
C CYS A 25 -7.63 -7.13 -3.89
N GLU A 26 -6.57 -7.67 -4.45
CA GLU A 26 -5.17 -7.32 -4.01
C GLU A 26 -4.41 -6.54 -5.10
N GLY A 27 -3.59 -5.62 -4.64
CA GLY A 27 -2.74 -4.74 -5.50
C GLY A 27 -2.11 -5.45 -6.71
N GLU A 28 -2.62 -5.15 -7.89
CA GLU A 28 -2.09 -5.78 -9.14
C GLU A 28 -1.70 -4.60 -10.07
N SER A 29 -1.07 -3.61 -9.50
CA SER A 29 -0.66 -2.42 -10.30
C SER A 29 0.84 -2.08 -10.20
N ASP A 30 1.61 -2.81 -10.96
CA ASP A 30 3.10 -2.60 -10.98
C ASP A 30 3.40 -1.51 -12.02
N PRO A 31 4.01 -0.41 -11.62
CA PRO A 31 4.38 0.67 -12.59
C PRO A 31 5.48 0.18 -13.56
N ARG A 32 6.28 -0.74 -13.06
CA ARG A 32 7.40 -1.32 -13.87
C ARG A 32 6.91 -2.38 -14.87
N ASN A 33 5.60 -2.58 -14.92
CA ASN A 33 5.03 -3.59 -15.86
C ASN A 33 5.36 -3.27 -17.33
N PRO A 34 5.85 -4.24 -18.08
CA PRO A 34 5.85 -4.21 -19.57
C PRO A 34 4.46 -4.66 -20.07
N LYS A 35 3.44 -4.10 -19.46
CA LYS A 35 2.03 -4.44 -19.83
C LYS A 35 1.17 -3.17 -19.88
N ALA A 36 -0.09 -3.36 -20.13
CA ALA A 36 -1.07 -2.23 -20.20
C ALA A 36 -2.41 -2.71 -19.62
N CYS A 37 -2.83 -2.06 -18.57
CA CYS A 37 -4.12 -2.43 -17.89
C CYS A 37 -5.36 -1.86 -18.60
N THR A 38 -6.49 -2.36 -18.17
CA THR A 38 -7.80 -1.92 -18.73
C THR A 38 -8.27 -0.65 -18.01
N LEU A 39 -9.26 -0.03 -18.59
CA LEU A 39 -9.86 1.23 -18.03
C LEU A 39 -11.21 0.97 -17.35
N ASN A 40 -11.45 -0.27 -17.01
CA ASN A 40 -12.73 -0.66 -16.34
C ASN A 40 -12.96 0.17 -15.07
N CYS A 41 -14.18 0.64 -14.93
CA CYS A 41 -14.56 1.46 -13.74
C CYS A 41 -15.07 0.57 -12.60
N ASP A 42 -14.55 0.81 -11.42
CA ASP A 42 -14.97 0.01 -10.22
C ASP A 42 -15.40 0.98 -9.09
N PRO A 43 -16.59 1.52 -9.18
CA PRO A 43 -17.06 2.61 -8.27
C PRO A 43 -17.16 2.18 -6.80
N ARG A 44 -17.37 0.92 -6.58
CA ARG A 44 -17.48 0.37 -5.20
C ARG A 44 -16.24 0.71 -4.36
N ILE A 45 -15.12 0.74 -5.05
CA ILE A 45 -13.81 1.03 -4.40
C ILE A 45 -13.83 2.32 -3.54
N ALA A 46 -12.98 2.28 -2.55
CA ALA A 46 -12.84 3.41 -1.58
C ALA A 46 -11.34 3.67 -1.42
N TYR A 47 -10.65 2.60 -1.14
CA TYR A 47 -9.17 2.64 -0.96
C TYR A 47 -8.64 1.21 -0.89
N GLY A 48 -7.35 1.10 -0.77
CA GLY A 48 -6.68 -0.22 -0.68
C GLY A 48 -5.84 -0.23 0.58
N VAL A 49 -6.11 -1.14 1.49
CA VAL A 49 -5.31 -1.18 2.75
C VAL A 49 -3.97 -1.87 2.46
N CYS A 50 -2.98 -1.01 2.30
CA CYS A 50 -1.59 -1.46 2.02
C CYS A 50 -0.94 -1.91 3.35
N PRO A 51 0.16 -2.65 3.28
CA PRO A 51 0.93 -3.05 4.50
C PRO A 51 1.14 -1.87 5.46
N ARG A 52 1.26 -0.70 4.89
CA ARG A 52 1.47 0.54 5.69
C ARG A 52 0.12 1.00 6.26
N SER A 53 -0.60 1.77 5.48
CA SER A 53 -1.95 2.30 5.89
C SER A 53 -1.91 2.96 7.28
N GLU A 54 -1.65 4.24 7.28
CA GLU A 54 -1.58 5.02 8.56
C GLU A 54 -2.97 5.56 8.91
N GLU A 55 -3.97 4.87 8.43
CA GLU A 55 -5.40 5.23 8.67
C GLU A 55 -6.05 4.02 9.36
N LYS A 56 -6.53 4.22 10.56
CA LYS A 56 -7.19 3.11 11.32
C LYS A 56 -8.49 3.56 12.01
N LYS A 57 -9.25 2.60 12.44
CA LYS A 57 -10.55 2.85 13.12
C LYS A 57 -10.43 3.31 14.60
N ASN A 58 -10.75 2.43 15.53
CA ASN A 58 -10.67 2.78 16.99
C ASN A 58 -9.25 2.82 17.54
N ASP A 59 -8.55 1.71 17.40
CA ASP A 59 -7.14 1.56 17.88
C ASP A 59 -7.07 1.61 19.42
N ARG A 60 -6.01 1.02 19.94
CA ARG A 60 -5.73 0.95 21.42
C ARG A 60 -6.98 0.64 22.28
N ILE A 61 -7.97 0.05 21.65
CA ILE A 61 -9.24 -0.31 22.32
C ILE A 61 -9.13 -1.73 22.89
N CYS A 62 -9.21 -1.85 24.18
CA CYS A 62 -9.12 -3.17 24.83
C CYS A 62 -10.07 -3.48 26.00
N THR A 63 -11.30 -3.08 25.79
CA THR A 63 -12.37 -3.31 26.81
C THR A 63 -13.00 -4.66 26.49
N ASN A 64 -13.67 -5.21 27.47
CA ASN A 64 -14.32 -6.54 27.26
C ASN A 64 -15.41 -6.83 28.29
N CYS A 65 -16.22 -7.76 27.88
CA CYS A 65 -17.38 -8.24 28.71
C CYS A 65 -16.93 -8.78 30.07
N CYS A 66 -15.66 -9.12 30.15
CA CYS A 66 -15.06 -9.66 31.40
C CYS A 66 -14.58 -8.54 32.33
N ALA A 67 -13.52 -7.91 31.88
CA ALA A 67 -12.88 -6.79 32.64
C ALA A 67 -13.85 -5.66 32.97
N GLY A 68 -14.95 -5.62 32.26
CA GLY A 68 -15.97 -4.57 32.50
C GLY A 68 -16.54 -4.63 33.92
N THR A 69 -17.11 -3.52 34.32
CA THR A 69 -17.72 -3.40 35.68
C THR A 69 -19.16 -3.93 35.63
N LYS A 70 -19.53 -4.65 36.66
CA LYS A 70 -20.92 -5.22 36.73
C LYS A 70 -21.92 -4.15 37.18
N GLY A 71 -21.65 -2.95 36.74
CA GLY A 71 -22.46 -1.74 37.04
C GLY A 71 -22.89 -1.10 35.71
N CYS A 72 -22.34 -1.60 34.62
CA CYS A 72 -22.67 -1.08 33.26
C CYS A 72 -22.85 -2.24 32.29
N LYS A 73 -23.72 -2.01 31.33
CA LYS A 73 -24.02 -3.04 30.31
C LYS A 73 -23.26 -2.68 29.04
N TYR A 74 -22.05 -3.17 28.98
CA TYR A 74 -21.18 -2.90 27.80
C TYR A 74 -21.95 -3.23 26.53
N PHE A 75 -21.84 -2.30 25.61
CA PHE A 75 -22.54 -2.42 24.31
C PHE A 75 -21.65 -2.12 23.10
N SER A 76 -22.08 -2.72 22.00
CA SER A 76 -21.40 -2.61 20.67
C SER A 76 -22.30 -1.91 19.64
N ASP A 77 -21.71 -0.93 18.99
CA ASP A 77 -22.43 -0.15 17.94
C ASP A 77 -22.79 -1.08 16.79
N ASP A 78 -21.79 -1.83 16.41
CA ASP A 78 -21.87 -2.82 15.31
C ASP A 78 -22.25 -4.21 15.84
N GLY A 79 -22.81 -4.25 17.02
CA GLY A 79 -23.20 -5.57 17.59
C GLY A 79 -24.15 -5.46 18.78
N THR A 80 -24.88 -4.37 18.83
CA THR A 80 -25.87 -4.09 19.92
C THR A 80 -25.35 -4.47 21.32
N PHE A 81 -26.24 -4.61 22.26
CA PHE A 81 -25.83 -4.97 23.65
C PHE A 81 -24.89 -6.19 23.64
N VAL A 82 -23.73 -5.97 24.19
CA VAL A 82 -22.68 -7.02 24.27
C VAL A 82 -22.96 -7.83 25.55
N CYS A 83 -22.69 -7.23 26.68
CA CYS A 83 -22.93 -7.90 28.00
C CYS A 83 -22.62 -6.94 29.15
N GLU A 84 -22.97 -7.37 30.34
CA GLU A 84 -22.71 -6.53 31.56
C GLU A 84 -21.36 -6.98 32.10
N GLY A 85 -20.60 -6.08 32.67
CA GLY A 85 -19.27 -6.47 33.22
C GLY A 85 -19.30 -7.68 34.18
N GLU A 86 -18.36 -8.58 33.99
CA GLU A 86 -18.25 -9.81 34.86
C GLU A 86 -17.15 -9.62 35.91
N SER A 87 -16.94 -8.38 36.25
CA SER A 87 -15.90 -8.04 37.26
C SER A 87 -16.22 -6.63 37.77
N ASP A 88 -15.37 -6.13 38.62
CA ASP A 88 -15.54 -4.78 39.21
C ASP A 88 -14.10 -4.21 39.36
N PRO A 89 -13.90 -2.94 39.07
CA PRO A 89 -12.54 -2.29 39.04
C PRO A 89 -11.61 -2.71 40.19
N ARG A 90 -12.20 -3.07 41.30
CA ARG A 90 -11.41 -3.50 42.49
C ARG A 90 -10.81 -4.90 42.30
N ASN A 91 -11.62 -5.87 41.94
CA ASN A 91 -11.08 -7.26 41.74
C ASN A 91 -10.62 -7.46 40.28
N PRO A 92 -9.49 -8.11 40.09
CA PRO A 92 -9.12 -8.71 38.78
C PRO A 92 -9.92 -10.01 38.54
N LYS A 93 -9.84 -10.54 37.36
CA LYS A 93 -10.57 -11.80 37.02
C LYS A 93 -9.95 -12.47 35.78
N ALA A 94 -10.14 -13.76 35.70
CA ALA A 94 -9.61 -14.58 34.57
C ALA A 94 -10.68 -14.83 33.51
N CYS A 95 -10.29 -14.75 32.26
CA CYS A 95 -11.23 -14.97 31.11
C CYS A 95 -10.45 -15.33 29.83
N PRO A 96 -11.15 -15.80 28.81
CA PRO A 96 -10.60 -16.00 27.43
C PRO A 96 -9.43 -15.09 27.05
N ARG A 97 -9.67 -13.81 26.93
CA ARG A 97 -8.58 -12.87 26.56
C ARG A 97 -8.80 -11.44 27.07
N ASN A 98 -9.65 -10.74 26.38
CA ASN A 98 -10.09 -9.31 26.60
C ASN A 98 -10.04 -8.59 25.23
N CYS A 99 -10.20 -7.29 25.29
CA CYS A 99 -10.20 -6.37 24.10
C CYS A 99 -11.35 -6.67 23.13
N ASP A 100 -12.16 -5.65 22.93
CA ASP A 100 -13.34 -5.77 22.02
C ASP A 100 -13.52 -4.47 21.19
N PRO A 101 -12.77 -4.32 20.12
CA PRO A 101 -12.95 -3.21 19.15
C PRO A 101 -14.41 -3.01 18.68
N ARG A 102 -15.17 -4.09 18.69
CA ARG A 102 -16.60 -4.03 18.26
C ARG A 102 -17.43 -3.11 19.17
N ILE A 103 -16.98 -2.99 20.40
CA ILE A 103 -17.67 -2.14 21.42
C ILE A 103 -17.92 -0.70 20.93
N ALA A 104 -18.72 0.00 21.68
CA ALA A 104 -19.09 1.41 21.37
C ALA A 104 -19.20 2.21 22.66
N TYR A 105 -20.04 1.73 23.53
CA TYR A 105 -20.26 2.41 24.85
C TYR A 105 -20.61 1.35 25.91
N GLY A 106 -21.23 1.83 26.96
CA GLY A 106 -21.65 0.98 28.10
C GLY A 106 -22.99 1.55 28.57
N ILE A 107 -24.05 0.83 28.31
CA ILE A 107 -25.41 1.29 28.72
C ILE A 107 -25.57 0.98 30.21
N CYS A 108 -25.10 1.91 31.00
CA CYS A 108 -25.17 1.79 32.48
C CYS A 108 -26.60 2.16 32.95
N PRO A 109 -27.30 1.26 33.60
CA PRO A 109 -28.71 1.49 34.03
C PRO A 109 -28.79 2.68 34.99
N LEU A 110 -29.42 3.73 34.51
CA LEU A 110 -29.57 4.97 35.34
C LEU A 110 -30.73 4.81 36.33
N ALA A 111 -31.39 3.67 36.24
CA ALA A 111 -32.55 3.35 37.14
C ALA A 111 -32.57 1.84 37.45
N ASP A 1 -18.30 7.99 -12.33
CA ASP A 1 -17.49 7.36 -11.24
C ASP A 1 -16.52 8.37 -10.63
N ARG A 2 -16.83 8.83 -9.45
CA ARG A 2 -15.94 9.81 -8.76
C ARG A 2 -14.65 9.05 -8.41
N ILE A 3 -14.87 7.81 -8.07
CA ILE A 3 -13.79 6.85 -7.69
C ILE A 3 -13.31 6.13 -8.97
N CYS A 4 -12.51 6.82 -9.74
CA CYS A 4 -11.99 6.22 -11.01
C CYS A 4 -10.71 5.38 -10.88
N THR A 5 -10.59 4.81 -9.72
CA THR A 5 -9.42 3.95 -9.40
C THR A 5 -9.83 2.51 -9.74
N ASN A 6 -8.89 1.59 -9.74
CA ASN A 6 -9.25 0.18 -10.09
C ASN A 6 -8.19 -0.83 -9.59
N CYS A 7 -8.63 -2.06 -9.53
CA CYS A 7 -7.77 -3.19 -9.08
C CYS A 7 -6.56 -3.43 -10.03
N CYS A 8 -6.69 -2.98 -11.25
CA CYS A 8 -5.60 -3.15 -12.26
C CYS A 8 -4.56 -2.03 -12.31
N ALA A 9 -5.02 -0.88 -12.78
CA ALA A 9 -4.16 0.33 -12.91
C ALA A 9 -4.12 1.12 -11.60
N GLY A 10 -3.59 0.46 -10.61
CA GLY A 10 -3.45 1.05 -9.25
C GLY A 10 -1.97 1.10 -8.85
N THR A 11 -1.63 0.34 -7.83
CA THR A 11 -0.23 0.29 -7.34
C THR A 11 -0.03 -0.90 -6.38
N LYS A 12 0.91 -1.74 -6.73
CA LYS A 12 1.21 -2.95 -5.89
C LYS A 12 1.47 -2.51 -4.44
N GLY A 13 1.02 -3.33 -3.52
CA GLY A 13 1.21 -3.04 -2.08
C GLY A 13 -0.14 -2.61 -1.48
N CYS A 14 -0.94 -1.90 -2.25
CA CYS A 14 -2.26 -1.46 -1.71
C CYS A 14 -3.35 -2.43 -2.11
N LYS A 15 -3.90 -3.03 -1.08
CA LYS A 15 -4.97 -4.03 -1.24
C LYS A 15 -6.29 -3.37 -1.66
N TYR A 16 -6.48 -3.23 -2.96
CA TYR A 16 -7.72 -2.62 -3.50
C TYR A 16 -8.90 -3.25 -2.79
N PHE A 17 -9.70 -2.35 -2.29
CA PHE A 17 -10.91 -2.72 -1.53
C PHE A 17 -12.13 -1.88 -1.91
N SER A 18 -13.26 -2.46 -1.60
CA SER A 18 -14.60 -1.85 -1.87
C SER A 18 -15.30 -1.44 -0.57
N ASP A 19 -15.74 -0.20 -0.56
CA ASP A 19 -16.44 0.38 0.63
C ASP A 19 -17.74 -0.40 0.87
N ASP A 20 -18.41 -0.62 -0.23
CA ASP A 20 -19.70 -1.35 -0.27
C ASP A 20 -19.51 -2.84 -0.57
N GLY A 21 -18.31 -3.34 -0.36
CA GLY A 21 -18.09 -4.78 -0.65
C GLY A 21 -16.74 -5.31 -0.17
N THR A 22 -16.23 -4.71 0.87
CA THR A 22 -14.92 -5.08 1.49
C THR A 22 -13.80 -5.35 0.47
N PHE A 23 -12.72 -5.93 0.94
CA PHE A 23 -11.56 -6.26 0.04
C PHE A 23 -11.96 -6.78 -1.35
N VAL A 24 -11.22 -6.31 -2.31
CA VAL A 24 -11.42 -6.67 -3.74
C VAL A 24 -10.18 -7.45 -4.22
N CYS A 25 -9.11 -6.73 -4.53
CA CYS A 25 -7.84 -7.37 -4.99
C CYS A 25 -6.69 -6.44 -4.59
N GLU A 26 -5.50 -6.68 -5.08
CA GLU A 26 -4.33 -5.79 -4.73
C GLU A 26 -3.89 -5.10 -6.02
N GLY A 27 -3.20 -3.99 -5.89
CA GLY A 27 -2.73 -3.23 -7.09
C GLY A 27 -1.92 -4.10 -8.06
N GLU A 28 -2.51 -4.38 -9.18
CA GLU A 28 -1.84 -5.22 -10.24
C GLU A 28 -0.95 -4.32 -11.12
N SER A 29 -0.63 -3.16 -10.59
CA SER A 29 0.23 -2.19 -11.33
C SER A 29 1.63 -2.18 -10.72
N ASP A 30 2.47 -3.00 -11.30
CA ASP A 30 3.89 -3.14 -10.86
C ASP A 30 4.77 -3.02 -12.13
N PRO A 31 5.92 -2.38 -12.02
CA PRO A 31 6.94 -2.39 -13.12
C PRO A 31 7.45 -3.82 -13.35
N ARG A 32 6.63 -4.56 -14.05
CA ARG A 32 6.88 -5.98 -14.41
C ARG A 32 5.68 -6.41 -15.28
N ASN A 33 4.51 -6.14 -14.74
CA ASN A 33 3.23 -6.48 -15.43
C ASN A 33 2.75 -5.31 -16.31
N PRO A 34 1.78 -5.55 -17.16
CA PRO A 34 0.94 -4.47 -17.74
C PRO A 34 0.18 -3.75 -16.61
N LYS A 35 0.32 -2.45 -16.58
CA LYS A 35 -0.35 -1.62 -15.53
C LYS A 35 -1.72 -1.09 -15.98
N ALA A 36 -2.24 -1.80 -16.93
CA ALA A 36 -3.56 -1.49 -17.55
C ALA A 36 -4.31 -2.77 -17.97
N CYS A 37 -5.61 -2.66 -17.99
CA CYS A 37 -6.51 -3.80 -18.37
C CYS A 37 -7.73 -3.19 -19.10
N THR A 38 -8.92 -3.48 -18.61
CA THR A 38 -10.17 -2.94 -19.22
C THR A 38 -11.21 -2.72 -18.09
N LEU A 39 -10.72 -2.65 -16.87
CA LEU A 39 -11.62 -2.43 -15.69
C LEU A 39 -11.98 -0.95 -15.57
N ASN A 40 -11.01 -0.10 -15.75
CA ASN A 40 -11.21 1.39 -15.67
C ASN A 40 -11.89 1.80 -14.35
N CYS A 41 -12.42 3.01 -14.31
CA CYS A 41 -13.10 3.54 -13.09
C CYS A 41 -14.04 2.47 -12.49
N ASP A 42 -13.76 2.10 -11.27
CA ASP A 42 -14.58 1.05 -10.58
C ASP A 42 -15.56 1.74 -9.60
N PRO A 43 -16.83 1.80 -9.93
CA PRO A 43 -17.81 2.65 -9.19
C PRO A 43 -18.03 2.12 -7.76
N ARG A 44 -17.95 0.82 -7.63
CA ARG A 44 -18.14 0.16 -6.31
C ARG A 44 -16.86 0.06 -5.46
N ILE A 45 -15.72 0.30 -6.04
CA ILE A 45 -14.47 0.20 -5.22
C ILE A 45 -14.40 1.42 -4.28
N ALA A 46 -13.35 1.48 -3.49
CA ALA A 46 -13.19 2.61 -2.53
C ALA A 46 -11.75 3.09 -2.44
N TYR A 47 -10.88 2.18 -2.07
CA TYR A 47 -9.44 2.52 -1.94
C TYR A 47 -8.56 1.30 -1.72
N GLY A 48 -7.30 1.51 -1.99
CA GLY A 48 -6.28 0.44 -1.85
C GLY A 48 -5.72 0.48 -0.43
N VAL A 49 -6.10 -0.50 0.34
CA VAL A 49 -5.64 -0.59 1.76
C VAL A 49 -4.19 -1.13 1.88
N CYS A 50 -3.24 -0.25 1.79
CA CYS A 50 -1.79 -0.67 1.91
C CYS A 50 -1.48 -0.85 3.42
N PRO A 51 -0.63 -1.80 3.76
CA PRO A 51 -0.39 -2.24 5.18
C PRO A 51 0.47 -1.29 6.06
N ARG A 52 0.08 -0.05 6.14
CA ARG A 52 0.83 0.95 6.98
C ARG A 52 -0.07 2.15 7.30
N SER A 53 0.39 2.99 8.20
CA SER A 53 -0.34 4.22 8.64
C SER A 53 -1.69 3.86 9.30
N GLU A 54 -2.32 4.84 9.89
CA GLU A 54 -3.63 4.62 10.57
C GLU A 54 -4.48 5.90 10.35
N GLU A 55 -4.75 6.63 11.41
CA GLU A 55 -5.56 7.89 11.38
C GLU A 55 -7.01 7.68 10.88
N LYS A 56 -7.92 8.20 11.65
CA LYS A 56 -9.38 8.09 11.32
C LYS A 56 -10.06 9.42 11.72
N LYS A 57 -11.36 9.40 11.90
CA LYS A 57 -12.13 10.63 12.28
C LYS A 57 -11.90 11.75 11.25
N ASN A 58 -12.32 12.95 11.59
CA ASN A 58 -12.13 14.11 10.66
C ASN A 58 -10.65 14.55 10.67
N ASP A 59 -9.89 13.96 11.57
CA ASP A 59 -8.44 14.29 11.71
C ASP A 59 -7.64 13.86 10.47
N ARG A 60 -7.03 14.84 9.86
CA ARG A 60 -6.20 14.64 8.64
C ARG A 60 -5.56 16.01 8.36
N ILE A 61 -6.03 16.71 7.35
CA ILE A 61 -5.46 18.04 7.00
C ILE A 61 -6.07 19.09 7.98
N CYS A 62 -5.44 19.18 9.12
CA CYS A 62 -5.91 20.14 10.16
C CYS A 62 -5.35 21.56 10.00
N THR A 63 -5.38 21.99 8.76
CA THR A 63 -4.90 23.33 8.37
C THR A 63 -6.07 24.31 8.46
N ASN A 64 -5.76 25.58 8.41
CA ASN A 64 -6.78 26.66 8.49
C ASN A 64 -6.35 27.86 7.63
N CYS A 65 -7.33 28.61 7.19
CA CYS A 65 -7.09 29.82 6.35
C CYS A 65 -6.15 30.84 6.98
N CYS A 66 -6.22 30.92 8.28
CA CYS A 66 -5.36 31.88 9.03
C CYS A 66 -3.88 31.47 8.91
N ALA A 67 -3.67 30.20 9.11
CA ALA A 67 -2.30 29.60 9.04
C ALA A 67 -1.95 29.22 7.60
N GLY A 68 -1.91 30.24 6.77
CA GLY A 68 -1.58 30.04 5.32
C GLY A 68 -0.76 31.22 4.79
N THR A 69 -0.16 30.99 3.64
CA THR A 69 0.68 32.04 2.98
C THR A 69 -0.20 33.00 2.15
N LYS A 70 -0.05 34.27 2.40
CA LYS A 70 -0.83 35.32 1.66
C LYS A 70 -0.20 35.60 0.29
N GLY A 71 0.30 34.54 -0.28
CA GLY A 71 0.97 34.55 -1.61
C GLY A 71 0.40 33.40 -2.45
N CYS A 72 -0.50 32.63 -1.87
CA CYS A 72 -1.13 31.49 -2.58
C CYS A 72 -2.60 31.40 -2.15
N LYS A 73 -3.44 31.08 -3.11
CA LYS A 73 -4.90 30.97 -2.82
C LYS A 73 -5.27 29.52 -2.45
N TYR A 74 -5.33 29.28 -1.16
CA TYR A 74 -5.68 27.94 -0.64
C TYR A 74 -6.99 27.47 -1.28
N PHE A 75 -6.93 26.24 -1.70
CA PHE A 75 -8.08 25.56 -2.36
C PHE A 75 -8.23 24.09 -1.95
N SER A 76 -9.43 23.60 -2.14
CA SER A 76 -9.76 22.19 -1.79
C SER A 76 -9.68 21.20 -2.97
N ASP A 77 -9.14 20.05 -2.61
CA ASP A 77 -8.93 18.90 -3.55
C ASP A 77 -10.12 18.57 -4.45
N ASP A 78 -11.27 18.49 -3.83
CA ASP A 78 -12.54 18.17 -4.57
C ASP A 78 -12.75 19.09 -5.77
N GLY A 79 -12.24 20.29 -5.63
CA GLY A 79 -12.36 21.31 -6.71
C GLY A 79 -13.11 22.55 -6.23
N THR A 80 -12.80 23.00 -5.04
CA THR A 80 -13.51 24.20 -4.50
C THR A 80 -12.55 25.15 -3.76
N PHE A 81 -12.33 26.30 -4.34
CA PHE A 81 -11.42 27.30 -3.72
C PHE A 81 -11.87 27.58 -2.28
N VAL A 82 -10.88 27.65 -1.41
CA VAL A 82 -11.12 27.91 0.05
C VAL A 82 -10.92 29.39 0.39
N CYS A 83 -9.67 29.81 0.42
CA CYS A 83 -9.34 31.23 0.76
C CYS A 83 -7.86 31.47 0.39
N GLU A 84 -7.34 32.62 0.75
CA GLU A 84 -5.90 32.94 0.45
C GLU A 84 -5.26 32.98 1.84
N GLY A 85 -4.02 32.55 1.95
CA GLY A 85 -3.37 32.57 3.30
C GLY A 85 -3.44 33.95 3.98
N GLU A 86 -3.67 33.95 5.27
CA GLU A 86 -3.77 35.24 6.02
C GLU A 86 -2.41 35.74 6.54
N SER A 87 -1.38 34.95 6.35
CA SER A 87 -0.01 35.34 6.82
C SER A 87 0.92 35.45 5.61
N ASP A 88 1.28 36.66 5.27
CA ASP A 88 2.18 36.87 4.09
C ASP A 88 3.62 36.58 4.55
N PRO A 89 4.42 35.95 3.71
CA PRO A 89 5.88 35.71 3.99
C PRO A 89 6.55 36.83 4.78
N ARG A 90 6.09 38.04 4.58
CA ARG A 90 6.68 39.20 5.30
C ARG A 90 6.12 39.27 6.73
N ASN A 91 4.81 39.28 6.87
CA ASN A 91 4.21 39.35 8.25
C ASN A 91 3.94 37.95 8.84
N PRO A 92 4.45 37.68 10.03
CA PRO A 92 4.01 36.51 10.84
C PRO A 92 2.64 36.80 11.46
N LYS A 93 1.87 35.77 11.68
CA LYS A 93 0.51 35.90 12.28
C LYS A 93 0.34 34.87 13.39
N ALA A 94 -0.05 35.33 14.55
CA ALA A 94 -0.25 34.43 15.73
C ALA A 94 -1.67 33.82 15.65
N CYS A 95 -1.79 32.89 14.74
CA CYS A 95 -3.11 32.19 14.53
C CYS A 95 -3.36 31.07 15.56
N PRO A 96 -4.60 30.64 15.66
CA PRO A 96 -4.94 29.31 16.25
C PRO A 96 -4.48 28.20 15.28
N ARG A 97 -5.15 27.07 15.29
CA ARG A 97 -4.77 25.95 14.40
C ARG A 97 -5.97 25.02 14.10
N ASN A 98 -7.04 25.65 13.69
CA ASN A 98 -8.29 24.88 13.36
C ASN A 98 -8.06 23.90 12.22
N CYS A 99 -8.91 22.89 12.18
CA CYS A 99 -8.80 21.85 11.12
C CYS A 99 -9.77 22.10 9.97
N ASP A 100 -9.26 22.03 8.77
CA ASP A 100 -10.10 22.26 7.54
C ASP A 100 -10.00 20.98 6.68
N PRO A 101 -10.75 19.96 7.03
CA PRO A 101 -10.70 18.64 6.32
C PRO A 101 -10.92 18.75 4.80
N ARG A 102 -11.46 19.87 4.37
CA ARG A 102 -11.74 20.08 2.92
C ARG A 102 -10.54 20.70 2.17
N ILE A 103 -9.82 21.59 2.80
CA ILE A 103 -8.63 22.25 2.14
C ILE A 103 -7.65 21.20 1.58
N ALA A 104 -6.83 21.62 0.65
CA ALA A 104 -5.84 20.66 0.05
C ALA A 104 -4.56 21.33 -0.44
N TYR A 105 -4.70 22.13 -1.47
CA TYR A 105 -3.53 22.85 -2.06
C TYR A 105 -3.66 24.37 -1.88
N GLY A 106 -2.88 25.06 -2.68
CA GLY A 106 -2.84 26.54 -2.68
C GLY A 106 -2.24 26.91 -4.03
N ILE A 107 -3.08 27.41 -4.91
CA ILE A 107 -2.58 27.80 -6.26
C ILE A 107 -1.88 29.16 -6.17
N CYS A 108 -0.57 29.09 -6.22
CA CYS A 108 0.28 30.32 -6.13
C CYS A 108 0.44 30.90 -7.57
N PRO A 109 0.79 32.16 -7.69
CA PRO A 109 1.10 32.78 -9.01
C PRO A 109 2.25 32.04 -9.68
N LEU A 110 3.19 31.62 -8.86
CA LEU A 110 4.38 30.87 -9.37
C LEU A 110 4.05 29.40 -9.64
N ALA A 111 2.94 28.96 -9.09
CA ALA A 111 2.49 27.55 -9.27
C ALA A 111 1.57 27.44 -10.50
N ASP A 1 -18.40 6.66 -8.48
CA ASP A 1 -18.66 7.69 -9.51
C ASP A 1 -18.24 7.14 -10.89
N ARG A 2 -17.88 8.02 -11.79
CA ARG A 2 -17.46 7.60 -13.16
C ARG A 2 -16.07 6.92 -13.16
N ILE A 3 -15.53 6.73 -11.97
CA ILE A 3 -14.19 6.09 -11.82
C ILE A 3 -14.19 4.66 -12.40
N CYS A 4 -13.72 4.57 -13.62
CA CYS A 4 -13.66 3.25 -14.32
C CYS A 4 -12.30 2.56 -14.13
N THR A 5 -11.89 2.54 -12.89
CA THR A 5 -10.59 1.91 -12.53
C THR A 5 -10.85 0.43 -12.21
N ASN A 6 -9.80 -0.29 -11.93
CA ASN A 6 -9.93 -1.74 -11.59
C ASN A 6 -8.71 -2.27 -10.83
N CYS A 7 -8.87 -3.45 -10.31
CA CYS A 7 -7.80 -4.14 -9.52
C CYS A 7 -6.49 -4.23 -10.31
N CYS A 8 -6.66 -4.56 -11.57
CA CYS A 8 -5.53 -4.70 -12.53
C CYS A 8 -4.67 -3.44 -12.51
N ALA A 9 -5.38 -2.34 -12.52
CA ALA A 9 -4.76 -0.98 -12.50
C ALA A 9 -4.55 -0.50 -11.05
N GLY A 10 -4.36 -1.43 -10.15
CA GLY A 10 -4.15 -1.10 -8.71
C GLY A 10 -2.68 -0.76 -8.44
N THR A 11 -2.17 -1.25 -7.34
CA THR A 11 -0.75 -1.01 -6.92
C THR A 11 -0.31 -2.12 -5.94
N LYS A 12 0.48 -3.05 -6.43
CA LYS A 12 0.97 -4.17 -5.55
C LYS A 12 1.62 -3.65 -4.26
N GLY A 13 0.81 -3.59 -3.24
CA GLY A 13 1.27 -3.11 -1.91
C GLY A 13 0.07 -2.87 -0.99
N CYS A 14 -1.03 -2.41 -1.54
CA CYS A 14 -2.24 -2.15 -0.69
C CYS A 14 -3.37 -3.11 -1.00
N LYS A 15 -4.27 -3.20 -0.05
CA LYS A 15 -5.44 -4.10 -0.19
C LYS A 15 -6.65 -3.26 -0.59
N TYR A 16 -6.85 -3.18 -1.89
CA TYR A 16 -7.99 -2.40 -2.46
C TYR A 16 -9.29 -2.73 -1.74
N PHE A 17 -10.01 -1.67 -1.47
CA PHE A 17 -11.31 -1.77 -0.75
C PHE A 17 -12.33 -0.73 -1.23
N SER A 18 -13.56 -1.06 -0.93
CA SER A 18 -14.74 -0.21 -1.29
C SER A 18 -15.48 0.40 -0.09
N ASP A 19 -15.76 1.67 -0.27
CA ASP A 19 -16.48 2.55 0.73
C ASP A 19 -17.79 1.96 1.27
N ASP A 20 -18.40 1.12 0.48
CA ASP A 20 -19.69 0.49 0.89
C ASP A 20 -19.52 -0.43 2.12
N GLY A 21 -18.30 -0.54 2.57
CA GLY A 21 -17.98 -1.39 3.75
C GLY A 21 -17.65 -2.80 3.30
N THR A 22 -17.13 -2.91 2.10
CA THR A 22 -16.78 -4.24 1.53
C THR A 22 -15.41 -4.15 0.87
N PHE A 23 -14.74 -5.27 0.88
CA PHE A 23 -13.38 -5.39 0.28
C PHE A 23 -13.47 -5.50 -1.25
N VAL A 24 -12.38 -5.19 -1.90
CA VAL A 24 -12.30 -5.25 -3.39
C VAL A 24 -11.26 -6.29 -3.80
N CYS A 25 -10.01 -5.95 -3.64
CA CYS A 25 -8.89 -6.89 -4.00
C CYS A 25 -7.59 -6.32 -3.41
N GLU A 26 -6.50 -6.80 -3.96
CA GLU A 26 -5.13 -6.35 -3.53
C GLU A 26 -4.43 -5.96 -4.84
N GLY A 27 -3.59 -4.95 -4.77
CA GLY A 27 -2.84 -4.43 -5.96
C GLY A 27 -2.46 -5.48 -7.01
N GLU A 28 -3.21 -5.50 -8.09
CA GLU A 28 -2.96 -6.46 -9.21
C GLU A 28 -2.26 -5.68 -10.35
N SER A 29 -1.48 -4.72 -9.93
CA SER A 29 -0.70 -3.85 -10.88
C SER A 29 0.78 -3.98 -10.53
N ASP A 30 1.61 -3.86 -11.53
CA ASP A 30 3.09 -3.97 -11.33
C ASP A 30 3.82 -2.76 -11.96
N PRO A 31 4.05 -1.73 -11.16
CA PRO A 31 4.78 -0.51 -11.62
C PRO A 31 6.13 -0.81 -12.28
N ARG A 32 6.61 -2.02 -12.07
CA ARG A 32 7.93 -2.42 -12.67
C ARG A 32 7.80 -2.34 -14.20
N ASN A 33 6.78 -2.97 -14.71
CA ASN A 33 6.55 -2.96 -16.18
C ASN A 33 5.63 -1.77 -16.57
N PRO A 34 5.94 -1.09 -17.65
CA PRO A 34 5.10 0.01 -18.20
C PRO A 34 3.83 -0.56 -18.86
N LYS A 35 2.70 -0.22 -18.31
CA LYS A 35 1.38 -0.69 -18.85
C LYS A 35 0.21 0.06 -18.25
N ALA A 36 -0.97 -0.26 -18.75
CA ALA A 36 -2.23 0.39 -18.27
C ALA A 36 -3.41 -0.51 -18.64
N CYS A 37 -4.16 -0.90 -17.64
CA CYS A 37 -5.35 -1.78 -17.86
C CYS A 37 -6.51 -0.90 -18.34
N THR A 38 -7.03 -0.12 -17.43
CA THR A 38 -8.18 0.82 -17.67
C THR A 38 -9.20 0.28 -18.69
N LEU A 39 -9.92 -0.73 -18.27
CA LEU A 39 -10.95 -1.35 -19.16
C LEU A 39 -12.15 -1.77 -18.29
N ASN A 40 -11.88 -2.23 -17.09
CA ASN A 40 -12.97 -2.66 -16.16
C ASN A 40 -13.28 -1.44 -15.28
N CYS A 41 -14.54 -1.19 -15.03
CA CYS A 41 -14.93 -0.02 -14.19
C CYS A 41 -15.28 -0.42 -12.75
N ASP A 42 -14.70 0.30 -11.81
CA ASP A 42 -14.95 0.02 -10.36
C ASP A 42 -15.49 1.30 -9.68
N PRO A 43 -16.76 1.60 -9.92
CA PRO A 43 -17.42 2.85 -9.41
C PRO A 43 -17.46 2.88 -7.87
N ARG A 44 -17.69 1.72 -7.32
CA ARG A 44 -17.77 1.57 -5.83
C ARG A 44 -16.43 1.63 -5.09
N ILE A 45 -15.34 1.64 -5.82
CA ILE A 45 -13.99 1.71 -5.16
C ILE A 45 -13.85 2.92 -4.23
N ALA A 46 -12.95 2.82 -3.27
CA ALA A 46 -12.71 3.92 -2.30
C ALA A 46 -11.21 4.11 -2.08
N TYR A 47 -10.61 3.13 -1.47
CA TYR A 47 -9.15 3.16 -1.17
C TYR A 47 -8.64 1.75 -0.90
N GLY A 48 -7.34 1.66 -0.89
CA GLY A 48 -6.67 0.34 -0.64
C GLY A 48 -5.88 0.40 0.66
N VAL A 49 -6.35 -0.32 1.64
CA VAL A 49 -5.64 -0.33 2.96
C VAL A 49 -4.41 -1.26 2.95
N CYS A 50 -3.24 -0.64 3.02
CA CYS A 50 -1.96 -1.41 3.02
C CYS A 50 -1.72 -1.97 4.44
N PRO A 51 -1.06 -3.11 4.53
CA PRO A 51 -0.95 -3.88 5.82
C PRO A 51 -0.23 -3.07 6.92
N ARG A 52 1.05 -2.86 6.71
CA ARG A 52 1.86 -2.09 7.70
C ARG A 52 3.09 -1.46 7.01
N SER A 53 4.29 -1.86 7.37
CA SER A 53 5.55 -1.30 6.78
C SER A 53 5.60 0.22 6.99
N GLU A 54 5.30 0.59 8.21
CA GLU A 54 5.29 2.03 8.62
C GLU A 54 5.81 2.14 10.07
N GLU A 55 5.50 1.14 10.85
CA GLU A 55 5.93 1.09 12.29
C GLU A 55 5.55 2.37 13.06
N LYS A 56 4.41 2.90 12.71
CA LYS A 56 3.88 4.15 13.35
C LYS A 56 3.84 3.96 14.88
N LYS A 57 2.92 3.13 15.30
CA LYS A 57 2.76 2.84 16.75
C LYS A 57 3.67 1.64 17.05
N ASN A 58 4.86 1.97 17.48
CA ASN A 58 5.92 0.97 17.83
C ASN A 58 6.38 0.19 16.58
N ASP A 59 7.46 -0.53 16.73
CA ASP A 59 8.03 -1.32 15.60
C ASP A 59 7.09 -2.46 15.17
N ARG A 60 7.38 -3.01 14.01
CA ARG A 60 6.55 -4.12 13.46
C ARG A 60 6.47 -5.29 14.45
N ILE A 61 5.26 -5.65 14.78
CA ILE A 61 5.00 -6.76 15.73
C ILE A 61 4.88 -8.06 14.91
N CYS A 62 5.82 -8.96 15.10
CA CYS A 62 5.81 -10.24 14.38
C CYS A 62 6.21 -11.41 15.28
N THR A 63 5.52 -11.46 16.38
CA THR A 63 5.71 -12.48 17.44
C THR A 63 4.77 -13.68 17.13
N ASN A 64 5.00 -14.76 17.83
CA ASN A 64 4.18 -16.00 17.65
C ASN A 64 4.17 -16.82 18.95
N CYS A 65 3.44 -17.91 18.94
CA CYS A 65 3.36 -18.77 20.17
C CYS A 65 4.66 -19.58 20.42
N CYS A 66 5.61 -19.37 19.56
CA CYS A 66 6.94 -20.05 19.64
C CYS A 66 7.93 -19.21 20.45
N ALA A 67 7.77 -17.93 20.26
CA ALA A 67 8.60 -16.85 20.90
C ALA A 67 8.31 -16.67 22.41
N GLY A 68 8.53 -17.74 23.11
CA GLY A 68 8.34 -17.81 24.58
C GLY A 68 8.84 -19.19 25.06
N THR A 69 8.23 -19.68 26.11
CA THR A 69 8.64 -21.02 26.66
C THR A 69 7.44 -21.75 27.25
N LYS A 70 7.57 -23.07 27.34
CA LYS A 70 6.50 -23.98 27.89
C LYS A 70 6.33 -23.86 29.42
N GLY A 71 6.54 -22.66 29.89
CA GLY A 71 6.42 -22.31 31.32
C GLY A 71 5.70 -20.96 31.43
N CYS A 72 5.08 -20.55 30.35
CA CYS A 72 4.34 -19.25 30.34
C CYS A 72 3.04 -19.38 29.54
N LYS A 73 2.25 -18.32 29.54
CA LYS A 73 0.95 -18.33 28.81
C LYS A 73 0.83 -17.07 27.95
N TYR A 74 0.96 -17.21 26.66
CA TYR A 74 0.84 -16.03 25.74
C TYR A 74 -0.51 -15.33 25.96
N PHE A 75 -0.45 -14.03 25.99
CA PHE A 75 -1.67 -13.19 26.20
C PHE A 75 -1.65 -11.90 25.36
N SER A 76 -2.83 -11.35 25.24
CA SER A 76 -3.03 -10.09 24.46
C SER A 76 -3.62 -8.91 25.26
N ASP A 77 -3.03 -7.79 24.94
CA ASP A 77 -3.34 -6.44 25.52
C ASP A 77 -4.83 -6.10 25.55
N ASP A 78 -5.54 -6.67 24.61
CA ASP A 78 -7.02 -6.45 24.49
C ASP A 78 -7.77 -6.91 25.75
N GLY A 79 -7.04 -7.52 26.65
CA GLY A 79 -7.62 -8.04 27.93
C GLY A 79 -8.10 -9.47 27.72
N THR A 80 -7.44 -10.17 26.82
CA THR A 80 -7.82 -11.58 26.53
C THR A 80 -6.57 -12.44 26.28
N PHE A 81 -6.71 -13.68 26.62
CA PHE A 81 -5.63 -14.71 26.46
C PHE A 81 -5.37 -14.98 24.96
N VAL A 82 -4.25 -15.61 24.69
CA VAL A 82 -3.87 -15.94 23.29
C VAL A 82 -3.56 -17.44 23.12
N CYS A 83 -2.45 -17.86 23.68
CA CYS A 83 -2.06 -19.31 23.58
C CYS A 83 -1.14 -19.63 24.77
N GLU A 84 -0.57 -20.81 24.77
CA GLU A 84 0.34 -21.24 25.88
C GLU A 84 1.76 -21.46 25.31
N GLY A 85 2.73 -21.53 26.18
CA GLY A 85 4.14 -21.76 25.76
C GLY A 85 4.25 -22.94 24.79
N GLU A 86 4.50 -22.69 23.53
CA GLU A 86 4.61 -23.80 22.54
C GLU A 86 6.07 -23.97 22.08
N SER A 87 6.97 -23.73 23.01
CA SER A 87 8.43 -23.85 22.72
C SER A 87 9.11 -24.37 23.99
N ASP A 88 9.74 -25.51 23.91
CA ASP A 88 10.43 -26.08 25.11
C ASP A 88 11.81 -25.41 25.30
N PRO A 89 12.09 -24.89 26.48
CA PRO A 89 13.37 -24.17 26.76
C PRO A 89 14.61 -25.04 26.50
N ARG A 90 14.42 -26.34 26.44
CA ARG A 90 15.55 -27.28 26.19
C ARG A 90 16.24 -26.97 24.86
N ASN A 91 15.43 -26.69 23.86
CA ASN A 91 15.95 -26.36 22.50
C ASN A 91 16.20 -24.85 22.33
N PRO A 92 17.44 -24.45 22.09
CA PRO A 92 17.78 -23.08 21.61
C PRO A 92 17.60 -22.97 20.09
N LYS A 93 16.53 -23.57 19.62
CA LYS A 93 16.21 -23.58 18.16
C LYS A 93 15.72 -22.20 17.68
N ALA A 94 15.50 -22.12 16.38
CA ALA A 94 15.03 -20.85 15.75
C ALA A 94 13.54 -20.97 15.44
N CYS A 95 12.78 -20.01 15.89
CA CYS A 95 11.31 -20.01 15.65
C CYS A 95 10.97 -19.49 14.24
N PRO A 96 9.75 -19.74 13.79
CA PRO A 96 9.22 -19.12 12.55
C PRO A 96 8.99 -17.61 12.76
N ARG A 97 9.02 -16.91 11.66
CA ARG A 97 8.82 -15.42 11.69
C ARG A 97 7.33 -15.06 11.71
N ASN A 98 6.52 -16.04 12.04
CA ASN A 98 5.03 -15.83 12.11
C ASN A 98 4.71 -14.56 12.92
N CYS A 99 3.87 -13.74 12.35
CA CYS A 99 3.49 -12.45 13.01
C CYS A 99 2.14 -12.51 13.75
N ASP A 100 2.13 -12.02 14.97
CA ASP A 100 0.89 -12.00 15.80
C ASP A 100 0.64 -10.60 16.39
N PRO A 101 0.16 -9.69 15.57
CA PRO A 101 -0.20 -8.31 16.02
C PRO A 101 -1.30 -8.33 17.12
N ARG A 102 -1.92 -9.46 17.26
CA ARG A 102 -3.01 -9.62 18.28
C ARG A 102 -2.46 -10.10 19.63
N ILE A 103 -1.17 -9.93 19.84
CA ILE A 103 -0.53 -10.36 21.14
C ILE A 103 0.03 -9.14 21.89
N ALA A 104 0.53 -9.39 23.08
CA ALA A 104 1.13 -8.32 23.94
C ALA A 104 2.29 -8.90 24.75
N TYR A 105 1.97 -9.84 25.60
CA TYR A 105 3.01 -10.49 26.46
C TYR A 105 2.51 -11.83 26.99
N GLY A 106 3.46 -12.59 27.46
CA GLY A 106 3.15 -13.95 28.03
C GLY A 106 3.07 -13.92 29.55
N ILE A 107 1.87 -14.14 30.05
CA ILE A 107 1.64 -14.16 31.52
C ILE A 107 2.12 -15.52 32.02
N CYS A 108 3.26 -15.50 32.68
CA CYS A 108 3.83 -16.77 33.22
C CYS A 108 3.28 -16.97 34.65
N PRO A 109 2.96 -18.19 35.03
CA PRO A 109 2.32 -18.47 36.35
C PRO A 109 3.38 -18.25 37.46
N LEU A 110 3.44 -17.02 37.91
CA LEU A 110 4.40 -16.62 38.98
C LEU A 110 3.91 -15.31 39.58
N ALA A 111 3.64 -14.36 38.71
CA ALA A 111 3.14 -13.02 39.16
C ALA A 111 1.73 -13.13 39.78
N ASP A 1 -12.60 11.86 -13.49
CA ASP A 1 -13.92 11.79 -12.82
C ASP A 1 -14.19 10.35 -12.36
N ARG A 2 -14.83 10.25 -11.21
CA ARG A 2 -15.18 8.92 -10.59
C ARG A 2 -13.96 8.08 -10.21
N ILE A 3 -14.15 7.26 -9.21
CA ILE A 3 -13.06 6.37 -8.71
C ILE A 3 -12.65 5.38 -9.82
N CYS A 4 -11.62 5.75 -10.55
CA CYS A 4 -11.13 4.89 -11.66
C CYS A 4 -10.07 3.85 -11.31
N THR A 5 -10.24 3.31 -10.14
CA THR A 5 -9.30 2.26 -9.63
C THR A 5 -9.83 0.89 -10.02
N ASN A 6 -8.98 -0.09 -9.89
CA ASN A 6 -9.37 -1.49 -10.23
C ASN A 6 -8.43 -2.51 -9.60
N CYS A 7 -9.02 -3.60 -9.18
CA CYS A 7 -8.26 -4.73 -8.53
C CYS A 7 -7.22 -5.35 -9.46
N CYS A 8 -7.37 -5.12 -10.74
CA CYS A 8 -6.42 -5.69 -11.74
C CYS A 8 -5.22 -4.78 -12.03
N ALA A 9 -5.49 -3.68 -12.68
CA ALA A 9 -4.40 -2.71 -13.03
C ALA A 9 -3.92 -1.88 -11.84
N GLY A 10 -4.49 -2.13 -10.68
CA GLY A 10 -4.09 -1.37 -9.46
C GLY A 10 -2.65 -1.73 -9.06
N THR A 11 -2.09 -0.92 -8.20
CA THR A 11 -0.70 -1.16 -7.72
C THR A 11 -0.66 -2.36 -6.77
N LYS A 12 0.19 -3.30 -7.11
CA LYS A 12 0.36 -4.53 -6.29
C LYS A 12 1.09 -4.16 -4.99
N GLY A 13 0.29 -3.78 -4.03
CA GLY A 13 0.81 -3.38 -2.69
C GLY A 13 -0.33 -2.78 -1.89
N CYS A 14 -1.23 -2.09 -2.57
CA CYS A 14 -2.39 -1.47 -1.87
C CYS A 14 -3.62 -2.35 -2.10
N LYS A 15 -4.30 -2.58 -1.02
CA LYS A 15 -5.53 -3.43 -1.04
C LYS A 15 -6.78 -2.69 -1.50
N TYR A 16 -7.01 -2.70 -2.79
CA TYR A 16 -8.22 -2.02 -3.35
C TYR A 16 -9.42 -2.59 -2.59
N PHE A 17 -10.16 -1.68 -2.04
CA PHE A 17 -11.36 -2.01 -1.24
C PHE A 17 -12.58 -1.18 -1.63
N SER A 18 -13.69 -1.83 -1.51
CA SER A 18 -15.03 -1.24 -1.84
C SER A 18 -15.67 -0.41 -0.71
N ASP A 19 -16.25 0.67 -1.16
CA ASP A 19 -16.95 1.68 -0.31
C ASP A 19 -18.01 1.11 0.62
N ASP A 20 -18.64 0.03 0.19
CA ASP A 20 -19.71 -0.62 1.02
C ASP A 20 -19.19 -0.99 2.42
N GLY A 21 -17.89 -1.08 2.51
CA GLY A 21 -17.21 -1.42 3.80
C GLY A 21 -16.64 -2.84 3.68
N THR A 22 -16.23 -3.20 2.48
CA THR A 22 -15.67 -4.56 2.24
C THR A 22 -14.44 -4.48 1.33
N PHE A 23 -13.52 -5.39 1.58
CA PHE A 23 -12.26 -5.47 0.79
C PHE A 23 -12.51 -6.20 -0.53
N VAL A 24 -11.88 -5.71 -1.57
CA VAL A 24 -12.00 -6.30 -2.93
C VAL A 24 -10.74 -7.15 -3.15
N CYS A 25 -9.64 -6.52 -3.46
CA CYS A 25 -8.35 -7.27 -3.69
C CYS A 25 -7.19 -6.28 -3.84
N GLU A 26 -5.98 -6.79 -3.80
CA GLU A 26 -4.78 -5.90 -3.96
C GLU A 26 -4.48 -5.77 -5.44
N GLY A 27 -3.83 -4.69 -5.82
CA GLY A 27 -3.50 -4.47 -7.27
C GLY A 27 -2.86 -5.74 -7.89
N GLU A 28 -3.36 -6.13 -9.04
CA GLU A 28 -2.82 -7.35 -9.73
C GLU A 28 -1.90 -6.87 -10.86
N SER A 29 -1.24 -5.76 -10.62
CA SER A 29 -0.30 -5.18 -11.61
C SER A 29 0.80 -4.44 -10.85
N ASP A 30 2.02 -4.62 -11.30
CA ASP A 30 3.17 -3.95 -10.62
C ASP A 30 3.24 -2.48 -11.08
N PRO A 31 3.42 -1.55 -10.16
CA PRO A 31 3.46 -0.09 -10.49
C PRO A 31 4.53 0.26 -11.54
N ARG A 32 5.42 -0.66 -11.77
CA ARG A 32 6.52 -0.45 -12.76
C ARG A 32 5.99 -0.38 -14.21
N ASN A 33 5.08 -1.26 -14.54
CA ASN A 33 4.52 -1.27 -15.93
C ASN A 33 3.55 -0.08 -16.17
N PRO A 34 3.77 0.67 -17.22
CA PRO A 34 2.80 1.69 -17.73
C PRO A 34 1.71 1.06 -18.61
N LYS A 35 0.67 0.56 -17.97
CA LYS A 35 -0.45 -0.08 -18.73
C LYS A 35 -1.72 -0.23 -17.86
N ALA A 36 -2.81 -0.52 -18.53
CA ALA A 36 -4.12 -0.71 -17.85
C ALA A 36 -4.77 -2.02 -18.30
N CYS A 37 -5.68 -2.50 -17.48
CA CYS A 37 -6.39 -3.78 -17.76
C CYS A 37 -7.66 -3.51 -18.59
N THR A 38 -8.38 -4.58 -18.86
CA THR A 38 -9.64 -4.50 -19.66
C THR A 38 -10.81 -4.05 -18.79
N LEU A 39 -10.54 -3.87 -17.52
CA LEU A 39 -11.59 -3.43 -16.55
C LEU A 39 -11.80 -1.92 -16.70
N ASN A 40 -10.72 -1.19 -16.51
CA ASN A 40 -10.71 0.30 -16.62
C ASN A 40 -11.79 0.97 -15.74
N CYS A 41 -11.32 1.51 -14.63
CA CYS A 41 -12.18 2.20 -13.62
C CYS A 41 -13.20 1.28 -12.95
N ASP A 42 -13.32 1.39 -11.64
CA ASP A 42 -14.28 0.51 -10.89
C ASP A 42 -15.07 1.33 -9.85
N PRO A 43 -16.31 1.67 -10.16
CA PRO A 43 -17.23 2.35 -9.20
C PRO A 43 -17.41 1.54 -7.91
N ARG A 44 -17.30 0.23 -8.04
CA ARG A 44 -17.46 -0.67 -6.86
C ARG A 44 -16.35 -0.36 -5.84
N ILE A 45 -15.16 -0.11 -6.33
CA ILE A 45 -14.03 0.21 -5.41
C ILE A 45 -14.16 1.65 -4.91
N ALA A 46 -13.45 1.87 -3.83
CA ALA A 46 -13.42 3.20 -3.15
C ALA A 46 -11.96 3.68 -3.08
N TYR A 47 -11.13 2.83 -2.53
CA TYR A 47 -9.68 3.15 -2.38
C TYR A 47 -8.89 1.93 -1.91
N GLY A 48 -7.62 2.01 -2.16
CA GLY A 48 -6.68 0.91 -1.78
C GLY A 48 -6.07 1.16 -0.41
N VAL A 49 -6.45 0.33 0.54
CA VAL A 49 -5.92 0.48 1.92
C VAL A 49 -4.53 -0.15 1.88
N CYS A 50 -3.55 0.71 1.73
CA CYS A 50 -2.13 0.27 1.67
C CYS A 50 -1.65 0.00 3.12
N PRO A 51 -1.21 -1.21 3.41
CA PRO A 51 -1.03 -1.69 4.81
C PRO A 51 0.03 -0.87 5.60
N ARG A 52 -0.37 -0.43 6.77
CA ARG A 52 0.53 0.36 7.65
C ARG A 52 1.30 -0.69 8.46
N SER A 53 2.26 -1.30 7.79
CA SER A 53 3.11 -2.34 8.43
C SER A 53 4.49 -1.79 8.78
N GLU A 54 5.04 -1.06 7.83
CA GLU A 54 6.37 -0.42 7.97
C GLU A 54 6.51 0.41 9.27
N GLU A 55 5.38 0.81 9.79
CA GLU A 55 5.32 1.63 11.05
C GLU A 55 6.27 2.84 10.94
N LYS A 56 6.07 3.57 9.87
CA LYS A 56 6.90 4.78 9.58
C LYS A 56 6.36 6.05 10.26
N LYS A 57 7.14 6.56 11.17
CA LYS A 57 6.76 7.80 11.92
C LYS A 57 7.14 9.02 11.09
N ASN A 58 6.64 10.16 11.48
CA ASN A 58 6.93 11.43 10.75
C ASN A 58 8.19 12.06 11.38
N ASP A 59 9.19 11.23 11.53
CA ASP A 59 10.51 11.64 12.12
C ASP A 59 10.37 12.17 13.55
N ARG A 60 9.18 12.00 14.11
CA ARG A 60 8.87 12.47 15.49
C ARG A 60 7.98 11.43 16.17
N ILE A 61 8.19 11.25 17.45
CA ILE A 61 7.41 10.26 18.24
C ILE A 61 6.08 10.91 18.72
N CYS A 62 5.25 11.21 17.75
CA CYS A 62 3.94 11.84 18.07
C CYS A 62 2.83 10.81 18.28
N THR A 63 3.28 9.76 18.89
CA THR A 63 2.44 8.59 19.24
C THR A 63 1.93 8.90 20.65
N ASN A 64 0.64 8.72 20.91
CA ASN A 64 0.13 9.02 22.28
C ASN A 64 -1.13 8.23 22.67
N CYS A 65 -1.28 8.07 23.95
CA CYS A 65 -2.43 7.34 24.57
C CYS A 65 -3.79 8.02 24.39
N CYS A 66 -3.78 9.32 24.18
CA CYS A 66 -5.07 10.07 24.01
C CYS A 66 -5.55 10.13 22.55
N ALA A 67 -4.81 10.87 21.75
CA ALA A 67 -5.19 11.01 20.30
C ALA A 67 -4.93 9.73 19.52
N GLY A 68 -4.40 8.74 20.21
CA GLY A 68 -4.10 7.42 19.56
C GLY A 68 -5.38 6.70 19.12
N THR A 69 -5.20 5.69 18.31
CA THR A 69 -6.36 4.89 17.79
C THR A 69 -6.89 3.91 18.86
N LYS A 70 -8.19 3.98 19.04
CA LYS A 70 -8.89 3.10 20.03
C LYS A 70 -8.93 1.64 19.54
N GLY A 71 -7.82 0.99 19.77
CA GLY A 71 -7.66 -0.44 19.36
C GLY A 71 -6.21 -0.86 19.65
N CYS A 72 -5.30 0.06 19.45
CA CYS A 72 -3.86 -0.27 19.70
C CYS A 72 -3.51 0.18 21.10
N LYS A 73 -2.91 -0.75 21.79
CA LYS A 73 -2.49 -0.51 23.20
C LYS A 73 -1.23 0.35 23.25
N TYR A 74 -1.42 1.66 23.22
CA TYR A 74 -0.25 2.61 23.29
C TYR A 74 0.60 2.20 24.48
N PHE A 75 1.82 1.91 24.13
CA PHE A 75 2.86 1.47 25.10
C PHE A 75 4.16 2.25 24.98
N SER A 76 4.81 2.32 26.12
CA SER A 76 6.11 3.03 26.28
C SER A 76 7.34 2.15 26.03
N ASP A 77 8.26 2.74 25.31
CA ASP A 77 9.56 2.13 24.91
C ASP A 77 10.37 1.54 26.08
N ASP A 78 10.18 2.08 27.25
CA ASP A 78 10.91 1.59 28.46
C ASP A 78 10.72 0.07 28.65
N GLY A 79 9.64 -0.42 28.08
CA GLY A 79 9.28 -1.86 28.15
C GLY A 79 8.04 -2.01 29.02
N THR A 80 7.21 -0.98 29.01
CA THR A 80 5.96 -1.01 29.83
C THR A 80 4.79 -0.39 29.06
N PHE A 81 3.62 -0.95 29.30
CA PHE A 81 2.36 -0.48 28.65
C PHE A 81 1.89 0.83 29.29
N VAL A 82 1.15 1.59 28.51
CA VAL A 82 0.61 2.90 28.97
C VAL A 82 -0.93 2.79 28.96
N CYS A 83 -1.53 2.94 27.80
CA CYS A 83 -3.03 2.85 27.67
C CYS A 83 -3.39 2.62 26.20
N GLU A 84 -4.67 2.51 25.88
CA GLU A 84 -5.07 2.29 24.45
C GLU A 84 -5.47 3.66 23.88
N GLY A 85 -5.45 3.81 22.58
CA GLY A 85 -5.84 5.13 21.98
C GLY A 85 -7.21 5.59 22.52
N GLU A 86 -7.28 6.83 22.94
CA GLU A 86 -8.55 7.39 23.48
C GLU A 86 -9.21 8.26 22.40
N SER A 87 -9.01 7.84 21.18
CA SER A 87 -9.59 8.58 20.01
C SER A 87 -9.69 7.64 18.81
N ASP A 88 -10.62 7.91 17.94
CA ASP A 88 -10.82 7.06 16.73
C ASP A 88 -10.07 7.76 15.58
N PRO A 89 -9.37 7.02 14.75
CA PRO A 89 -8.73 7.59 13.52
C PRO A 89 -9.85 8.07 12.58
N ARG A 90 -10.25 9.30 12.82
CA ARG A 90 -11.33 9.99 12.04
C ARG A 90 -11.56 11.40 12.63
N ASN A 91 -11.36 11.51 13.92
CA ASN A 91 -11.55 12.83 14.62
C ASN A 91 -10.76 13.98 13.96
N PRO A 92 -11.44 15.06 13.62
CA PRO A 92 -10.79 16.38 13.38
C PRO A 92 -10.57 17.08 14.73
N LYS A 93 -10.03 16.34 15.66
CA LYS A 93 -9.75 16.88 17.04
C LYS A 93 -8.28 16.68 17.41
N ALA A 94 -7.90 17.30 18.49
CA ALA A 94 -6.49 17.20 19.00
C ALA A 94 -6.50 17.24 20.54
N CYS A 95 -5.72 16.36 21.12
CA CYS A 95 -5.62 16.27 22.60
C CYS A 95 -4.69 17.36 23.18
N PRO A 96 -4.86 17.68 24.45
CA PRO A 96 -3.81 18.38 25.26
C PRO A 96 -2.61 17.45 25.50
N ARG A 97 -2.77 16.22 25.09
CA ARG A 97 -1.72 15.17 25.25
C ARG A 97 -0.68 15.38 24.15
N ASN A 98 -1.17 15.50 22.93
CA ASN A 98 -0.30 15.71 21.73
C ASN A 98 0.77 14.63 21.66
N CYS A 99 1.82 14.92 20.93
CA CYS A 99 2.96 13.98 20.75
C CYS A 99 3.44 13.50 22.14
N ASP A 100 3.38 12.20 22.39
CA ASP A 100 3.82 11.68 23.72
C ASP A 100 5.17 10.92 23.60
N PRO A 101 6.26 11.57 23.96
CA PRO A 101 7.62 10.97 23.82
C PRO A 101 7.81 9.74 24.71
N ARG A 102 7.07 9.73 25.80
CA ARG A 102 7.14 8.58 26.76
C ARG A 102 6.74 7.31 26.00
N ILE A 103 5.74 7.49 25.16
CA ILE A 103 5.22 6.36 24.35
C ILE A 103 6.16 6.04 23.18
N ALA A 104 5.96 4.85 22.69
CA ALA A 104 6.75 4.31 21.55
C ALA A 104 5.79 3.88 20.43
N TYR A 105 4.95 2.94 20.75
CA TYR A 105 3.96 2.41 19.76
C TYR A 105 2.80 1.70 20.45
N GLY A 106 1.73 1.64 19.70
CA GLY A 106 0.48 1.00 20.19
C GLY A 106 0.39 -0.45 19.71
N ILE A 107 0.53 -1.34 20.65
CA ILE A 107 0.47 -2.80 20.33
C ILE A 107 -1.00 -3.27 20.18
N CYS A 108 -1.48 -3.31 18.96
CA CYS A 108 -2.89 -3.76 18.72
C CYS A 108 -2.94 -5.30 18.77
N PRO A 109 -4.00 -5.86 19.30
CA PRO A 109 -4.16 -7.34 19.43
C PRO A 109 -4.25 -8.02 18.05
N LEU A 110 -4.08 -9.31 18.05
CA LEU A 110 -4.15 -10.12 16.79
C LEU A 110 -4.55 -11.55 17.11
N ALA A 111 -3.91 -12.10 18.11
CA ALA A 111 -4.18 -13.51 18.56
C ALA A 111 -4.03 -14.55 17.42
N ASP A 1 -10.34 11.66 -14.75
CA ASP A 1 -11.13 10.46 -14.33
C ASP A 1 -11.58 10.60 -12.87
N ARG A 2 -12.73 10.06 -12.58
CA ARG A 2 -13.28 10.13 -11.20
C ARG A 2 -12.74 8.93 -10.38
N ILE A 3 -13.58 7.97 -10.08
CA ILE A 3 -13.17 6.77 -9.30
C ILE A 3 -12.57 5.69 -10.22
N CYS A 4 -11.60 6.03 -11.02
CA CYS A 4 -11.01 4.99 -11.93
C CYS A 4 -10.02 4.01 -11.32
N THR A 5 -10.36 3.65 -10.11
CA THR A 5 -9.56 2.69 -9.32
C THR A 5 -10.12 1.30 -9.62
N ASN A 6 -9.24 0.35 -9.52
CA ASN A 6 -9.61 -1.07 -9.78
C ASN A 6 -8.57 -2.00 -9.15
N CYS A 7 -8.86 -3.27 -9.20
CA CYS A 7 -7.96 -4.32 -8.64
C CYS A 7 -6.68 -4.53 -9.47
N CYS A 8 -6.76 -4.18 -10.73
CA CYS A 8 -5.60 -4.33 -11.66
C CYS A 8 -4.69 -3.10 -11.72
N ALA A 9 -5.23 -2.05 -12.28
CA ALA A 9 -4.46 -0.76 -12.42
C ALA A 9 -4.50 0.08 -11.13
N GLY A 10 -4.45 -0.60 -10.01
CA GLY A 10 -4.48 0.09 -8.69
C GLY A 10 -3.07 0.59 -8.33
N THR A 11 -2.56 0.10 -7.23
CA THR A 11 -1.20 0.46 -6.73
C THR A 11 -0.66 -0.67 -5.83
N LYS A 12 0.49 -1.17 -6.20
CA LYS A 12 1.12 -2.28 -5.42
C LYS A 12 1.37 -1.86 -3.96
N GLY A 13 1.21 -2.82 -3.10
CA GLY A 13 1.41 -2.58 -1.63
C GLY A 13 0.08 -2.19 -0.96
N CYS A 14 -0.89 -1.77 -1.74
CA CYS A 14 -2.20 -1.37 -1.16
C CYS A 14 -3.22 -2.51 -1.31
N LYS A 15 -4.35 -2.31 -0.68
CA LYS A 15 -5.44 -3.34 -0.72
C LYS A 15 -6.76 -2.67 -1.11
N TYR A 16 -6.99 -2.65 -2.39
CA TYR A 16 -8.23 -2.04 -2.95
C TYR A 16 -9.44 -2.68 -2.30
N PHE A 17 -10.34 -1.81 -1.92
CA PHE A 17 -11.60 -2.21 -1.23
C PHE A 17 -12.84 -1.44 -1.73
N SER A 18 -13.95 -2.09 -1.51
CA SER A 18 -15.29 -1.57 -1.90
C SER A 18 -16.10 -1.02 -0.71
N ASP A 19 -16.67 0.15 -0.95
CA ASP A 19 -17.51 0.89 0.05
C ASP A 19 -18.62 0.07 0.72
N ASP A 20 -19.08 -0.94 0.05
CA ASP A 20 -20.17 -1.81 0.60
C ASP A 20 -19.78 -2.40 1.97
N GLY A 21 -18.50 -2.34 2.25
CA GLY A 21 -17.93 -2.87 3.53
C GLY A 21 -17.25 -4.20 3.23
N THR A 22 -16.75 -4.33 2.03
CA THR A 22 -16.04 -5.59 1.63
C THR A 22 -14.77 -5.27 0.84
N PHE A 23 -13.79 -6.10 1.07
CA PHE A 23 -12.46 -5.95 0.39
C PHE A 23 -12.56 -6.48 -1.04
N VAL A 24 -11.83 -5.84 -1.92
CA VAL A 24 -11.82 -6.23 -3.36
C VAL A 24 -10.56 -7.07 -3.61
N CYS A 25 -9.42 -6.42 -3.70
CA CYS A 25 -8.13 -7.15 -3.94
C CYS A 25 -6.93 -6.21 -3.77
N GLU A 26 -5.75 -6.77 -3.96
CA GLU A 26 -4.48 -5.97 -3.84
C GLU A 26 -4.23 -5.21 -5.14
N GLY A 27 -3.58 -4.07 -5.06
CA GLY A 27 -3.30 -3.29 -6.31
C GLY A 27 -2.24 -4.06 -7.09
N GLU A 28 -2.57 -4.50 -8.27
CA GLU A 28 -1.59 -5.28 -9.11
C GLU A 28 -0.88 -4.37 -10.11
N SER A 29 -0.80 -3.12 -9.74
CA SER A 29 -0.13 -2.09 -10.60
C SER A 29 1.23 -1.71 -10.01
N ASP A 30 2.27 -1.93 -10.77
CA ASP A 30 3.66 -1.61 -10.33
C ASP A 30 4.32 -0.83 -11.48
N PRO A 31 5.11 0.18 -11.18
CA PRO A 31 5.87 0.95 -12.21
C PRO A 31 6.94 0.05 -12.85
N ARG A 32 6.48 -0.78 -13.77
CA ARG A 32 7.30 -1.75 -14.54
C ARG A 32 6.35 -2.54 -15.45
N ASN A 33 5.25 -2.98 -14.89
CA ASN A 33 4.26 -3.76 -15.70
C ASN A 33 3.32 -2.83 -16.49
N PRO A 34 2.86 -3.29 -17.64
CA PRO A 34 1.71 -2.67 -18.36
C PRO A 34 0.41 -3.09 -17.66
N LYS A 35 -0.32 -2.11 -17.16
CA LYS A 35 -1.60 -2.41 -16.46
C LYS A 35 -2.62 -2.83 -17.53
N ALA A 36 -3.09 -4.04 -17.43
CA ALA A 36 -4.08 -4.55 -18.43
C ALA A 36 -4.88 -5.77 -17.95
N CYS A 37 -6.10 -5.51 -17.53
CA CYS A 37 -7.01 -6.60 -17.04
C CYS A 37 -8.42 -6.01 -17.13
N THR A 38 -8.53 -4.85 -16.51
CA THR A 38 -9.81 -4.08 -16.45
C THR A 38 -9.58 -2.69 -17.08
N LEU A 39 -10.67 -2.07 -17.45
CA LEU A 39 -10.63 -0.72 -18.08
C LEU A 39 -10.79 0.39 -17.02
N ASN A 40 -10.40 0.04 -15.81
CA ASN A 40 -10.48 0.96 -14.63
C ASN A 40 -11.90 1.41 -14.30
N CYS A 41 -12.01 2.25 -13.30
CA CYS A 41 -13.33 2.78 -12.85
C CYS A 41 -14.34 1.68 -12.58
N ASP A 42 -14.12 1.15 -11.40
CA ASP A 42 -14.95 0.05 -10.85
C ASP A 42 -16.07 0.70 -10.02
N PRO A 43 -17.31 0.63 -10.47
CA PRO A 43 -18.42 1.42 -9.86
C PRO A 43 -18.70 1.00 -8.40
N ARG A 44 -18.25 -0.18 -8.06
CA ARG A 44 -18.45 -0.72 -6.67
C ARG A 44 -17.30 -0.37 -5.72
N ILE A 45 -16.13 -0.17 -6.27
CA ILE A 45 -14.93 0.17 -5.42
C ILE A 45 -15.10 1.53 -4.72
N ALA A 46 -14.20 1.78 -3.80
CA ALA A 46 -14.22 3.07 -3.03
C ALA A 46 -12.80 3.58 -2.82
N TYR A 47 -12.01 2.75 -2.18
CA TYR A 47 -10.59 3.09 -1.88
C TYR A 47 -9.85 1.84 -1.46
N GLY A 48 -8.55 1.97 -1.47
CA GLY A 48 -7.66 0.84 -1.09
C GLY A 48 -6.84 1.19 0.15
N VAL A 49 -7.01 0.40 1.17
CA VAL A 49 -6.25 0.65 2.43
C VAL A 49 -4.84 0.09 2.19
N CYS A 50 -3.84 0.87 2.56
CA CYS A 50 -2.42 0.44 2.38
C CYS A 50 -1.73 0.27 3.76
N PRO A 51 -2.02 -0.82 4.45
CA PRO A 51 -1.47 -1.09 5.81
C PRO A 51 0.01 -1.46 5.75
N ARG A 52 0.27 -2.47 4.94
CA ARG A 52 1.67 -2.97 4.76
C ARG A 52 2.11 -2.85 3.30
N SER A 53 2.36 -1.62 2.92
CA SER A 53 2.80 -1.33 1.52
C SER A 53 4.30 -1.59 1.46
N GLU A 54 4.98 -1.08 2.46
CA GLU A 54 6.46 -1.23 2.58
C GLU A 54 6.74 -2.04 3.86
N GLU A 55 7.31 -3.21 3.67
CA GLU A 55 7.63 -4.10 4.83
C GLU A 55 8.67 -3.40 5.73
N LYS A 56 8.24 -3.07 6.92
CA LYS A 56 9.13 -2.38 7.91
C LYS A 56 9.96 -3.34 8.78
N LYS A 57 10.82 -4.08 8.11
CA LYS A 57 11.73 -5.08 8.77
C LYS A 57 10.95 -6.13 9.59
N ASN A 58 10.73 -7.25 8.96
CA ASN A 58 9.99 -8.40 9.57
C ASN A 58 10.19 -9.60 8.64
N ASP A 59 10.40 -9.29 7.40
CA ASP A 59 10.62 -10.31 6.31
C ASP A 59 11.54 -11.45 6.76
N ARG A 60 12.52 -11.08 7.55
CA ARG A 60 13.52 -12.06 8.09
C ARG A 60 12.81 -13.23 8.78
N ILE A 61 12.97 -14.39 8.19
CA ILE A 61 12.35 -15.63 8.74
C ILE A 61 13.27 -16.31 9.76
N CYS A 62 13.47 -15.63 10.86
CA CYS A 62 14.34 -16.17 11.94
C CYS A 62 13.63 -17.11 12.92
N THR A 63 12.80 -17.92 12.33
CA THR A 63 12.00 -18.92 13.10
C THR A 63 12.80 -20.23 13.17
N ASN A 64 12.18 -21.23 13.73
CA ASN A 64 12.77 -22.58 13.88
C ASN A 64 11.59 -23.57 14.02
N CYS A 65 11.84 -24.80 13.66
CA CYS A 65 10.79 -25.86 13.73
C CYS A 65 10.13 -26.00 15.11
N CYS A 66 10.89 -25.64 16.10
CA CYS A 66 10.40 -25.72 17.51
C CYS A 66 9.43 -24.58 17.84
N ALA A 67 9.88 -23.40 17.48
CA ALA A 67 9.10 -22.15 17.70
C ALA A 67 8.00 -21.93 16.65
N GLY A 68 7.13 -22.90 16.56
CA GLY A 68 5.99 -22.86 15.61
C GLY A 68 4.79 -23.58 16.20
N THR A 69 3.65 -23.13 15.75
CA THR A 69 2.35 -23.71 16.21
C THR A 69 2.25 -25.17 15.74
N LYS A 70 1.96 -26.04 16.69
CA LYS A 70 1.83 -27.48 16.37
C LYS A 70 0.50 -27.64 15.62
N GLY A 71 0.63 -27.47 14.32
CA GLY A 71 -0.53 -27.57 13.39
C GLY A 71 -0.13 -27.06 12.01
N CYS A 72 0.85 -26.19 11.94
CA CYS A 72 1.31 -25.63 10.63
C CYS A 72 2.57 -26.33 10.14
N LYS A 73 2.43 -26.84 8.95
CA LYS A 73 3.53 -27.57 8.27
C LYS A 73 4.62 -26.62 7.78
N TYR A 74 5.64 -26.42 8.59
CA TYR A 74 6.78 -25.52 8.19
C TYR A 74 7.19 -25.94 6.78
N PHE A 75 7.25 -24.98 5.91
CA PHE A 75 7.63 -25.24 4.51
C PHE A 75 8.48 -24.12 3.90
N SER A 76 9.23 -24.51 2.92
CA SER A 76 10.15 -23.59 2.20
C SER A 76 9.54 -23.15 0.84
N ASP A 77 9.63 -21.86 0.63
CA ASP A 77 9.12 -21.17 -0.60
C ASP A 77 9.52 -21.81 -1.94
N ASP A 78 10.65 -22.46 -1.95
CA ASP A 78 11.16 -23.12 -3.21
C ASP A 78 10.10 -24.04 -3.83
N GLY A 79 9.20 -24.49 -2.98
CA GLY A 79 8.09 -25.39 -3.38
C GLY A 79 8.30 -26.75 -2.72
N THR A 80 8.94 -26.73 -1.57
CA THR A 80 9.20 -27.99 -0.83
C THR A 80 9.00 -27.80 0.68
N PHE A 81 8.42 -28.81 1.28
CA PHE A 81 8.13 -28.83 2.74
C PHE A 81 9.42 -28.91 3.55
N VAL A 82 9.32 -28.50 4.79
CA VAL A 82 10.50 -28.51 5.73
C VAL A 82 10.19 -29.39 6.96
N CYS A 83 9.32 -28.91 7.81
CA CYS A 83 8.94 -29.68 9.05
C CYS A 83 7.52 -29.26 9.47
N GLU A 84 7.19 -29.57 10.69
CA GLU A 84 5.86 -29.24 11.30
C GLU A 84 6.15 -28.54 12.64
N GLY A 85 5.30 -27.61 13.03
CA GLY A 85 5.52 -26.89 14.33
C GLY A 85 5.54 -27.91 15.48
N GLU A 86 6.44 -27.73 16.41
CA GLU A 86 6.55 -28.66 17.58
C GLU A 86 6.19 -27.99 18.91
N SER A 87 5.29 -27.04 18.85
CA SER A 87 4.86 -26.31 20.08
C SER A 87 3.46 -25.73 19.83
N ASP A 88 2.47 -26.35 20.42
CA ASP A 88 1.07 -25.88 20.23
C ASP A 88 0.81 -24.65 21.13
N PRO A 89 0.02 -23.70 20.67
CA PRO A 89 -0.57 -22.64 21.55
C PRO A 89 -1.56 -23.27 22.57
N ARG A 90 -0.95 -23.95 23.49
CA ARG A 90 -1.62 -24.67 24.61
C ARG A 90 -0.50 -24.95 25.64
N ASN A 91 0.56 -25.50 25.11
CA ASN A 91 1.75 -25.84 25.94
C ASN A 91 2.75 -24.65 25.98
N PRO A 92 3.23 -24.30 27.15
CA PRO A 92 4.29 -23.28 27.33
C PRO A 92 5.71 -23.84 27.04
N LYS A 93 5.86 -24.49 25.91
CA LYS A 93 7.20 -25.08 25.54
C LYS A 93 8.13 -24.00 24.97
N ALA A 94 9.27 -23.89 25.59
CA ALA A 94 10.30 -22.89 25.15
C ALA A 94 11.06 -23.44 23.93
N CYS A 95 11.80 -22.56 23.27
CA CYS A 95 12.58 -22.99 22.07
C CYS A 95 13.84 -22.13 21.84
N PRO A 96 14.78 -22.66 21.08
CA PRO A 96 15.90 -21.86 20.51
C PRO A 96 15.34 -20.75 19.62
N ARG A 97 15.81 -19.55 19.86
CA ARG A 97 15.34 -18.37 19.06
C ARG A 97 16.10 -18.31 17.71
N ASN A 98 16.82 -19.36 17.41
CA ASN A 98 17.63 -19.47 16.16
C ASN A 98 16.81 -19.18 14.88
N CYS A 99 17.54 -18.75 13.88
CA CYS A 99 16.93 -18.42 12.55
C CYS A 99 16.97 -19.62 11.60
N ASP A 100 15.88 -19.83 10.90
CA ASP A 100 15.78 -20.97 9.93
C ASP A 100 15.53 -20.38 8.51
N PRO A 101 16.59 -20.07 7.81
CA PRO A 101 16.51 -19.33 6.52
C PRO A 101 15.77 -20.10 5.43
N ARG A 102 15.89 -21.41 5.45
CA ARG A 102 15.19 -22.24 4.42
C ARG A 102 13.66 -22.14 4.55
N ILE A 103 13.17 -21.94 5.74
CA ILE A 103 11.68 -21.83 5.90
C ILE A 103 11.19 -20.54 5.29
N ALA A 104 9.93 -20.59 4.93
CA ALA A 104 9.23 -19.43 4.30
C ALA A 104 7.83 -19.28 4.90
N TYR A 105 7.19 -20.39 5.10
CA TYR A 105 5.80 -20.40 5.67
C TYR A 105 5.61 -21.59 6.62
N GLY A 106 4.36 -21.83 6.91
CA GLY A 106 3.90 -22.93 7.81
C GLY A 106 2.47 -23.21 7.35
N ILE A 107 2.34 -24.16 6.47
CA ILE A 107 0.99 -24.52 5.93
C ILE A 107 0.11 -25.40 6.85
N CYS A 108 -0.75 -24.76 7.59
CA CYS A 108 -1.69 -25.48 8.51
C CYS A 108 -2.84 -26.01 7.63
N PRO A 109 -3.46 -27.12 8.00
CA PRO A 109 -4.47 -27.81 7.13
C PRO A 109 -5.47 -26.83 6.50
N LEU A 110 -5.37 -26.70 5.20
CA LEU A 110 -6.27 -25.79 4.43
C LEU A 110 -6.55 -26.30 3.01
N ALA A 111 -5.98 -27.45 2.70
CA ALA A 111 -6.14 -28.10 1.37
C ALA A 111 -5.68 -27.17 0.21
N ASP A 1 -12.28 12.48 -13.73
CA ASP A 1 -13.58 12.55 -12.99
C ASP A 1 -14.11 11.13 -12.74
N ARG A 2 -14.01 10.32 -13.76
CA ARG A 2 -14.49 8.90 -13.66
C ARG A 2 -13.60 8.10 -12.70
N ILE A 3 -14.26 7.37 -11.83
CA ILE A 3 -13.56 6.52 -10.82
C ILE A 3 -13.20 5.15 -11.43
N CYS A 4 -12.58 5.20 -12.59
CA CYS A 4 -12.18 3.94 -13.27
C CYS A 4 -10.85 3.32 -12.79
N THR A 5 -10.85 3.01 -11.51
CA THR A 5 -9.69 2.40 -10.84
C THR A 5 -9.91 0.88 -10.96
N ASN A 6 -8.89 0.08 -10.75
CA ASN A 6 -9.09 -1.40 -10.85
C ASN A 6 -8.04 -2.21 -10.10
N CYS A 7 -8.26 -3.49 -10.13
CA CYS A 7 -7.37 -4.47 -9.45
C CYS A 7 -6.09 -4.78 -10.24
N CYS A 8 -6.21 -4.74 -11.54
CA CYS A 8 -5.05 -5.02 -12.45
C CYS A 8 -4.05 -3.87 -12.57
N ALA A 9 -4.55 -2.78 -13.09
CA ALA A 9 -3.72 -1.55 -13.28
C ALA A 9 -3.66 -0.70 -12.00
N GLY A 10 -3.08 -1.30 -10.99
CA GLY A 10 -2.93 -0.65 -9.66
C GLY A 10 -1.53 -0.89 -9.06
N THR A 11 -1.38 -0.54 -7.80
CA THR A 11 -0.09 -0.71 -7.06
C THR A 11 -0.07 -1.92 -6.09
N LYS A 12 0.73 -2.89 -6.47
CA LYS A 12 0.91 -4.15 -5.67
C LYS A 12 1.55 -3.85 -4.31
N GLY A 13 0.69 -3.43 -3.42
CA GLY A 13 1.11 -3.10 -2.04
C GLY A 13 -0.12 -2.76 -1.20
N CYS A 14 -1.14 -2.21 -1.83
CA CYS A 14 -2.37 -1.86 -1.03
C CYS A 14 -3.51 -2.83 -1.26
N LYS A 15 -4.29 -2.99 -0.21
CA LYS A 15 -5.45 -3.90 -0.24
C LYS A 15 -6.67 -3.08 -0.63
N TYR A 16 -6.87 -3.00 -1.92
CA TYR A 16 -8.01 -2.23 -2.52
C TYR A 16 -9.27 -2.60 -1.77
N PHE A 17 -10.01 -1.57 -1.47
CA PHE A 17 -11.27 -1.72 -0.72
C PHE A 17 -12.32 -0.71 -1.18
N SER A 18 -13.53 -1.12 -0.93
CA SER A 18 -14.74 -0.32 -1.28
C SER A 18 -15.54 0.22 -0.10
N ASP A 19 -15.90 1.47 -0.27
CA ASP A 19 -16.70 2.27 0.71
C ASP A 19 -17.99 1.59 1.17
N ASP A 20 -18.45 0.66 0.36
CA ASP A 20 -19.69 -0.09 0.69
C ASP A 20 -19.51 -0.95 1.97
N GLY A 21 -18.32 -0.90 2.51
CA GLY A 21 -17.99 -1.66 3.74
C GLY A 21 -17.56 -3.06 3.36
N THR A 22 -16.99 -3.18 2.18
CA THR A 22 -16.54 -4.51 1.68
C THR A 22 -15.22 -4.36 0.91
N PHE A 23 -14.47 -5.43 0.98
CA PHE A 23 -13.13 -5.54 0.33
C PHE A 23 -13.26 -5.70 -1.20
N VAL A 24 -12.20 -5.31 -1.88
CA VAL A 24 -12.14 -5.39 -3.37
C VAL A 24 -11.04 -6.39 -3.77
N CYS A 25 -9.80 -5.98 -3.69
CA CYS A 25 -8.65 -6.88 -4.06
C CYS A 25 -7.33 -6.26 -3.56
N GLU A 26 -6.22 -6.80 -4.00
CA GLU A 26 -4.87 -6.28 -3.60
C GLU A 26 -4.12 -6.08 -4.93
N GLY A 27 -3.36 -5.01 -5.03
CA GLY A 27 -2.59 -4.69 -6.27
C GLY A 27 -1.97 -5.91 -6.97
N GLU A 28 -2.45 -6.11 -8.18
CA GLU A 28 -2.01 -7.23 -9.06
C GLU A 28 -0.83 -6.83 -9.99
N SER A 29 -0.38 -5.59 -9.89
CA SER A 29 0.75 -5.16 -10.78
C SER A 29 1.51 -3.98 -10.17
N ASP A 30 2.63 -3.67 -10.78
CA ASP A 30 3.49 -2.54 -10.32
C ASP A 30 2.87 -1.23 -10.83
N PRO A 31 2.95 -0.16 -10.05
CA PRO A 31 2.53 1.21 -10.49
C PRO A 31 3.51 1.78 -11.54
N ARG A 32 3.47 1.14 -12.68
CA ARG A 32 4.31 1.49 -13.87
C ARG A 32 3.64 0.86 -15.10
N ASN A 33 3.13 -0.33 -14.92
CA ASN A 33 2.44 -1.09 -16.01
C ASN A 33 1.54 -0.22 -16.93
N PRO A 34 2.02 0.08 -18.12
CA PRO A 34 1.26 0.92 -19.10
C PRO A 34 0.15 0.11 -19.77
N LYS A 35 -0.57 0.78 -20.66
CA LYS A 35 -1.71 0.18 -21.43
C LYS A 35 -2.87 -0.29 -20.52
N ALA A 36 -4.03 -0.34 -21.10
CA ALA A 36 -5.25 -0.77 -20.35
C ALA A 36 -5.30 -2.31 -20.27
N CYS A 37 -5.84 -2.77 -19.17
CA CYS A 37 -5.97 -4.24 -18.92
C CYS A 37 -7.17 -4.82 -19.68
N THR A 38 -8.33 -4.79 -19.08
CA THR A 38 -9.57 -5.32 -19.72
C THR A 38 -10.83 -4.90 -18.91
N LEU A 39 -10.60 -4.46 -17.70
CA LEU A 39 -11.72 -4.03 -16.81
C LEU A 39 -11.05 -3.02 -15.86
N ASN A 40 -10.64 -1.95 -16.49
CA ASN A 40 -9.97 -0.83 -15.76
C ASN A 40 -10.95 0.15 -15.12
N CYS A 41 -11.94 -0.38 -14.44
CA CYS A 41 -12.96 0.50 -13.79
C CYS A 41 -13.65 -0.24 -12.63
N ASP A 42 -13.63 0.37 -11.47
CA ASP A 42 -14.27 -0.24 -10.26
C ASP A 42 -14.81 0.88 -9.35
N PRO A 43 -15.98 1.39 -9.68
CA PRO A 43 -16.56 2.57 -8.98
C PRO A 43 -16.82 2.36 -7.48
N ARG A 44 -17.11 1.15 -7.11
CA ARG A 44 -17.37 0.85 -5.66
C ARG A 44 -16.17 1.21 -4.77
N ILE A 45 -14.99 1.11 -5.34
CA ILE A 45 -13.73 1.43 -4.60
C ILE A 45 -13.79 2.77 -3.83
N ALA A 46 -12.95 2.84 -2.83
CA ALA A 46 -12.85 4.05 -1.97
C ALA A 46 -11.36 4.32 -1.73
N TYR A 47 -10.70 3.26 -1.32
CA TYR A 47 -9.23 3.32 -1.03
C TYR A 47 -8.70 1.91 -0.85
N GLY A 48 -7.40 1.84 -0.87
CA GLY A 48 -6.69 0.54 -0.71
C GLY A 48 -5.84 0.62 0.55
N VAL A 49 -6.25 -0.09 1.57
CA VAL A 49 -5.46 -0.06 2.84
C VAL A 49 -4.24 -0.99 2.73
N CYS A 50 -3.08 -0.39 2.70
CA CYS A 50 -1.80 -1.17 2.60
C CYS A 50 -1.44 -1.75 3.99
N PRO A 51 -1.54 -3.06 4.16
CA PRO A 51 -1.31 -3.72 5.47
C PRO A 51 0.20 -3.92 5.67
N ARG A 52 0.77 -3.06 6.48
CA ARG A 52 2.25 -3.14 6.75
C ARG A 52 2.60 -2.42 8.05
N SER A 53 1.75 -1.50 8.45
CA SER A 53 1.98 -0.73 9.71
C SER A 53 1.97 -1.68 10.92
N GLU A 54 2.89 -1.43 11.82
CA GLU A 54 3.03 -2.25 13.08
C GLU A 54 3.31 -3.73 12.80
N GLU A 55 4.51 -4.15 13.14
CA GLU A 55 4.93 -5.56 12.94
C GLU A 55 4.60 -6.33 14.24
N LYS A 56 3.32 -6.57 14.41
CA LYS A 56 2.82 -7.32 15.61
C LYS A 56 1.41 -7.82 15.27
N LYS A 57 1.36 -8.57 14.19
CA LYS A 57 0.08 -9.16 13.67
C LYS A 57 -1.01 -8.08 13.59
N ASN A 58 -0.60 -6.94 13.08
CA ASN A 58 -1.53 -5.77 12.93
C ASN A 58 -2.70 -6.15 11.99
N ASP A 59 -2.36 -6.50 10.78
CA ASP A 59 -3.40 -6.89 9.78
C ASP A 59 -3.91 -8.29 10.12
N ARG A 60 -3.13 -9.28 9.77
CA ARG A 60 -3.48 -10.71 10.02
C ARG A 60 -2.19 -11.47 10.37
N ILE A 61 -2.25 -12.78 10.29
CA ILE A 61 -1.07 -13.64 10.61
C ILE A 61 -0.13 -13.72 9.39
N CYS A 62 0.20 -12.58 8.85
CA CYS A 62 1.11 -12.52 7.67
C CYS A 62 2.60 -12.58 8.02
N THR A 63 2.86 -13.39 9.00
CA THR A 63 4.25 -13.62 9.50
C THR A 63 4.89 -14.78 8.75
N ASN A 64 6.19 -14.80 8.79
CA ASN A 64 6.98 -15.87 8.11
C ASN A 64 8.33 -16.09 8.78
N CYS A 65 8.86 -17.28 8.57
CA CYS A 65 10.18 -17.64 9.16
C CYS A 65 11.26 -16.71 8.58
N CYS A 66 11.06 -16.44 7.32
CA CYS A 66 11.94 -15.54 6.51
C CYS A 66 11.85 -14.11 7.02
N ALA A 67 10.63 -13.66 7.13
CA ALA A 67 10.36 -12.28 7.59
C ALA A 67 10.46 -12.19 9.12
N GLY A 68 9.36 -11.93 9.76
CA GLY A 68 9.32 -11.80 11.26
C GLY A 68 10.47 -10.91 11.77
N THR A 69 11.19 -11.41 12.74
CA THR A 69 12.35 -10.65 13.32
C THR A 69 13.44 -11.59 13.88
N LYS A 70 14.67 -11.28 13.57
CA LYS A 70 15.84 -12.10 14.04
C LYS A 70 15.88 -12.12 15.58
N GLY A 71 15.48 -13.22 16.15
CA GLY A 71 15.48 -13.37 17.64
C GLY A 71 14.24 -14.13 18.13
N CYS A 72 13.19 -14.09 17.36
CA CYS A 72 11.93 -14.80 17.75
C CYS A 72 11.92 -16.22 17.17
N LYS A 73 11.57 -17.17 18.01
CA LYS A 73 11.52 -18.59 17.56
C LYS A 73 10.15 -18.92 16.98
N TYR A 74 10.02 -18.68 15.69
CA TYR A 74 8.74 -18.95 14.96
C TYR A 74 8.13 -20.27 15.43
N PHE A 75 6.84 -20.25 15.65
CA PHE A 75 6.14 -21.47 16.13
C PHE A 75 4.71 -21.58 15.62
N SER A 76 4.35 -22.83 15.39
CA SER A 76 2.99 -23.20 14.89
C SER A 76 2.13 -23.85 15.98
N ASP A 77 1.04 -23.15 16.25
CA ASP A 77 0.01 -23.54 17.26
C ASP A 77 -0.54 -24.95 17.04
N ASP A 78 -0.98 -25.12 15.82
CA ASP A 78 -1.58 -26.38 15.33
C ASP A 78 -0.55 -27.50 15.20
N GLY A 79 0.68 -27.20 15.53
CA GLY A 79 1.73 -28.25 15.43
C GLY A 79 2.70 -28.20 16.60
N THR A 80 3.68 -27.33 16.43
CA THR A 80 4.78 -27.08 17.40
C THR A 80 5.73 -26.06 16.71
N PHE A 81 6.88 -25.85 17.31
CA PHE A 81 7.92 -24.90 16.78
C PHE A 81 8.12 -25.02 15.26
N VAL A 82 8.42 -23.89 14.68
CA VAL A 82 8.65 -23.76 13.21
C VAL A 82 10.13 -23.47 12.89
N CYS A 83 10.59 -22.28 13.20
CA CYS A 83 12.02 -21.91 12.91
C CYS A 83 12.46 -20.72 13.76
N GLU A 84 13.63 -20.18 13.46
CA GLU A 84 14.16 -19.00 14.23
C GLU A 84 14.25 -17.76 13.32
N GLY A 85 14.09 -16.62 13.95
CA GLY A 85 14.12 -15.27 13.27
C GLY A 85 15.15 -15.14 12.14
N GLU A 86 14.70 -15.14 10.90
CA GLU A 86 15.68 -15.01 9.77
C GLU A 86 15.88 -13.57 9.28
N SER A 87 15.08 -12.63 9.76
CA SER A 87 15.24 -11.21 9.31
C SER A 87 16.30 -10.45 10.11
N ASP A 88 17.50 -10.51 9.60
CA ASP A 88 18.64 -9.81 10.25
C ASP A 88 18.48 -8.34 9.82
N PRO A 89 18.06 -7.49 10.73
CA PRO A 89 17.17 -6.33 10.47
C PRO A 89 17.46 -5.53 9.18
N ARG A 90 18.71 -5.44 8.83
CA ARG A 90 19.14 -4.70 7.61
C ARG A 90 18.51 -5.26 6.32
N ASN A 91 17.94 -6.43 6.43
CA ASN A 91 17.29 -7.09 5.26
C ASN A 91 15.93 -6.43 4.94
N PRO A 92 15.71 -6.07 3.69
CA PRO A 92 14.35 -5.77 3.14
C PRO A 92 13.66 -7.08 2.73
N LYS A 93 13.76 -8.06 3.60
CA LYS A 93 13.15 -9.43 3.36
C LYS A 93 13.83 -10.10 2.15
N ALA A 94 13.56 -11.38 1.97
CA ALA A 94 14.18 -12.12 0.81
C ALA A 94 13.42 -13.41 0.46
N CYS A 95 12.11 -13.30 0.41
CA CYS A 95 11.26 -14.50 0.07
C CYS A 95 9.88 -14.05 -0.48
N PRO A 96 9.47 -14.61 -1.60
CA PRO A 96 8.04 -14.55 -2.06
C PRO A 96 7.15 -15.54 -1.26
N ARG A 97 7.48 -15.69 0.00
CA ARG A 97 6.73 -16.62 0.91
C ARG A 97 5.91 -15.77 1.90
N ASN A 98 5.43 -14.68 1.39
CA ASN A 98 4.61 -13.72 2.19
C ASN A 98 3.41 -14.41 2.88
N CYS A 99 3.24 -14.04 4.13
CA CYS A 99 2.15 -14.55 5.03
C CYS A 99 2.12 -16.08 5.20
N ASP A 100 2.12 -16.50 6.44
CA ASP A 100 2.10 -17.97 6.76
C ASP A 100 0.85 -18.26 7.65
N PRO A 101 -0.25 -18.63 7.05
CA PRO A 101 -1.54 -18.83 7.80
C PRO A 101 -1.46 -19.95 8.86
N ARG A 102 -0.42 -20.76 8.79
CA ARG A 102 -0.25 -21.88 9.77
C ARG A 102 0.54 -21.50 11.04
N ILE A 103 1.39 -20.50 10.96
CA ILE A 103 2.17 -20.13 12.18
C ILE A 103 1.28 -19.40 13.19
N ALA A 104 1.51 -19.70 14.44
CA ALA A 104 0.74 -19.06 15.54
C ALA A 104 1.35 -17.69 15.75
N TYR A 105 2.62 -17.77 16.05
CA TYR A 105 3.50 -16.61 16.32
C TYR A 105 4.86 -17.17 16.75
N GLY A 106 5.81 -16.28 16.86
CA GLY A 106 7.18 -16.71 17.29
C GLY A 106 7.34 -16.54 18.79
N ILE A 107 7.86 -17.57 19.42
CA ILE A 107 8.09 -17.54 20.88
C ILE A 107 9.37 -16.72 21.05
N CYS A 108 9.16 -15.43 21.20
CA CYS A 108 10.26 -14.45 21.38
C CYS A 108 10.71 -14.37 22.85
N PRO A 109 11.99 -14.52 23.10
CA PRO A 109 12.69 -13.82 24.21
C PRO A 109 12.86 -12.34 23.80
N LEU A 110 13.03 -12.15 22.52
CA LEU A 110 13.22 -10.78 21.93
C LEU A 110 12.89 -10.82 20.43
N ALA A 111 12.67 -9.66 19.86
CA ALA A 111 12.35 -9.55 18.41
C ALA A 111 13.49 -10.09 17.52
N ASP A 1 -15.97 13.97 -6.92
CA ASP A 1 -15.34 12.64 -6.74
C ASP A 1 -14.64 12.19 -8.03
N ARG A 2 -13.66 11.34 -7.85
CA ARG A 2 -12.88 10.80 -9.00
C ARG A 2 -12.39 9.41 -8.56
N ILE A 3 -13.33 8.52 -8.36
CA ILE A 3 -13.02 7.13 -7.94
C ILE A 3 -12.44 6.40 -9.17
N CYS A 4 -11.16 6.12 -9.12
CA CYS A 4 -10.51 5.41 -10.25
C CYS A 4 -9.62 4.23 -9.87
N THR A 5 -10.00 3.65 -8.77
CA THR A 5 -9.27 2.48 -8.21
C THR A 5 -9.92 1.21 -8.74
N ASN A 6 -9.10 0.22 -8.92
CA ASN A 6 -9.57 -1.10 -9.45
C ASN A 6 -8.55 -2.20 -9.11
N CYS A 7 -9.01 -3.42 -9.11
CA CYS A 7 -8.12 -4.59 -8.79
C CYS A 7 -7.09 -4.94 -9.88
N CYS A 8 -7.42 -4.68 -11.13
CA CYS A 8 -6.47 -5.01 -12.24
C CYS A 8 -5.37 -3.95 -12.41
N ALA A 9 -5.80 -2.76 -12.79
CA ALA A 9 -4.85 -1.62 -12.99
C ALA A 9 -4.64 -0.86 -11.67
N GLY A 10 -4.56 -1.62 -10.61
CA GLY A 10 -4.37 -1.02 -9.25
C GLY A 10 -2.91 -0.58 -9.04
N THR A 11 -2.38 -0.94 -7.89
CA THR A 11 -0.97 -0.59 -7.53
C THR A 11 -0.45 -1.65 -6.55
N LYS A 12 0.38 -2.53 -7.06
CA LYS A 12 0.97 -3.63 -6.23
C LYS A 12 1.62 -3.04 -4.96
N GLY A 13 0.97 -3.28 -3.85
CA GLY A 13 1.46 -2.79 -2.52
C GLY A 13 0.28 -2.36 -1.64
N CYS A 14 -0.83 -2.10 -2.27
CA CYS A 14 -2.07 -1.68 -1.55
C CYS A 14 -3.15 -2.74 -1.71
N LYS A 15 -4.00 -2.84 -0.72
CA LYS A 15 -5.11 -3.83 -0.74
C LYS A 15 -6.39 -3.24 -1.31
N TYR A 16 -6.60 -3.42 -2.59
CA TYR A 16 -7.84 -2.88 -3.23
C TYR A 16 -9.02 -3.52 -2.52
N PHE A 17 -9.74 -2.64 -1.88
CA PHE A 17 -10.95 -3.02 -1.09
C PHE A 17 -12.17 -2.18 -1.44
N SER A 18 -13.29 -2.84 -1.33
CA SER A 18 -14.63 -2.22 -1.62
C SER A 18 -15.33 -1.75 -0.34
N ASP A 19 -15.66 -0.48 -0.36
CA ASP A 19 -16.36 0.16 0.80
C ASP A 19 -17.70 -0.56 1.01
N ASP A 20 -18.32 -0.79 -0.13
CA ASP A 20 -19.64 -1.46 -0.23
C ASP A 20 -19.50 -2.96 -0.49
N GLY A 21 -18.34 -3.51 -0.22
CA GLY A 21 -18.17 -4.98 -0.46
C GLY A 21 -16.87 -5.55 0.09
N THR A 22 -16.41 -4.98 1.17
CA THR A 22 -15.15 -5.37 1.88
C THR A 22 -13.97 -5.65 0.94
N PHE A 23 -12.91 -6.22 1.46
CA PHE A 23 -11.69 -6.51 0.63
C PHE A 23 -12.05 -7.20 -0.70
N VAL A 24 -11.44 -6.67 -1.72
CA VAL A 24 -11.62 -7.17 -3.12
C VAL A 24 -10.37 -7.98 -3.47
N CYS A 25 -9.30 -7.29 -3.81
CA CYS A 25 -8.02 -7.96 -4.16
C CYS A 25 -6.87 -6.96 -3.95
N GLU A 26 -5.69 -7.33 -4.38
CA GLU A 26 -4.50 -6.43 -4.22
C GLU A 26 -4.09 -5.89 -5.59
N GLY A 27 -3.41 -4.77 -5.57
CA GLY A 27 -2.95 -4.12 -6.84
C GLY A 27 -2.23 -5.10 -7.77
N GLU A 28 -2.92 -5.46 -8.82
CA GLU A 28 -2.36 -6.42 -9.81
C GLU A 28 -1.38 -5.70 -10.77
N SER A 29 -1.34 -4.39 -10.67
CA SER A 29 -0.43 -3.60 -11.53
C SER A 29 0.99 -3.63 -10.95
N ASP A 30 1.79 -4.53 -11.49
CA ASP A 30 3.19 -4.67 -11.01
C ASP A 30 4.04 -3.55 -11.67
N PRO A 31 4.92 -2.92 -10.92
CA PRO A 31 5.84 -1.87 -11.43
C PRO A 31 6.95 -2.47 -12.33
N ARG A 32 6.49 -2.93 -13.46
CA ARG A 32 7.33 -3.58 -14.52
C ARG A 32 6.52 -3.45 -15.81
N ASN A 33 5.25 -3.74 -15.70
CA ASN A 33 4.33 -3.65 -16.88
C ASN A 33 3.70 -2.25 -16.97
N PRO A 34 3.39 -1.81 -18.17
CA PRO A 34 2.41 -0.71 -18.40
C PRO A 34 0.98 -1.26 -18.18
N LYS A 35 0.03 -0.37 -18.14
CA LYS A 35 -1.39 -0.80 -17.94
C LYS A 35 -1.91 -1.55 -19.18
N ALA A 36 -2.77 -2.50 -18.93
CA ALA A 36 -3.36 -3.32 -20.04
C ALA A 36 -4.67 -3.95 -19.55
N CYS A 37 -5.41 -3.14 -18.84
CA CYS A 37 -6.72 -3.58 -18.26
C CYS A 37 -7.90 -2.93 -18.98
N THR A 38 -9.07 -3.31 -18.53
CA THR A 38 -10.36 -2.79 -19.08
C THR A 38 -11.28 -2.42 -17.90
N LEU A 39 -10.78 -2.68 -16.71
CA LEU A 39 -11.53 -2.39 -15.45
C LEU A 39 -11.03 -1.02 -14.93
N ASN A 40 -10.63 -0.19 -15.85
CA ASN A 40 -10.11 1.17 -15.51
C ASN A 40 -11.18 1.95 -14.72
N CYS A 41 -10.77 2.38 -13.55
CA CYS A 41 -11.64 3.14 -12.60
C CYS A 41 -12.90 2.34 -12.23
N ASP A 42 -12.92 1.84 -11.02
CA ASP A 42 -14.08 1.03 -10.53
C ASP A 42 -14.93 1.78 -9.48
N PRO A 43 -16.08 2.30 -9.86
CA PRO A 43 -16.97 3.01 -8.91
C PRO A 43 -17.57 2.07 -7.84
N ARG A 44 -17.34 0.79 -8.01
CA ARG A 44 -17.87 -0.23 -7.05
C ARG A 44 -16.88 -0.50 -5.89
N ILE A 45 -15.66 -0.07 -6.05
CA ILE A 45 -14.62 -0.28 -4.99
C ILE A 45 -14.33 1.05 -4.27
N ALA A 46 -13.77 0.95 -3.10
CA ALA A 46 -13.42 2.17 -2.30
C ALA A 46 -12.06 2.63 -2.83
N TYR A 47 -11.05 1.90 -2.45
CA TYR A 47 -9.65 2.18 -2.86
C TYR A 47 -8.72 1.15 -2.23
N GLY A 48 -7.47 1.26 -2.59
CA GLY A 48 -6.42 0.34 -2.07
C GLY A 48 -5.97 0.72 -0.66
N VAL A 49 -6.47 0.02 0.33
CA VAL A 49 -6.05 0.34 1.72
C VAL A 49 -4.64 -0.27 1.90
N CYS A 50 -3.68 0.59 1.75
CA CYS A 50 -2.24 0.20 1.89
C CYS A 50 -1.90 0.15 3.40
N PRO A 51 -0.69 -0.25 3.75
CA PRO A 51 -0.21 -0.19 5.16
C PRO A 51 0.02 1.26 5.65
N ARG A 52 -0.28 2.22 4.79
CA ARG A 52 -0.09 3.66 5.15
C ARG A 52 -1.32 4.26 5.84
N SER A 53 -2.30 3.43 6.10
CA SER A 53 -3.60 3.84 6.78
C SER A 53 -4.52 4.63 5.83
N GLU A 54 -3.93 5.28 4.86
CA GLU A 54 -4.68 6.10 3.85
C GLU A 54 -5.56 7.16 4.53
N GLU A 55 -4.93 8.23 4.89
CA GLU A 55 -5.63 9.37 5.57
C GLU A 55 -5.79 10.44 4.49
N LYS A 56 -7.02 10.64 4.07
CA LYS A 56 -7.32 11.66 3.02
C LYS A 56 -8.78 12.13 3.07
N LYS A 57 -8.96 13.35 2.62
CA LYS A 57 -10.31 14.00 2.58
C LYS A 57 -10.12 15.19 1.64
N ASN A 58 -10.18 14.89 0.37
CA ASN A 58 -10.00 15.93 -0.69
C ASN A 58 -11.29 15.99 -1.52
N ASP A 59 -12.18 16.84 -1.07
CA ASP A 59 -13.49 17.04 -1.75
C ASP A 59 -14.14 18.34 -1.25
N ARG A 60 -13.40 19.40 -1.43
CA ARG A 60 -13.86 20.76 -0.99
C ARG A 60 -13.30 21.78 -2.01
N ILE A 61 -12.07 21.54 -2.41
CA ILE A 61 -11.34 22.40 -3.39
C ILE A 61 -12.23 22.65 -4.62
N CYS A 62 -12.68 23.88 -4.76
CA CYS A 62 -13.55 24.25 -5.92
C CYS A 62 -13.11 25.49 -6.69
N THR A 63 -11.82 25.65 -6.66
CA THR A 63 -11.11 26.77 -7.32
C THR A 63 -10.77 26.23 -8.72
N ASN A 64 -11.27 26.85 -9.76
CA ASN A 64 -10.95 26.37 -11.14
C ASN A 64 -10.72 27.51 -12.15
N CYS A 65 -10.07 27.14 -13.22
CA CYS A 65 -9.72 28.06 -14.34
C CYS A 65 -10.92 28.63 -15.12
N CYS A 66 -11.93 27.82 -15.30
CA CYS A 66 -13.15 28.29 -16.05
C CYS A 66 -13.99 29.22 -15.18
N ALA A 67 -14.51 28.66 -14.12
CA ALA A 67 -15.36 29.45 -13.17
C ALA A 67 -14.44 30.06 -12.10
N GLY A 68 -13.42 30.73 -12.58
CA GLY A 68 -12.43 31.38 -11.67
C GLY A 68 -12.84 32.80 -11.29
N THR A 69 -11.86 33.68 -11.29
CA THR A 69 -12.08 35.11 -10.94
C THR A 69 -11.25 36.03 -11.85
N LYS A 70 -11.92 36.67 -12.77
CA LYS A 70 -11.26 37.61 -13.72
C LYS A 70 -10.51 38.68 -12.91
N GLY A 71 -9.22 38.52 -12.89
CA GLY A 71 -8.31 39.46 -12.16
C GLY A 71 -7.19 38.70 -11.44
N CYS A 72 -7.20 37.39 -11.53
CA CYS A 72 -6.14 36.56 -10.87
C CYS A 72 -5.73 35.37 -11.75
N LYS A 73 -4.48 35.02 -11.65
CA LYS A 73 -3.93 33.89 -12.45
C LYS A 73 -4.07 32.55 -11.72
N TYR A 74 -5.18 31.88 -11.95
CA TYR A 74 -5.42 30.56 -11.30
C TYR A 74 -4.22 29.64 -11.59
N PHE A 75 -3.62 29.22 -10.51
CA PHE A 75 -2.42 28.34 -10.54
C PHE A 75 -2.58 27.04 -9.74
N SER A 76 -1.74 26.09 -10.07
CA SER A 76 -1.73 24.75 -9.42
C SER A 76 -0.56 24.59 -8.41
N ASP A 77 -0.94 24.10 -7.25
CA ASP A 77 -0.01 23.84 -6.10
C ASP A 77 1.30 23.13 -6.44
N ASP A 78 1.27 22.30 -7.46
CA ASP A 78 2.49 21.54 -7.87
C ASP A 78 3.71 22.46 -8.08
N GLY A 79 3.39 23.70 -8.35
CA GLY A 79 4.42 24.75 -8.58
C GLY A 79 4.34 25.21 -10.04
N THR A 80 3.17 25.09 -10.62
CA THR A 80 2.98 25.49 -12.04
C THR A 80 1.65 26.22 -12.22
N PHE A 81 1.71 27.25 -13.03
CA PHE A 81 0.51 28.08 -13.33
C PHE A 81 -0.45 27.29 -14.25
N VAL A 82 -1.71 27.59 -14.12
CA VAL A 82 -2.75 26.91 -14.94
C VAL A 82 -3.31 27.92 -15.96
N CYS A 83 -4.20 28.78 -15.51
CA CYS A 83 -4.80 29.81 -16.43
C CYS A 83 -5.36 30.97 -15.60
N GLU A 84 -5.84 31.99 -16.28
CA GLU A 84 -6.42 33.17 -15.58
C GLU A 84 -7.94 32.97 -15.43
N GLY A 85 -8.46 33.38 -14.30
CA GLY A 85 -9.92 33.26 -14.00
C GLY A 85 -10.79 33.72 -15.18
N GLU A 86 -11.35 32.74 -15.85
CA GLU A 86 -12.23 32.98 -17.04
C GLU A 86 -13.66 33.42 -16.65
N SER A 87 -13.87 33.66 -15.37
CA SER A 87 -15.22 34.07 -14.89
C SER A 87 -15.03 35.26 -13.95
N ASP A 88 -15.62 36.38 -14.31
CA ASP A 88 -15.51 37.62 -13.48
C ASP A 88 -16.50 37.49 -12.29
N PRO A 89 -16.12 37.99 -11.13
CA PRO A 89 -17.00 38.03 -9.91
C PRO A 89 -18.17 39.02 -10.05
N ARG A 90 -19.01 38.72 -10.99
CA ARG A 90 -20.22 39.51 -11.34
C ARG A 90 -21.16 38.55 -12.07
N ASN A 91 -20.58 37.79 -12.98
CA ASN A 91 -21.37 36.80 -13.78
C ASN A 91 -21.38 35.43 -13.05
N PRO A 92 -22.54 34.91 -12.72
CA PRO A 92 -22.69 33.56 -12.13
C PRO A 92 -22.63 32.45 -13.20
N LYS A 93 -21.62 32.50 -14.03
CA LYS A 93 -21.47 31.46 -15.10
C LYS A 93 -20.81 30.19 -14.55
N ALA A 94 -21.51 29.10 -14.76
CA ALA A 94 -21.02 27.77 -14.29
C ALA A 94 -20.12 27.13 -15.36
N CYS A 95 -19.68 25.93 -15.10
CA CYS A 95 -18.79 25.19 -16.05
C CYS A 95 -18.96 23.67 -15.85
N PRO A 96 -18.61 22.89 -16.84
CA PRO A 96 -18.29 21.45 -16.64
C PRO A 96 -16.96 21.35 -15.89
N ARG A 97 -16.16 22.39 -16.04
CA ARG A 97 -14.83 22.47 -15.37
C ARG A 97 -14.93 22.98 -13.93
N ASN A 98 -16.13 23.17 -13.43
CA ASN A 98 -16.30 23.67 -12.03
C ASN A 98 -15.47 22.82 -11.04
N CYS A 99 -14.82 23.52 -10.15
CA CYS A 99 -13.94 22.92 -9.09
C CYS A 99 -12.76 22.16 -9.70
N ASP A 100 -11.57 22.66 -9.46
CA ASP A 100 -10.34 22.00 -10.01
C ASP A 100 -9.29 21.65 -8.93
N PRO A 101 -9.30 20.42 -8.47
CA PRO A 101 -8.28 19.92 -7.50
C PRO A 101 -6.84 20.24 -7.93
N ARG A 102 -6.62 20.28 -9.23
CA ARG A 102 -5.25 20.60 -9.75
C ARG A 102 -4.91 22.01 -9.24
N ILE A 103 -5.82 22.92 -9.46
CA ILE A 103 -5.61 24.33 -9.01
C ILE A 103 -5.62 24.34 -7.48
N ALA A 104 -4.97 25.35 -6.97
CA ALA A 104 -4.87 25.55 -5.50
C ALA A 104 -4.96 27.02 -5.11
N TYR A 105 -4.43 27.85 -5.97
CA TYR A 105 -4.47 29.33 -5.70
C TYR A 105 -4.77 30.13 -6.98
N GLY A 106 -4.50 31.40 -6.88
CA GLY A 106 -4.69 32.37 -7.99
C GLY A 106 -3.68 33.49 -7.74
N ILE A 107 -2.64 33.48 -8.52
CA ILE A 107 -1.57 34.51 -8.40
C ILE A 107 -2.06 35.79 -9.10
N CYS A 108 -2.64 36.64 -8.29
CA CYS A 108 -3.18 37.94 -8.78
C CYS A 108 -2.01 38.94 -8.95
N PRO A 109 -2.12 39.86 -9.89
CA PRO A 109 -1.00 40.82 -10.20
C PRO A 109 -0.76 41.74 -9.00
N LEU A 110 0.32 41.47 -8.30
CA LEU A 110 0.69 42.28 -7.10
C LEU A 110 1.38 43.58 -7.56
N ALA A 111 2.31 43.43 -8.47
CA ALA A 111 3.08 44.59 -9.03
C ALA A 111 3.86 45.39 -7.95
N ASP A 1 -15.58 13.39 -10.04
CA ASP A 1 -14.94 12.33 -9.22
C ASP A 1 -14.36 11.23 -10.13
N ARG A 2 -15.26 10.60 -10.86
CA ARG A 2 -14.91 9.50 -11.79
C ARG A 2 -14.19 8.38 -11.02
N ILE A 3 -14.99 7.51 -10.46
CA ILE A 3 -14.47 6.35 -9.66
C ILE A 3 -14.10 5.18 -10.61
N CYS A 4 -13.26 5.50 -11.57
CA CYS A 4 -12.82 4.47 -12.55
C CYS A 4 -11.59 3.69 -12.08
N THR A 5 -11.75 3.13 -10.90
CA THR A 5 -10.69 2.31 -10.26
C THR A 5 -10.85 0.86 -10.70
N ASN A 6 -9.86 0.07 -10.36
CA ASN A 6 -9.91 -1.37 -10.73
C ASN A 6 -8.93 -2.24 -9.92
N CYS A 7 -9.43 -3.37 -9.49
CA CYS A 7 -8.66 -4.37 -8.69
C CYS A 7 -7.41 -4.91 -9.41
N CYS A 8 -7.50 -4.97 -10.71
CA CYS A 8 -6.39 -5.47 -11.54
C CYS A 8 -5.19 -4.53 -11.54
N ALA A 9 -5.44 -3.33 -11.99
CA ALA A 9 -4.32 -2.34 -12.04
C ALA A 9 -4.01 -1.83 -10.61
N GLY A 10 -4.57 -0.70 -10.24
CA GLY A 10 -4.33 -0.12 -8.90
C GLY A 10 -2.84 0.00 -8.58
N THR A 11 -2.48 -0.55 -7.45
CA THR A 11 -1.06 -0.53 -6.96
C THR A 11 -0.81 -1.76 -6.08
N LYS A 12 0.11 -2.59 -6.50
CA LYS A 12 0.44 -3.82 -5.72
C LYS A 12 1.10 -3.42 -4.40
N GLY A 13 0.25 -3.26 -3.42
CA GLY A 13 0.68 -2.87 -2.05
C GLY A 13 -0.54 -2.37 -1.27
N CYS A 14 -1.46 -1.74 -1.98
CA CYS A 14 -2.69 -1.21 -1.33
C CYS A 14 -3.88 -2.10 -1.70
N LYS A 15 -4.59 -2.46 -0.67
CA LYS A 15 -5.78 -3.35 -0.81
C LYS A 15 -7.00 -2.59 -1.32
N TYR A 16 -7.19 -2.57 -2.63
CA TYR A 16 -8.37 -1.85 -3.20
C TYR A 16 -9.59 -2.52 -2.60
N PHE A 17 -10.32 -1.66 -1.94
CA PHE A 17 -11.56 -2.02 -1.23
C PHE A 17 -12.74 -1.12 -1.60
N SER A 18 -13.86 -1.76 -1.55
CA SER A 18 -15.17 -1.12 -1.88
C SER A 18 -15.77 -0.35 -0.70
N ASP A 19 -16.25 0.81 -1.04
CA ASP A 19 -16.90 1.77 -0.09
C ASP A 19 -18.02 1.15 0.75
N ASP A 20 -18.68 0.16 0.18
CA ASP A 20 -19.80 -0.54 0.89
C ASP A 20 -19.35 -1.17 2.22
N GLY A 21 -18.06 -1.25 2.38
CA GLY A 21 -17.45 -1.83 3.61
C GLY A 21 -17.03 -3.27 3.30
N THR A 22 -16.58 -3.49 2.09
CA THR A 22 -16.13 -4.85 1.67
C THR A 22 -14.82 -4.75 0.88
N PHE A 23 -13.88 -5.59 1.23
CA PHE A 23 -12.56 -5.60 0.52
C PHE A 23 -12.75 -6.26 -0.84
N VAL A 24 -12.07 -5.71 -1.82
CA VAL A 24 -12.15 -6.25 -3.21
C VAL A 24 -10.86 -7.06 -3.41
N CYS A 25 -9.77 -6.38 -3.69
CA CYS A 25 -8.46 -7.07 -3.91
C CYS A 25 -7.33 -6.03 -3.94
N GLU A 26 -6.10 -6.49 -3.83
CA GLU A 26 -4.94 -5.54 -3.86
C GLU A 26 -4.63 -5.21 -5.33
N GLY A 27 -3.93 -4.14 -5.57
CA GLY A 27 -3.60 -3.78 -6.99
C GLY A 27 -2.78 -4.94 -7.57
N GLU A 28 -3.27 -5.55 -8.62
CA GLU A 28 -2.49 -6.68 -9.22
C GLU A 28 -1.47 -6.16 -10.23
N SER A 29 -1.13 -4.90 -10.07
CA SER A 29 -0.14 -4.23 -10.96
C SER A 29 0.77 -3.34 -10.11
N ASP A 30 2.01 -3.74 -10.04
CA ASP A 30 3.03 -2.98 -9.26
C ASP A 30 3.51 -1.80 -10.13
N PRO A 31 3.77 -0.65 -9.53
CA PRO A 31 4.32 0.54 -10.26
C PRO A 31 5.79 0.33 -10.70
N ARG A 32 5.91 -0.57 -11.65
CA ARG A 32 7.22 -0.98 -12.25
C ARG A 32 6.91 -1.65 -13.60
N ASN A 33 5.86 -2.44 -13.62
CA ASN A 33 5.48 -3.13 -14.89
C ASN A 33 4.92 -2.14 -15.93
N PRO A 34 5.07 -2.45 -17.21
CA PRO A 34 4.56 -1.58 -18.31
C PRO A 34 3.02 -1.59 -18.38
N LYS A 35 2.51 -0.66 -19.15
CA LYS A 35 1.03 -0.45 -19.38
C LYS A 35 0.13 -0.64 -18.14
N ALA A 36 -1.14 -0.80 -18.40
CA ALA A 36 -2.16 -0.98 -17.32
C ALA A 36 -3.18 -2.04 -17.74
N CYS A 37 -4.11 -2.29 -16.85
CA CYS A 37 -5.18 -3.30 -17.11
C CYS A 37 -6.31 -2.76 -18.00
N THR A 38 -7.26 -3.64 -18.23
CA THR A 38 -8.45 -3.34 -19.08
C THR A 38 -9.72 -3.78 -18.32
N LEU A 39 -9.65 -3.69 -17.01
CA LEU A 39 -10.81 -4.09 -16.14
C LEU A 39 -11.86 -2.95 -16.09
N ASN A 40 -11.55 -1.87 -16.78
CA ASN A 40 -12.45 -0.68 -16.86
C ASN A 40 -12.79 -0.05 -15.49
N CYS A 41 -13.66 0.93 -15.55
CA CYS A 41 -14.13 1.66 -14.34
C CYS A 41 -14.83 0.70 -13.35
N ASP A 42 -14.48 0.82 -12.09
CA ASP A 42 -15.11 -0.05 -11.04
C ASP A 42 -15.65 0.83 -9.90
N PRO A 43 -16.85 1.34 -10.07
CA PRO A 43 -17.56 2.14 -9.02
C PRO A 43 -17.60 1.41 -7.67
N ARG A 44 -17.52 0.10 -7.74
CA ARG A 44 -17.56 -0.72 -6.49
C ARG A 44 -16.37 -0.31 -5.63
N ILE A 45 -15.21 -0.30 -6.23
CA ILE A 45 -13.99 0.10 -5.45
C ILE A 45 -14.09 1.56 -5.04
N ALA A 46 -13.40 1.82 -3.97
CA ALA A 46 -13.34 3.18 -3.37
C ALA A 46 -11.88 3.62 -3.25
N TYR A 47 -11.12 2.84 -2.51
CA TYR A 47 -9.67 3.15 -2.31
C TYR A 47 -8.89 1.95 -1.79
N GLY A 48 -7.61 2.02 -2.06
CA GLY A 48 -6.66 0.94 -1.65
C GLY A 48 -6.09 1.15 -0.26
N VAL A 49 -6.59 0.39 0.68
CA VAL A 49 -6.09 0.50 2.07
C VAL A 49 -4.78 -0.30 2.23
N CYS A 50 -3.67 0.40 2.18
CA CYS A 50 -2.34 -0.26 2.33
C CYS A 50 -2.06 -0.53 3.82
N PRO A 51 -1.75 -1.76 4.19
CA PRO A 51 -1.28 -2.09 5.57
C PRO A 51 0.14 -1.52 5.75
N ARG A 52 1.02 -2.00 4.91
CA ARG A 52 2.44 -1.56 4.94
C ARG A 52 3.04 -1.92 3.57
N SER A 53 3.29 -0.91 2.78
CA SER A 53 3.88 -1.13 1.41
C SER A 53 4.49 0.16 0.86
N GLU A 54 5.40 -0.01 -0.07
CA GLU A 54 6.12 1.11 -0.75
C GLU A 54 7.04 1.86 0.23
N GLU A 55 8.21 2.18 -0.26
CA GLU A 55 9.23 2.89 0.56
C GLU A 55 10.08 3.76 -0.38
N LYS A 56 10.04 5.04 -0.15
CA LYS A 56 10.80 6.04 -0.97
C LYS A 56 10.44 5.97 -2.47
N LYS A 57 9.45 6.74 -2.85
CA LYS A 57 9.00 6.77 -4.28
C LYS A 57 9.69 7.92 -5.02
N ASN A 58 9.87 9.01 -4.32
CA ASN A 58 10.53 10.24 -4.88
C ASN A 58 11.27 10.92 -3.73
N ASP A 59 12.47 10.45 -3.50
CA ASP A 59 13.34 11.00 -2.41
C ASP A 59 14.80 10.76 -2.80
N ARG A 60 15.13 9.49 -2.85
CA ARG A 60 16.51 9.05 -3.22
C ARG A 60 16.66 8.94 -4.75
N ILE A 61 15.96 9.81 -5.45
CA ILE A 61 15.99 9.82 -6.94
C ILE A 61 17.19 10.67 -7.44
N CYS A 62 18.31 10.48 -6.77
CA CYS A 62 19.55 11.22 -7.14
C CYS A 62 20.32 10.44 -8.21
N THR A 63 19.60 10.21 -9.27
CA THR A 63 20.11 9.46 -10.45
C THR A 63 20.75 10.42 -11.45
N ASN A 64 21.28 9.83 -12.48
CA ASN A 64 21.94 10.60 -13.58
C ASN A 64 22.06 9.76 -14.86
N CYS A 65 22.69 10.33 -15.86
CA CYS A 65 22.87 9.63 -17.16
C CYS A 65 24.21 8.86 -17.19
N CYS A 66 25.08 9.28 -16.31
CA CYS A 66 26.44 8.69 -16.16
C CYS A 66 26.44 7.41 -15.30
N ALA A 67 26.05 7.56 -14.07
CA ALA A 67 26.01 6.38 -13.13
C ALA A 67 24.65 5.67 -13.15
N GLY A 68 24.31 5.17 -14.31
CA GLY A 68 23.02 4.44 -14.52
C GLY A 68 23.33 3.06 -15.13
N THR A 69 23.06 2.91 -16.41
CA THR A 69 23.34 1.60 -17.08
C THR A 69 23.56 1.70 -18.62
N LYS A 70 24.80 1.45 -19.01
CA LYS A 70 25.18 1.51 -20.45
C LYS A 70 24.43 0.38 -21.17
N GLY A 71 23.41 0.78 -21.88
CA GLY A 71 22.57 -0.20 -22.65
C GLY A 71 21.09 0.21 -22.62
N CYS A 72 20.79 1.27 -21.89
CA CYS A 72 19.37 1.73 -21.81
C CYS A 72 19.28 3.19 -22.24
N LYS A 73 18.10 3.57 -22.68
CA LYS A 73 17.87 4.95 -23.14
C LYS A 73 17.12 5.71 -22.06
N TYR A 74 17.88 6.41 -21.24
CA TYR A 74 17.29 7.21 -20.12
C TYR A 74 16.07 7.99 -20.62
N PHE A 75 15.06 7.98 -19.80
CA PHE A 75 13.79 8.67 -20.14
C PHE A 75 13.18 9.34 -18.90
N SER A 76 12.34 10.30 -19.19
CA SER A 76 11.65 11.09 -18.14
C SER A 76 10.12 11.05 -18.16
N ASP A 77 9.64 11.05 -16.94
CA ASP A 77 8.18 11.02 -16.57
C ASP A 77 7.35 12.06 -17.33
N ASP A 78 8.02 13.09 -17.77
CA ASP A 78 7.36 14.19 -18.54
C ASP A 78 6.80 13.67 -19.89
N GLY A 79 7.02 12.41 -20.14
CA GLY A 79 6.56 11.76 -21.40
C GLY A 79 7.55 12.04 -22.52
N THR A 80 8.80 12.21 -22.15
CA THR A 80 9.86 12.50 -23.15
C THR A 80 11.19 11.84 -22.79
N PHE A 81 11.94 11.59 -23.83
CA PHE A 81 13.29 10.95 -23.72
C PHE A 81 14.27 11.87 -22.96
N VAL A 82 15.37 11.30 -22.55
CA VAL A 82 16.41 12.06 -21.79
C VAL A 82 17.81 11.91 -22.41
N CYS A 83 18.36 10.73 -22.34
CA CYS A 83 19.73 10.50 -22.90
C CYS A 83 20.00 8.99 -23.10
N GLU A 84 21.19 8.68 -23.56
CA GLU A 84 21.62 7.26 -23.79
C GLU A 84 22.42 6.73 -22.59
N GLY A 85 22.48 5.42 -22.44
CA GLY A 85 23.22 4.79 -21.32
C GLY A 85 24.71 5.19 -21.32
N GLU A 86 25.12 6.04 -20.42
CA GLU A 86 26.57 6.46 -20.38
C GLU A 86 27.19 5.91 -19.09
N SER A 87 26.77 4.72 -18.76
CA SER A 87 27.26 4.02 -17.53
C SER A 87 28.03 2.76 -17.92
N ASP A 88 29.11 2.99 -18.62
CA ASP A 88 29.99 1.89 -19.10
C ASP A 88 30.95 1.43 -17.96
N PRO A 89 30.79 0.22 -17.49
CA PRO A 89 31.58 -0.28 -16.33
C PRO A 89 33.07 -0.38 -16.65
N ARG A 90 33.38 -0.37 -17.93
CA ARG A 90 34.81 -0.47 -18.36
C ARG A 90 35.59 0.83 -18.09
N ASN A 91 34.94 1.97 -18.14
CA ASN A 91 35.69 3.23 -17.89
C ASN A 91 35.78 3.52 -16.37
N PRO A 92 36.97 3.83 -15.89
CA PRO A 92 37.16 4.49 -14.58
C PRO A 92 36.93 6.00 -14.75
N LYS A 93 35.67 6.35 -14.94
CA LYS A 93 35.31 7.79 -15.14
C LYS A 93 33.88 8.05 -14.62
N ALA A 94 33.67 9.29 -14.26
CA ALA A 94 32.35 9.76 -13.71
C ALA A 94 31.94 11.05 -14.44
N CYS A 95 30.87 11.66 -13.98
CA CYS A 95 30.39 12.93 -14.61
C CYS A 95 29.70 13.80 -13.54
N PRO A 96 29.72 15.11 -13.70
CA PRO A 96 28.95 16.05 -12.82
C PRO A 96 27.46 16.01 -13.20
N ARG A 97 26.70 15.25 -12.45
CA ARG A 97 25.23 15.11 -12.69
C ARG A 97 24.56 14.93 -11.31
N ASN A 98 24.81 15.90 -10.48
CA ASN A 98 24.26 15.91 -9.09
C ASN A 98 22.73 15.79 -9.00
N CYS A 99 22.30 14.57 -8.77
CA CYS A 99 20.85 14.19 -8.62
C CYS A 99 19.91 14.58 -9.79
N ASP A 100 19.14 13.60 -10.25
CA ASP A 100 18.18 13.85 -11.38
C ASP A 100 16.75 13.38 -10.99
N PRO A 101 16.06 14.16 -10.18
CA PRO A 101 14.63 13.90 -9.84
C PRO A 101 13.73 13.98 -11.07
N ARG A 102 14.19 14.72 -12.07
CA ARG A 102 13.41 14.88 -13.32
C ARG A 102 13.31 13.56 -14.12
N ILE A 103 14.19 12.63 -13.87
CA ILE A 103 14.12 11.34 -14.64
C ILE A 103 13.04 10.43 -14.05
N ALA A 104 12.76 9.38 -14.77
CA ALA A 104 11.72 8.38 -14.35
C ALA A 104 12.31 6.97 -14.47
N TYR A 105 12.79 6.68 -15.65
CA TYR A 105 13.40 5.34 -15.93
C TYR A 105 14.05 5.34 -17.31
N GLY A 106 14.81 4.31 -17.55
CA GLY A 106 15.52 4.16 -18.85
C GLY A 106 14.84 3.10 -19.70
N ILE A 107 14.40 3.50 -20.87
CA ILE A 107 13.72 2.54 -21.80
C ILE A 107 14.81 1.70 -22.48
N CYS A 108 15.06 0.56 -21.88
CA CYS A 108 16.09 -0.37 -22.41
C CYS A 108 15.45 -1.15 -23.58
N PRO A 109 16.24 -1.67 -24.50
CA PRO A 109 15.72 -2.35 -25.72
C PRO A 109 14.68 -3.43 -25.37
N LEU A 110 15.02 -4.22 -24.39
CA LEU A 110 14.11 -5.31 -23.93
C LEU A 110 13.00 -4.77 -23.02
N ALA A 111 13.29 -3.69 -22.34
CA ALA A 111 12.29 -3.06 -21.42
C ALA A 111 11.16 -2.37 -22.22
N ASP A 1 -13.94 12.37 -11.30
CA ASP A 1 -14.53 12.27 -9.94
C ASP A 1 -14.93 10.81 -9.67
N ARG A 2 -15.31 10.12 -10.72
CA ARG A 2 -15.73 8.69 -10.61
C ARG A 2 -14.48 7.81 -10.46
N ILE A 3 -14.55 6.91 -9.51
CA ILE A 3 -13.43 5.96 -9.24
C ILE A 3 -13.26 4.93 -10.38
N CYS A 4 -12.53 5.35 -11.38
CA CYS A 4 -12.27 4.48 -12.57
C CYS A 4 -10.96 3.69 -12.40
N THR A 5 -10.89 3.04 -11.27
CA THR A 5 -9.71 2.20 -10.91
C THR A 5 -9.96 0.76 -11.40
N ASN A 6 -9.04 -0.10 -11.03
CA ASN A 6 -9.10 -1.54 -11.40
C ASN A 6 -8.19 -2.32 -10.42
N CYS A 7 -8.02 -3.60 -10.65
CA CYS A 7 -7.16 -4.42 -9.74
C CYS A 7 -5.98 -5.01 -10.52
N CYS A 8 -6.24 -5.31 -11.77
CA CYS A 8 -5.21 -5.90 -12.68
C CYS A 8 -4.08 -4.90 -12.85
N ALA A 9 -4.45 -3.75 -13.37
CA ALA A 9 -3.48 -2.64 -13.60
C ALA A 9 -3.41 -1.75 -12.36
N GLY A 10 -3.84 -2.29 -11.25
CA GLY A 10 -3.84 -1.54 -9.96
C GLY A 10 -2.44 -1.42 -9.35
N THR A 11 -2.41 -1.33 -8.04
CA THR A 11 -1.13 -1.21 -7.28
C THR A 11 -1.07 -2.30 -6.20
N LYS A 12 -0.35 -3.36 -6.50
CA LYS A 12 -0.22 -4.49 -5.52
C LYS A 12 0.21 -4.00 -4.13
N GLY A 13 -0.28 -4.71 -3.14
CA GLY A 13 0.04 -4.37 -1.72
C GLY A 13 -1.14 -3.57 -1.16
N CYS A 14 -1.77 -2.78 -2.00
CA CYS A 14 -2.94 -1.97 -1.55
C CYS A 14 -4.20 -2.78 -1.78
N LYS A 15 -4.78 -3.10 -0.67
CA LYS A 15 -6.02 -3.89 -0.61
C LYS A 15 -7.21 -3.11 -1.16
N TYR A 16 -7.42 -3.21 -2.46
CA TYR A 16 -8.56 -2.50 -3.10
C TYR A 16 -9.80 -2.91 -2.31
N PHE A 17 -10.39 -1.90 -1.77
CA PHE A 17 -11.60 -2.05 -0.93
C PHE A 17 -12.68 -1.03 -1.25
N SER A 18 -13.88 -1.45 -0.95
CA SER A 18 -15.10 -0.61 -1.18
C SER A 18 -15.41 0.19 0.09
N ASP A 19 -15.66 1.45 -0.14
CA ASP A 19 -15.99 2.45 0.93
C ASP A 19 -17.13 2.02 1.86
N ASP A 20 -17.97 1.14 1.37
CA ASP A 20 -19.12 0.63 2.16
C ASP A 20 -18.68 -0.05 3.47
N GLY A 21 -17.39 -0.27 3.58
CA GLY A 21 -16.80 -0.93 4.78
C GLY A 21 -16.54 -2.40 4.49
N THR A 22 -16.27 -2.70 3.24
CA THR A 22 -16.01 -4.11 2.84
C THR A 22 -14.88 -4.18 1.81
N PHE A 23 -14.02 -5.14 1.99
CA PHE A 23 -12.85 -5.36 1.08
C PHE A 23 -13.34 -5.89 -0.28
N VAL A 24 -12.47 -5.76 -1.26
CA VAL A 24 -12.80 -6.23 -2.64
C VAL A 24 -11.68 -7.13 -3.20
N CYS A 25 -10.56 -6.54 -3.55
CA CYS A 25 -9.38 -7.28 -4.11
C CYS A 25 -8.10 -6.52 -3.70
N GLU A 26 -6.98 -6.90 -4.26
CA GLU A 26 -5.68 -6.24 -3.95
C GLU A 26 -4.97 -6.07 -5.30
N GLY A 27 -4.20 -5.01 -5.44
CA GLY A 27 -3.48 -4.76 -6.73
C GLY A 27 -2.68 -5.96 -7.26
N GLU A 28 -2.44 -5.90 -8.55
CA GLU A 28 -1.67 -6.96 -9.28
C GLU A 28 -0.43 -6.37 -9.96
N SER A 29 -0.55 -5.14 -10.40
CA SER A 29 0.59 -4.46 -11.08
C SER A 29 1.39 -3.60 -10.11
N ASP A 30 2.68 -3.77 -10.15
CA ASP A 30 3.59 -2.99 -9.26
C ASP A 30 3.80 -1.59 -9.89
N PRO A 31 3.91 -0.56 -9.08
CA PRO A 31 4.27 0.82 -9.57
C PRO A 31 5.67 0.85 -10.22
N ARG A 32 5.71 0.30 -11.40
CA ARG A 32 6.93 0.19 -12.25
C ARG A 32 6.46 -0.11 -13.67
N ASN A 33 5.57 -1.08 -13.78
CA ASN A 33 5.03 -1.46 -15.12
C ASN A 33 3.76 -0.65 -15.46
N PRO A 34 3.79 0.11 -16.54
CA PRO A 34 2.60 0.85 -17.05
C PRO A 34 1.67 -0.06 -17.87
N LYS A 35 1.33 -1.20 -17.31
CA LYS A 35 0.44 -2.15 -18.02
C LYS A 35 -1.01 -1.64 -17.99
N ALA A 36 -1.57 -1.51 -19.16
CA ALA A 36 -2.97 -1.02 -19.31
C ALA A 36 -3.94 -2.18 -19.50
N CYS A 37 -4.54 -2.59 -18.40
CA CYS A 37 -5.52 -3.72 -18.41
C CYS A 37 -6.88 -3.18 -18.90
N THR A 38 -7.18 -2.00 -18.45
CA THR A 38 -8.45 -1.29 -18.79
C THR A 38 -9.69 -2.11 -18.36
N LEU A 39 -9.99 -2.01 -17.09
CA LEU A 39 -11.17 -2.75 -16.53
C LEU A 39 -12.44 -1.92 -16.77
N ASN A 40 -12.30 -0.86 -17.54
CA ASN A 40 -13.42 0.07 -17.89
C ASN A 40 -14.10 0.59 -16.60
N CYS A 41 -13.26 1.20 -15.79
CA CYS A 41 -13.65 1.80 -14.47
C CYS A 41 -14.23 0.79 -13.46
N ASP A 42 -13.74 0.86 -12.24
CA ASP A 42 -14.23 -0.07 -11.18
C ASP A 42 -14.95 0.72 -10.07
N PRO A 43 -16.24 0.96 -10.24
CA PRO A 43 -17.12 1.51 -9.16
C PRO A 43 -17.24 0.55 -7.97
N ARG A 44 -16.89 -0.69 -8.20
CA ARG A 44 -16.97 -1.72 -7.12
C ARG A 44 -15.89 -1.44 -6.05
N ILE A 45 -14.99 -0.54 -6.38
CA ILE A 45 -13.88 -0.16 -5.46
C ILE A 45 -13.94 1.32 -5.13
N ALA A 46 -13.27 1.60 -4.04
CA ALA A 46 -13.18 3.00 -3.50
C ALA A 46 -11.70 3.40 -3.48
N TYR A 47 -10.92 2.59 -2.82
CA TYR A 47 -9.45 2.84 -2.71
C TYR A 47 -8.67 1.63 -2.18
N GLY A 48 -7.43 1.60 -2.57
CA GLY A 48 -6.49 0.52 -2.18
C GLY A 48 -5.89 0.73 -0.79
N VAL A 49 -6.41 0.00 0.17
CA VAL A 49 -5.93 0.11 1.57
C VAL A 49 -4.61 -0.69 1.79
N CYS A 50 -3.49 -0.04 1.60
CA CYS A 50 -2.17 -0.73 1.80
C CYS A 50 -1.86 -0.77 3.31
N PRO A 51 -1.70 -1.95 3.89
CA PRO A 51 -1.54 -2.10 5.36
C PRO A 51 -0.17 -1.58 5.79
N ARG A 52 0.85 -2.19 5.23
CA ARG A 52 2.26 -1.80 5.54
C ARG A 52 2.64 -0.56 4.73
N SER A 53 3.15 0.42 5.44
CA SER A 53 3.59 1.73 4.86
C SER A 53 2.58 2.32 3.85
N GLU A 54 3.05 3.20 3.01
CA GLU A 54 2.17 3.84 1.98
C GLU A 54 1.78 2.80 0.93
N GLU A 55 2.78 2.12 0.39
CA GLU A 55 2.58 1.07 -0.64
C GLU A 55 3.94 0.49 -1.06
N LYS A 56 3.89 -0.35 -2.07
CA LYS A 56 5.15 -0.99 -2.60
C LYS A 56 6.02 0.16 -3.11
N LYS A 57 7.28 0.12 -2.74
CA LYS A 57 8.27 1.18 -3.15
C LYS A 57 7.63 2.57 -3.13
N ASN A 58 6.97 2.77 -2.01
CA ASN A 58 6.21 4.02 -1.63
C ASN A 58 6.33 5.24 -2.55
N ASP A 59 5.18 5.74 -2.95
CA ASP A 59 5.11 6.93 -3.86
C ASP A 59 5.36 8.24 -3.09
N ARG A 60 6.15 8.15 -2.04
CA ARG A 60 6.52 9.31 -1.16
C ARG A 60 5.28 9.79 -0.38
N ILE A 61 5.51 10.08 0.87
CA ILE A 61 4.45 10.57 1.80
C ILE A 61 3.46 11.56 1.15
N CYS A 62 2.35 11.02 0.68
CA CYS A 62 1.32 11.86 0.02
C CYS A 62 0.15 12.20 0.95
N THR A 63 0.54 12.36 2.18
CA THR A 63 -0.37 12.68 3.30
C THR A 63 -0.39 14.22 3.40
N ASN A 64 -1.56 14.79 3.61
CA ASN A 64 -1.66 16.28 3.73
C ASN A 64 -2.95 16.71 4.44
N CYS A 65 -2.87 17.83 5.10
CA CYS A 65 -4.00 18.43 5.86
C CYS A 65 -5.23 18.75 4.99
N CYS A 66 -4.98 19.03 3.74
CA CYS A 66 -6.09 19.36 2.80
C CYS A 66 -6.80 18.12 2.29
N ALA A 67 -6.08 17.36 1.49
CA ALA A 67 -6.64 16.10 0.90
C ALA A 67 -6.38 14.92 1.86
N GLY A 68 -6.65 15.19 3.11
CA GLY A 68 -6.46 14.15 4.16
C GLY A 68 -7.68 13.24 4.28
N THR A 69 -7.97 12.85 5.50
CA THR A 69 -9.13 11.96 5.80
C THR A 69 -9.83 12.42 7.08
N LYS A 70 -11.07 12.83 6.93
CA LYS A 70 -11.89 13.29 8.10
C LYS A 70 -12.03 12.15 9.11
N GLY A 71 -11.18 12.19 10.10
CA GLY A 71 -11.18 11.15 11.18
C GLY A 71 -9.83 11.09 11.88
N CYS A 72 -8.81 11.63 11.24
CA CYS A 72 -7.43 11.65 11.82
C CYS A 72 -6.89 13.07 11.88
N LYS A 73 -5.95 13.28 12.78
CA LYS A 73 -5.35 14.63 12.94
C LYS A 73 -3.97 14.66 12.29
N TYR A 74 -3.96 15.09 11.06
CA TYR A 74 -2.71 15.18 10.24
C TYR A 74 -1.65 15.95 11.04
N PHE A 75 -0.51 15.33 11.11
CA PHE A 75 0.65 15.89 11.86
C PHE A 75 1.98 15.81 11.09
N SER A 76 2.84 16.74 11.44
CA SER A 76 4.20 16.87 10.84
C SER A 76 5.32 16.55 11.84
N ASP A 77 6.21 15.69 11.41
CA ASP A 77 7.38 15.29 12.26
C ASP A 77 8.24 16.50 12.58
N ASP A 78 8.55 17.19 11.52
CA ASP A 78 9.39 18.42 11.55
C ASP A 78 8.53 19.68 11.72
N GLY A 79 7.31 19.51 12.17
CA GLY A 79 6.43 20.70 12.35
C GLY A 79 5.22 20.42 13.24
N THR A 80 5.36 19.44 14.10
CA THR A 80 4.29 19.02 15.05
C THR A 80 2.89 18.97 14.41
N PHE A 81 1.87 18.93 15.23
CA PHE A 81 0.47 18.88 14.71
C PHE A 81 0.24 19.93 13.62
N VAL A 82 -0.27 19.45 12.51
CA VAL A 82 -0.57 20.31 11.33
C VAL A 82 -2.04 20.70 11.43
N CYS A 83 -2.91 19.77 11.09
CA CYS A 83 -4.38 20.02 11.15
C CYS A 83 -5.10 18.67 11.00
N GLU A 84 -6.39 18.71 10.81
CA GLU A 84 -7.19 17.46 10.64
C GLU A 84 -7.39 17.17 9.14
N GLY A 85 -7.73 15.95 8.82
CA GLY A 85 -7.96 15.59 7.39
C GLY A 85 -9.27 16.28 7.00
N GLU A 86 -9.18 17.33 6.22
CA GLU A 86 -10.41 18.07 5.79
C GLU A 86 -10.98 17.59 4.46
N SER A 87 -10.67 16.35 4.16
CA SER A 87 -11.15 15.72 2.89
C SER A 87 -11.80 14.38 3.23
N ASP A 88 -13.04 14.26 2.81
CA ASP A 88 -13.81 13.01 3.05
C ASP A 88 -13.50 12.03 1.91
N PRO A 89 -13.45 10.74 2.20
CA PRO A 89 -13.48 9.67 1.15
C PRO A 89 -14.81 9.77 0.39
N ARG A 90 -14.81 10.71 -0.51
CA ARG A 90 -15.98 11.03 -1.38
C ARG A 90 -15.45 12.00 -2.43
N ASN A 91 -14.83 13.06 -1.95
CA ASN A 91 -14.25 14.12 -2.83
C ASN A 91 -12.77 13.81 -3.17
N PRO A 92 -12.46 13.58 -4.42
CA PRO A 92 -11.05 13.47 -4.91
C PRO A 92 -10.50 14.88 -5.20
N LYS A 93 -10.66 15.75 -4.24
CA LYS A 93 -10.17 17.16 -4.38
C LYS A 93 -8.92 17.40 -3.52
N ALA A 94 -8.11 18.33 -3.96
CA ALA A 94 -6.86 18.68 -3.23
C ALA A 94 -6.44 20.13 -3.48
N CYS A 95 -5.71 20.66 -2.54
CA CYS A 95 -5.21 22.07 -2.60
C CYS A 95 -3.90 22.09 -3.42
N PRO A 96 -3.31 23.26 -3.57
CA PRO A 96 -1.83 23.39 -3.69
C PRO A 96 -1.14 22.90 -2.38
N ARG A 97 -1.29 21.63 -2.14
CA ARG A 97 -0.71 20.96 -0.93
C ARG A 97 -0.65 19.45 -1.27
N ASN A 98 -0.55 19.17 -2.54
CA ASN A 98 -0.49 17.76 -3.04
C ASN A 98 0.74 17.06 -2.44
N CYS A 99 0.47 16.04 -1.67
CA CYS A 99 1.53 15.22 -1.00
C CYS A 99 2.48 16.12 -0.19
N ASP A 100 2.09 16.39 1.04
CA ASP A 100 2.93 17.25 1.94
C ASP A 100 4.23 16.54 2.38
N PRO A 101 5.37 16.95 1.88
CA PRO A 101 6.65 16.21 2.11
C PRO A 101 7.07 16.33 3.58
N ARG A 102 6.86 17.50 4.11
CA ARG A 102 7.19 17.81 5.52
C ARG A 102 6.29 17.12 6.54
N ILE A 103 5.20 16.55 6.10
CA ILE A 103 4.28 15.87 7.08
C ILE A 103 4.92 14.55 7.54
N ALA A 104 4.25 13.87 8.43
CA ALA A 104 4.76 12.57 8.96
C ALA A 104 3.65 11.53 8.98
N TYR A 105 2.63 11.84 9.73
CA TYR A 105 1.46 10.91 9.86
C TYR A 105 0.30 11.62 10.55
N GLY A 106 -0.84 10.98 10.46
CA GLY A 106 -2.08 11.52 11.07
C GLY A 106 -2.34 10.84 12.40
N ILE A 107 -2.29 11.62 13.46
CA ILE A 107 -2.52 11.08 14.83
C ILE A 107 -4.04 10.93 14.96
N CYS A 108 -4.49 9.74 14.64
CA CYS A 108 -5.95 9.42 14.70
C CYS A 108 -6.33 9.12 16.18
N PRO A 109 -7.25 9.87 16.74
CA PRO A 109 -7.68 9.69 18.15
C PRO A 109 -8.38 8.33 18.32
N LEU A 110 -7.90 7.56 19.27
CA LEU A 110 -8.49 6.22 19.54
C LEU A 110 -9.76 6.47 20.37
N ALA A 111 -10.89 6.36 19.69
CA ALA A 111 -12.23 6.57 20.32
C ALA A 111 -12.36 7.99 20.95
N ASP A 1 -15.94 11.25 -6.96
CA ASP A 1 -16.15 11.35 -8.43
C ASP A 1 -14.91 10.79 -9.16
N ARG A 2 -15.16 10.35 -10.38
CA ARG A 2 -14.09 9.76 -11.25
C ARG A 2 -13.42 8.61 -10.47
N ILE A 3 -14.22 7.60 -10.23
CA ILE A 3 -13.74 6.39 -9.49
C ILE A 3 -13.19 5.35 -10.47
N CYS A 4 -12.29 5.79 -11.33
CA CYS A 4 -11.71 4.83 -12.32
C CYS A 4 -10.54 3.99 -11.78
N THR A 5 -10.76 3.56 -10.57
CA THR A 5 -9.79 2.73 -9.83
C THR A 5 -10.11 1.25 -10.07
N ASN A 6 -9.23 0.56 -10.75
CA ASN A 6 -9.45 -0.90 -11.04
C ASN A 6 -8.35 -1.69 -10.32
N CYS A 7 -8.40 -3.00 -10.39
CA CYS A 7 -7.36 -3.81 -9.70
C CYS A 7 -5.98 -3.79 -10.39
N CYS A 8 -6.03 -3.58 -11.68
CA CYS A 8 -4.80 -3.53 -12.53
C CYS A 8 -4.06 -2.20 -12.46
N ALA A 9 -4.71 -1.16 -12.92
CA ALA A 9 -4.09 0.21 -12.91
C ALA A 9 -4.35 1.00 -11.62
N GLY A 10 -4.71 0.31 -10.57
CA GLY A 10 -4.98 0.99 -9.26
C GLY A 10 -3.69 1.25 -8.47
N THR A 11 -3.54 0.55 -7.37
CA THR A 11 -2.32 0.69 -6.49
C THR A 11 -1.80 -0.68 -6.00
N LYS A 12 -0.64 -1.06 -6.48
CA LYS A 12 -0.04 -2.36 -6.08
C LYS A 12 0.25 -2.39 -4.58
N GLY A 13 0.18 -3.58 -4.04
CA GLY A 13 0.43 -3.79 -2.59
C GLY A 13 -0.77 -3.34 -1.73
N CYS A 14 -1.73 -2.67 -2.35
CA CYS A 14 -2.92 -2.22 -1.55
C CYS A 14 -4.10 -3.14 -1.85
N LYS A 15 -4.65 -3.62 -0.77
CA LYS A 15 -5.80 -4.56 -0.85
C LYS A 15 -7.03 -3.78 -1.32
N TYR A 16 -7.26 -3.77 -2.62
CA TYR A 16 -8.44 -3.05 -3.19
C TYR A 16 -9.67 -3.38 -2.34
N PHE A 17 -10.35 -2.34 -1.99
CA PHE A 17 -11.56 -2.49 -1.15
C PHE A 17 -12.65 -1.48 -1.50
N SER A 18 -13.85 -1.95 -1.27
CA SER A 18 -15.09 -1.16 -1.53
C SER A 18 -15.60 -0.45 -0.26
N ASP A 19 -15.93 0.80 -0.47
CA ASP A 19 -16.45 1.72 0.60
C ASP A 19 -17.62 1.15 1.39
N ASP A 20 -18.33 0.23 0.78
CA ASP A 20 -19.50 -0.43 1.43
C ASP A 20 -19.12 -1.15 2.74
N GLY A 21 -17.83 -1.24 2.96
CA GLY A 21 -17.29 -1.91 4.18
C GLY A 21 -16.91 -3.35 3.85
N THR A 22 -16.54 -3.58 2.61
CA THR A 22 -16.14 -4.93 2.16
C THR A 22 -14.95 -4.86 1.20
N PHE A 23 -14.09 -5.83 1.33
CA PHE A 23 -12.86 -5.95 0.49
C PHE A 23 -13.21 -6.30 -0.97
N VAL A 24 -12.24 -6.19 -1.84
CA VAL A 24 -12.45 -6.49 -3.29
C VAL A 24 -11.34 -7.39 -3.88
N CYS A 25 -10.17 -6.84 -4.12
CA CYS A 25 -9.03 -7.65 -4.69
C CYS A 25 -7.66 -7.14 -4.15
N GLU A 26 -6.58 -7.70 -4.65
CA GLU A 26 -5.20 -7.30 -4.19
C GLU A 26 -4.46 -6.40 -5.20
N GLY A 27 -3.71 -5.46 -4.67
CA GLY A 27 -2.90 -4.48 -5.46
C GLY A 27 -2.12 -5.08 -6.64
N GLU A 28 -2.58 -4.85 -7.85
CA GLU A 28 -1.89 -5.38 -9.06
C GLU A 28 -1.53 -4.19 -9.97
N SER A 29 -1.14 -3.10 -9.35
CA SER A 29 -0.76 -1.86 -10.11
C SER A 29 0.67 -1.44 -9.78
N ASP A 30 1.59 -2.28 -10.17
CA ASP A 30 3.04 -2.04 -9.93
C ASP A 30 3.60 -1.23 -11.12
N PRO A 31 4.51 -0.30 -10.88
CA PRO A 31 5.18 0.46 -11.98
C PRO A 31 5.91 -0.43 -13.02
N ARG A 32 5.95 -1.71 -12.80
CA ARG A 32 6.64 -2.65 -13.74
C ARG A 32 5.68 -3.27 -14.76
N ASN A 33 4.41 -3.41 -14.43
CA ASN A 33 3.46 -4.02 -15.42
C ASN A 33 3.27 -3.12 -16.66
N PRO A 34 3.56 -3.65 -17.84
CA PRO A 34 3.38 -2.89 -19.12
C PRO A 34 1.89 -2.83 -19.48
N LYS A 35 1.39 -1.63 -19.65
CA LYS A 35 -0.04 -1.38 -20.00
C LYS A 35 -1.04 -1.87 -18.93
N ALA A 36 -2.22 -1.34 -18.99
CA ALA A 36 -3.30 -1.70 -18.02
C ALA A 36 -3.95 -3.04 -18.44
N CYS A 37 -5.07 -3.35 -17.83
CA CYS A 37 -5.81 -4.61 -18.14
C CYS A 37 -7.29 -4.31 -18.43
N THR A 38 -7.91 -5.26 -19.09
CA THR A 38 -9.36 -5.17 -19.47
C THR A 38 -9.77 -3.77 -19.98
N LEU A 39 -10.46 -3.01 -19.17
CA LEU A 39 -10.91 -1.64 -19.56
C LEU A 39 -10.84 -0.65 -18.39
N ASN A 40 -10.32 -1.11 -17.29
CA ASN A 40 -10.19 -0.27 -16.07
C ASN A 40 -11.51 0.31 -15.54
N CYS A 41 -11.34 1.13 -14.54
CA CYS A 41 -12.46 1.83 -13.84
C CYS A 41 -13.46 0.86 -13.19
N ASP A 42 -13.32 0.69 -11.89
CA ASP A 42 -14.23 -0.23 -11.14
C ASP A 42 -14.95 0.58 -10.04
N PRO A 43 -16.20 0.94 -10.28
CA PRO A 43 -16.99 1.80 -9.34
C PRO A 43 -17.14 1.15 -7.96
N ARG A 44 -17.19 -0.16 -7.95
CA ARG A 44 -17.33 -0.90 -6.66
C ARG A 44 -16.18 -0.53 -5.73
N ILE A 45 -15.01 -0.41 -6.30
CA ILE A 45 -13.82 -0.04 -5.48
C ILE A 45 -13.92 1.42 -5.05
N ALA A 46 -13.29 1.64 -3.92
CA ALA A 46 -13.23 2.98 -3.28
C ALA A 46 -11.74 3.34 -3.18
N TYR A 47 -11.03 2.40 -2.61
CA TYR A 47 -9.56 2.54 -2.41
C TYR A 47 -8.99 1.21 -1.91
N GLY A 48 -7.70 1.09 -2.12
CA GLY A 48 -6.97 -0.13 -1.70
C GLY A 48 -6.30 0.13 -0.37
N VAL A 49 -6.62 -0.71 0.60
CA VAL A 49 -6.03 -0.56 1.95
C VAL A 49 -4.72 -1.37 2.06
N CYS A 50 -3.63 -0.65 1.96
CA CYS A 50 -2.27 -1.28 2.05
C CYS A 50 -1.93 -1.53 3.54
N PRO A 51 -0.94 -2.34 3.82
CA PRO A 51 -0.42 -2.54 5.20
C PRO A 51 0.03 -1.21 5.82
N ARG A 52 -0.01 -1.17 7.13
CA ARG A 52 0.40 0.07 7.88
C ARG A 52 1.92 0.13 7.98
N SER A 53 2.47 1.14 7.36
CA SER A 53 3.95 1.34 7.37
C SER A 53 4.42 1.67 8.79
N GLU A 54 5.64 1.27 9.09
CA GLU A 54 6.22 1.52 10.45
C GLU A 54 7.75 1.57 10.35
N GLU A 55 8.31 2.59 10.94
CA GLU A 55 9.79 2.76 10.94
C GLU A 55 10.39 2.44 12.31
N LYS A 56 10.55 1.16 12.53
CA LYS A 56 11.12 0.67 13.81
C LYS A 56 12.65 0.67 13.73
N LYS A 57 13.18 -0.26 12.96
CA LYS A 57 14.66 -0.37 12.79
C LYS A 57 14.97 -1.16 11.51
N ASN A 58 16.10 -0.84 10.93
CA ASN A 58 16.57 -1.51 9.67
C ASN A 58 15.48 -1.54 8.58
N ASP A 59 14.68 -0.50 8.57
CA ASP A 59 13.58 -0.38 7.57
C ASP A 59 14.13 -0.27 6.14
N ARG A 60 13.24 -0.43 5.19
CA ARG A 60 13.59 -0.35 3.73
C ARG A 60 14.52 0.84 3.41
N ILE A 61 14.26 1.94 4.07
CA ILE A 61 15.07 3.18 3.87
C ILE A 61 16.49 3.02 4.43
N CYS A 62 17.37 2.48 3.61
CA CYS A 62 18.77 2.28 4.05
C CYS A 62 19.68 3.45 3.64
N THR A 63 19.13 4.61 3.86
CA THR A 63 19.80 5.89 3.53
C THR A 63 20.59 6.36 4.76
N ASN A 64 21.65 7.08 4.52
CA ASN A 64 22.52 7.61 5.62
C ASN A 64 22.69 9.12 5.40
N CYS A 65 23.56 9.72 6.17
CA CYS A 65 23.79 11.18 6.04
C CYS A 65 25.09 11.46 5.25
N CYS A 66 26.03 10.56 5.37
CA CYS A 66 27.34 10.69 4.67
C CYS A 66 27.13 10.71 3.15
N ALA A 67 26.47 9.69 2.68
CA ALA A 67 26.19 9.57 1.21
C ALA A 67 24.86 10.31 0.97
N GLY A 68 24.92 11.59 1.23
CA GLY A 68 23.73 12.47 1.06
C GLY A 68 23.85 13.36 -0.16
N THR A 69 23.89 14.64 0.12
CA THR A 69 24.00 15.71 -0.93
C THR A 69 24.02 17.09 -0.25
N LYS A 70 25.16 17.73 -0.33
CA LYS A 70 25.34 19.08 0.28
C LYS A 70 24.43 20.06 -0.47
N GLY A 71 23.21 20.14 0.02
CA GLY A 71 22.20 21.04 -0.59
C GLY A 71 20.82 20.82 0.03
N CYS A 72 20.53 19.60 0.44
CA CYS A 72 19.18 19.33 1.06
C CYS A 72 19.31 18.99 2.53
N LYS A 73 18.19 19.01 3.18
CA LYS A 73 18.12 18.70 4.64
C LYS A 73 17.43 17.38 4.97
N TYR A 74 18.22 16.37 5.23
CA TYR A 74 17.65 15.02 5.59
C TYR A 74 16.64 15.15 6.72
N PHE A 75 15.61 14.38 6.59
CA PHE A 75 14.51 14.38 7.60
C PHE A 75 13.74 13.06 7.64
N SER A 76 13.08 12.87 8.75
CA SER A 76 12.26 11.64 9.00
C SER A 76 10.76 11.86 8.78
N ASP A 77 10.20 10.90 8.09
CA ASP A 77 8.75 10.83 7.71
C ASP A 77 7.75 11.29 8.79
N ASP A 78 7.96 10.79 9.98
CA ASP A 78 7.10 11.12 11.15
C ASP A 78 6.94 12.63 11.36
N GLY A 79 8.01 13.33 11.09
CA GLY A 79 8.00 14.81 11.25
C GLY A 79 9.18 15.29 12.09
N THR A 80 10.36 14.73 11.85
CA THR A 80 11.54 15.16 12.65
C THR A 80 12.82 15.25 11.80
N PHE A 81 13.33 16.46 11.63
CA PHE A 81 14.59 16.64 10.84
C PHE A 81 15.68 15.71 11.40
N VAL A 82 16.43 15.15 10.49
CA VAL A 82 17.53 14.21 10.86
C VAL A 82 18.90 14.87 10.71
N CYS A 83 19.26 15.22 9.50
CA CYS A 83 20.60 15.87 9.26
C CYS A 83 20.53 16.59 7.91
N GLU A 84 21.68 16.91 7.38
CA GLU A 84 21.81 17.62 6.06
C GLU A 84 22.59 16.66 5.15
N GLY A 85 22.27 16.62 3.87
CA GLY A 85 23.00 15.71 2.93
C GLY A 85 24.48 16.09 2.96
N GLU A 86 25.35 15.10 3.03
CA GLU A 86 26.83 15.39 3.07
C GLU A 86 27.62 15.10 1.78
N SER A 87 27.02 14.49 0.80
CA SER A 87 27.79 14.20 -0.47
C SER A 87 28.05 15.54 -1.20
N ASP A 88 29.23 16.06 -0.97
CA ASP A 88 29.63 17.36 -1.60
C ASP A 88 30.08 17.10 -3.05
N PRO A 89 29.77 18.02 -3.97
CA PRO A 89 30.32 17.99 -5.36
C PRO A 89 31.84 17.73 -5.41
N ARG A 90 32.50 18.02 -4.32
CA ARG A 90 33.98 17.82 -4.20
C ARG A 90 34.26 16.32 -4.37
N ASN A 91 33.58 15.54 -3.58
CA ASN A 91 33.76 14.06 -3.65
C ASN A 91 32.85 13.50 -4.77
N PRO A 92 33.39 12.65 -5.63
CA PRO A 92 32.58 11.78 -6.52
C PRO A 92 32.10 10.56 -5.70
N LYS A 93 31.41 10.87 -4.63
CA LYS A 93 30.84 9.85 -3.68
C LYS A 93 31.97 9.09 -2.96
N ALA A 94 31.95 9.17 -1.66
CA ALA A 94 32.97 8.48 -0.81
C ALA A 94 32.34 8.21 0.56
N CYS A 95 31.38 7.32 0.55
CA CYS A 95 30.66 6.93 1.80
C CYS A 95 30.08 5.50 1.71
N PRO A 96 29.78 4.92 2.85
CA PRO A 96 28.85 3.75 2.94
C PRO A 96 27.40 4.22 2.73
N ARG A 97 26.47 3.42 3.20
CA ARG A 97 25.02 3.75 3.08
C ARG A 97 24.30 3.20 4.32
N ASN A 98 24.84 3.58 5.44
CA ASN A 98 24.32 3.18 6.78
C ASN A 98 22.78 3.36 6.85
N CYS A 99 22.09 2.25 6.96
CA CYS A 99 20.60 2.32 7.02
C CYS A 99 20.13 3.15 8.22
N ASP A 100 19.39 4.18 7.93
CA ASP A 100 18.85 5.08 8.99
C ASP A 100 17.32 4.88 9.03
N PRO A 101 16.85 3.97 9.84
CA PRO A 101 15.42 3.52 9.81
C PRO A 101 14.46 4.69 10.03
N ARG A 102 14.92 5.64 10.80
CA ARG A 102 14.12 6.85 11.12
C ARG A 102 14.01 7.81 9.93
N ILE A 103 15.09 7.97 9.20
CA ILE A 103 15.09 8.90 8.01
C ILE A 103 14.04 8.49 6.97
N ALA A 104 13.75 9.43 6.11
CA ALA A 104 12.75 9.23 5.01
C ALA A 104 13.26 9.88 3.73
N TYR A 105 13.51 11.16 3.84
CA TYR A 105 14.01 11.97 2.68
C TYR A 105 14.54 13.32 3.15
N GLY A 106 15.30 13.93 2.27
CA GLY A 106 15.91 15.26 2.56
C GLY A 106 15.30 16.37 1.70
N ILE A 107 14.64 17.27 2.36
CA ILE A 107 13.98 18.42 1.65
C ILE A 107 14.94 19.63 1.60
N CYS A 108 15.18 20.10 0.41
CA CYS A 108 16.10 21.27 0.23
C CYS A 108 15.33 22.58 0.54
N PRO A 109 16.02 23.57 1.05
CA PRO A 109 15.38 24.86 1.49
C PRO A 109 14.59 25.51 0.36
N LEU A 110 13.50 26.13 0.73
CA LEU A 110 12.62 26.82 -0.26
C LEU A 110 11.81 27.95 0.40
N ALA A 111 11.08 28.67 -0.41
CA ALA A 111 10.25 29.80 0.11
C ALA A 111 9.07 29.27 0.94
N ASP A 1 -15.93 10.75 -10.61
CA ASP A 1 -15.97 10.84 -12.10
C ASP A 1 -14.72 10.18 -12.69
N ARG A 2 -14.93 9.54 -13.82
CA ARG A 2 -13.81 8.83 -14.54
C ARG A 2 -13.06 7.86 -13.61
N ILE A 3 -13.83 7.20 -12.77
CA ILE A 3 -13.27 6.23 -11.79
C ILE A 3 -13.09 4.84 -12.46
N CYS A 4 -12.46 4.86 -13.62
CA CYS A 4 -12.22 3.58 -14.35
C CYS A 4 -10.99 2.78 -13.92
N THR A 5 -10.99 2.47 -12.64
CA THR A 5 -9.89 1.69 -12.01
C THR A 5 -10.22 0.20 -12.04
N ASN A 6 -9.28 -0.56 -11.57
CA ASN A 6 -9.43 -2.05 -11.50
C ASN A 6 -8.38 -2.58 -10.52
N CYS A 7 -8.24 -3.88 -10.43
CA CYS A 7 -7.25 -4.45 -9.47
C CYS A 7 -5.77 -4.37 -9.92
N CYS A 8 -5.55 -4.00 -11.15
CA CYS A 8 -4.15 -3.88 -11.70
C CYS A 8 -3.60 -2.45 -11.54
N ALA A 9 -4.51 -1.53 -11.72
CA ALA A 9 -4.23 -0.06 -11.62
C ALA A 9 -4.05 0.43 -10.16
N GLY A 10 -3.10 -0.17 -9.51
CA GLY A 10 -2.77 0.18 -8.09
C GLY A 10 -1.38 -0.34 -7.74
N THR A 11 -1.31 -1.17 -6.73
CA THR A 11 0.01 -1.74 -6.30
C THR A 11 -0.10 -3.22 -5.91
N LYS A 12 0.69 -4.04 -6.55
CA LYS A 12 0.69 -5.51 -6.27
C LYS A 12 1.25 -5.76 -4.84
N GLY A 13 0.35 -5.71 -3.90
CA GLY A 13 0.71 -5.93 -2.46
C GLY A 13 -0.32 -5.25 -1.53
N CYS A 14 -1.06 -4.31 -2.09
CA CYS A 14 -2.10 -3.57 -1.30
C CYS A 14 -3.43 -4.32 -1.38
N LYS A 15 -4.46 -3.77 -0.77
CA LYS A 15 -5.79 -4.42 -0.80
C LYS A 15 -6.87 -3.41 -1.21
N TYR A 16 -7.28 -3.49 -2.46
CA TYR A 16 -8.34 -2.56 -2.99
C TYR A 16 -9.58 -2.66 -2.11
N PHE A 17 -10.19 -1.52 -1.90
CA PHE A 17 -11.42 -1.45 -1.07
C PHE A 17 -12.37 -0.33 -1.51
N SER A 18 -13.62 -0.58 -1.24
CA SER A 18 -14.74 0.35 -1.56
C SER A 18 -15.22 1.15 -0.33
N ASP A 19 -15.35 2.44 -0.56
CA ASP A 19 -15.79 3.45 0.47
C ASP A 19 -17.00 3.07 1.33
N ASP A 20 -17.90 2.30 0.76
CA ASP A 20 -19.13 1.86 1.50
C ASP A 20 -18.81 1.17 2.83
N GLY A 21 -17.57 0.78 2.97
CA GLY A 21 -17.09 0.09 4.20
C GLY A 21 -16.81 -1.39 3.93
N THR A 22 -16.52 -1.71 2.70
CA THR A 22 -16.24 -3.14 2.33
C THR A 22 -15.01 -3.23 1.43
N PHE A 23 -14.35 -4.34 1.51
CA PHE A 23 -13.13 -4.63 0.70
C PHE A 23 -13.53 -4.93 -0.76
N VAL A 24 -12.55 -4.98 -1.63
CA VAL A 24 -12.81 -5.27 -3.08
C VAL A 24 -11.88 -6.37 -3.64
N CYS A 25 -10.60 -6.09 -3.73
CA CYS A 25 -9.64 -7.10 -4.28
C CYS A 25 -8.24 -6.84 -3.71
N GLU A 26 -7.26 -7.56 -4.22
CA GLU A 26 -5.86 -7.40 -3.75
C GLU A 26 -4.91 -7.15 -4.94
N GLY A 27 -3.94 -6.30 -4.69
CA GLY A 27 -2.89 -5.89 -5.67
C GLY A 27 -2.55 -6.91 -6.76
N GLU A 28 -2.67 -6.46 -7.98
CA GLU A 28 -2.38 -7.33 -9.16
C GLU A 28 -1.15 -6.79 -9.93
N SER A 29 -0.86 -5.53 -9.78
CA SER A 29 0.31 -4.92 -10.50
C SER A 29 0.82 -3.66 -9.78
N ASP A 30 2.08 -3.41 -10.00
CA ASP A 30 2.81 -2.25 -9.41
C ASP A 30 2.45 -0.97 -10.21
N PRO A 31 2.27 0.16 -9.55
CA PRO A 31 1.62 1.37 -10.16
C PRO A 31 2.39 1.91 -11.38
N ARG A 32 3.61 1.45 -11.55
CA ARG A 32 4.43 1.92 -12.71
C ARG A 32 3.72 1.67 -14.04
N ASN A 33 2.80 0.72 -14.04
CA ASN A 33 2.04 0.38 -15.27
C ASN A 33 1.18 1.63 -15.65
N PRO A 34 1.49 2.26 -16.77
CA PRO A 34 0.81 3.52 -17.19
C PRO A 34 -0.54 3.25 -17.88
N LYS A 35 -1.26 2.30 -17.35
CA LYS A 35 -2.59 1.93 -17.91
C LYS A 35 -3.28 0.85 -17.05
N ALA A 36 -4.58 0.83 -17.16
CA ALA A 36 -5.42 -0.16 -16.41
C ALA A 36 -5.41 -1.46 -17.22
N CYS A 37 -5.39 -2.57 -16.52
CA CYS A 37 -5.37 -3.91 -17.20
C CYS A 37 -6.76 -4.56 -17.07
N THR A 38 -6.78 -5.85 -16.83
CA THR A 38 -8.04 -6.66 -16.68
C THR A 38 -9.21 -6.19 -17.57
N LEU A 39 -10.40 -6.23 -17.02
CA LEU A 39 -11.63 -5.81 -17.76
C LEU A 39 -11.78 -4.28 -17.76
N ASN A 40 -10.93 -3.63 -17.01
CA ASN A 40 -10.93 -2.13 -16.89
C ASN A 40 -12.23 -1.59 -16.26
N CYS A 41 -12.10 -0.40 -15.73
CA CYS A 41 -13.19 0.36 -15.05
C CYS A 41 -13.92 -0.36 -13.91
N ASP A 42 -13.78 0.21 -12.74
CA ASP A 42 -14.40 -0.33 -11.51
C ASP A 42 -14.75 0.84 -10.57
N PRO A 43 -15.95 1.37 -10.69
CA PRO A 43 -16.46 2.44 -9.78
C PRO A 43 -16.55 1.97 -8.33
N ARG A 44 -16.52 0.67 -8.14
CA ARG A 44 -16.59 0.09 -6.77
C ARG A 44 -15.36 0.51 -5.96
N ILE A 45 -14.24 0.63 -6.63
CA ILE A 45 -12.98 1.04 -5.94
C ILE A 45 -13.04 2.49 -5.46
N ALA A 46 -12.55 2.64 -4.26
CA ALA A 46 -12.50 3.97 -3.58
C ALA A 46 -11.08 4.22 -3.09
N TYR A 47 -10.59 3.27 -2.34
CA TYR A 47 -9.21 3.36 -1.77
C TYR A 47 -8.53 1.99 -1.91
N GLY A 48 -7.44 1.85 -1.21
CA GLY A 48 -6.65 0.58 -1.24
C GLY A 48 -5.77 0.57 0.01
N VAL A 49 -6.14 -0.22 0.98
CA VAL A 49 -5.34 -0.29 2.24
C VAL A 49 -4.13 -1.20 1.98
N CYS A 50 -2.96 -0.66 2.20
CA CYS A 50 -1.69 -1.44 1.98
C CYS A 50 -1.11 -1.93 3.33
N PRO A 51 -0.46 -3.07 3.32
CA PRO A 51 0.28 -3.58 4.52
C PRO A 51 1.55 -2.73 4.71
N ARG A 52 1.52 -1.89 5.72
CA ARG A 52 2.69 -1.01 6.01
C ARG A 52 3.78 -1.79 6.76
N SER A 53 3.37 -2.84 7.45
CA SER A 53 4.33 -3.68 8.22
C SER A 53 3.88 -5.14 8.22
N GLU A 54 4.84 -6.00 8.02
CA GLU A 54 4.65 -7.49 7.98
C GLU A 54 3.75 -7.95 6.82
N GLU A 55 4.17 -9.05 6.23
CA GLU A 55 3.42 -9.64 5.07
C GLU A 55 2.32 -10.59 5.59
N LYS A 56 1.79 -11.36 4.68
CA LYS A 56 0.70 -12.35 5.01
C LYS A 56 0.98 -13.70 4.33
N LYS A 57 2.10 -13.76 3.66
CA LYS A 57 2.53 -15.00 2.93
C LYS A 57 4.06 -15.01 2.88
N ASN A 58 4.62 -16.16 3.17
CA ASN A 58 6.10 -16.34 3.15
C ASN A 58 6.62 -16.68 1.75
N ASP A 59 6.25 -15.86 0.81
CA ASP A 59 6.66 -16.05 -0.62
C ASP A 59 7.79 -15.07 -0.97
N ARG A 60 8.69 -14.89 -0.03
CA ARG A 60 9.86 -13.97 -0.21
C ARG A 60 10.59 -14.31 -1.51
N ILE A 61 10.63 -15.59 -1.79
CA ILE A 61 11.30 -16.10 -3.01
C ILE A 61 10.34 -15.85 -4.20
N CYS A 62 10.36 -14.63 -4.67
CA CYS A 62 9.48 -14.24 -5.81
C CYS A 62 10.12 -14.54 -7.18
N THR A 63 10.66 -15.73 -7.22
CA THR A 63 11.34 -16.27 -8.41
C THR A 63 10.32 -17.03 -9.28
N ASN A 64 10.73 -17.33 -10.47
CA ASN A 64 9.87 -18.07 -11.45
C ASN A 64 10.78 -18.87 -12.40
N CYS A 65 10.19 -19.50 -13.38
CA CYS A 65 11.01 -20.30 -14.35
C CYS A 65 11.38 -19.50 -15.61
N CYS A 66 10.52 -18.56 -15.94
CA CYS A 66 10.74 -17.69 -17.15
C CYS A 66 12.05 -16.91 -17.03
N ALA A 67 12.10 -16.16 -15.96
CA ALA A 67 13.30 -15.32 -15.68
C ALA A 67 14.32 -16.15 -14.87
N GLY A 68 14.46 -17.39 -15.28
CA GLY A 68 15.42 -18.32 -14.61
C GLY A 68 16.84 -18.05 -15.09
N THR A 69 17.55 -19.13 -15.37
CA THR A 69 18.97 -19.03 -15.86
C THR A 69 19.33 -20.35 -16.57
N LYS A 70 19.21 -20.36 -17.88
CA LYS A 70 19.54 -21.58 -18.67
C LYS A 70 20.88 -22.21 -18.23
N GLY A 71 20.78 -23.42 -17.73
CA GLY A 71 21.98 -24.17 -17.27
C GLY A 71 21.72 -24.79 -15.89
N CYS A 72 20.95 -24.10 -15.08
CA CYS A 72 20.63 -24.60 -13.72
C CYS A 72 19.23 -25.20 -13.68
N LYS A 73 19.16 -26.33 -13.03
CA LYS A 73 17.88 -27.07 -12.89
C LYS A 73 17.09 -26.52 -11.69
N TYR A 74 16.29 -25.51 -11.97
CA TYR A 74 15.45 -24.87 -10.90
C TYR A 74 14.73 -25.95 -10.11
N PHE A 75 14.90 -25.81 -8.82
CA PHE A 75 14.31 -26.76 -7.84
C PHE A 75 13.77 -26.07 -6.59
N SER A 76 12.79 -26.73 -6.02
CA SER A 76 12.10 -26.27 -4.79
C SER A 76 12.68 -26.81 -3.47
N ASP A 77 12.79 -25.90 -2.54
CA ASP A 77 13.32 -26.15 -1.17
C ASP A 77 12.72 -27.35 -0.43
N ASP A 78 11.49 -27.66 -0.74
CA ASP A 78 10.81 -28.82 -0.07
C ASP A 78 11.56 -30.14 -0.28
N GLY A 79 12.46 -30.13 -1.23
CA GLY A 79 13.28 -31.34 -1.55
C GLY A 79 12.87 -31.95 -2.89
N THR A 80 12.35 -31.12 -3.78
CA THR A 80 11.92 -31.61 -5.11
C THR A 80 12.32 -30.62 -6.20
N PHE A 81 12.37 -31.11 -7.41
CA PHE A 81 12.74 -30.29 -8.59
C PHE A 81 11.53 -29.45 -9.07
N VAL A 82 11.80 -28.51 -9.94
CA VAL A 82 10.75 -27.61 -10.50
C VAL A 82 10.86 -27.52 -12.03
N CYS A 83 11.87 -26.81 -12.49
CA CYS A 83 12.07 -26.64 -13.96
C CYS A 83 13.57 -26.36 -14.22
N GLU A 84 13.86 -25.94 -15.42
CA GLU A 84 15.25 -25.59 -15.83
C GLU A 84 15.18 -24.10 -16.21
N GLY A 85 16.26 -23.39 -16.09
CA GLY A 85 16.24 -21.92 -16.44
C GLY A 85 15.71 -21.73 -17.87
N GLU A 86 14.73 -20.88 -18.02
CA GLU A 86 14.13 -20.62 -19.37
C GLU A 86 14.86 -19.48 -20.09
N SER A 87 15.47 -18.61 -19.33
CA SER A 87 16.19 -17.45 -19.93
C SER A 87 17.46 -17.92 -20.65
N ASP A 88 17.31 -18.09 -21.94
CA ASP A 88 18.43 -18.53 -22.82
C ASP A 88 19.03 -17.26 -23.45
N PRO A 89 20.34 -17.14 -23.52
CA PRO A 89 21.03 -16.08 -24.34
C PRO A 89 20.38 -15.94 -25.73
N ARG A 90 19.79 -17.04 -26.16
CA ARG A 90 19.10 -17.16 -27.47
C ARG A 90 17.86 -16.24 -27.46
N ASN A 91 17.02 -16.44 -26.48
CA ASN A 91 15.77 -15.63 -26.37
C ASN A 91 16.00 -14.34 -25.53
N PRO A 92 15.44 -13.24 -25.96
CA PRO A 92 15.20 -12.05 -25.09
C PRO A 92 13.90 -12.28 -24.26
N LYS A 93 13.82 -13.43 -23.64
CA LYS A 93 12.62 -13.75 -22.81
C LYS A 93 12.55 -12.84 -21.59
N ALA A 94 11.34 -12.58 -21.20
CA ALA A 94 11.05 -11.71 -20.02
C ALA A 94 9.63 -11.95 -19.50
N CYS A 95 9.46 -11.70 -18.23
CA CYS A 95 8.14 -11.88 -17.54
C CYS A 95 8.09 -10.99 -16.29
N PRO A 96 6.93 -10.81 -15.70
CA PRO A 96 6.79 -10.26 -14.31
C PRO A 96 7.61 -11.05 -13.27
N ARG A 97 7.26 -10.87 -12.02
CA ARG A 97 7.99 -11.57 -10.92
C ARG A 97 7.48 -13.02 -10.84
N ASN A 98 6.18 -13.15 -10.95
CA ASN A 98 5.50 -14.49 -10.90
C ASN A 98 6.07 -15.29 -9.72
N CYS A 99 5.99 -14.66 -8.57
CA CYS A 99 6.49 -15.26 -7.30
C CYS A 99 6.13 -16.73 -7.13
N ASP A 100 7.16 -17.53 -6.89
CA ASP A 100 6.98 -19.00 -6.70
C ASP A 100 7.43 -19.34 -5.26
N PRO A 101 6.54 -19.23 -4.29
CA PRO A 101 6.86 -19.50 -2.86
C PRO A 101 7.51 -20.88 -2.64
N ARG A 102 7.20 -21.78 -3.53
CA ARG A 102 7.75 -23.17 -3.44
C ARG A 102 9.18 -23.33 -4.01
N ILE A 103 9.52 -22.60 -5.05
CA ILE A 103 10.89 -22.73 -5.65
C ILE A 103 11.97 -22.29 -4.64
N ALA A 104 13.21 -22.58 -4.97
CA ALA A 104 14.35 -22.21 -4.08
C ALA A 104 15.60 -21.83 -4.88
N TYR A 105 16.21 -22.83 -5.46
CA TYR A 105 17.45 -22.61 -6.28
C TYR A 105 17.58 -23.63 -7.40
N GLY A 106 18.37 -23.23 -8.37
CA GLY A 106 18.63 -24.07 -9.57
C GLY A 106 19.95 -24.81 -9.45
N ILE A 107 19.83 -26.11 -9.37
CA ILE A 107 21.04 -26.97 -9.24
C ILE A 107 21.72 -27.20 -10.62
N CYS A 108 22.74 -26.42 -10.89
CA CYS A 108 23.47 -26.55 -12.19
C CYS A 108 24.44 -27.76 -12.10
N PRO A 109 24.68 -28.43 -13.20
CA PRO A 109 25.59 -29.62 -13.24
C PRO A 109 27.03 -29.21 -12.91
N LEU A 110 27.71 -30.05 -12.17
CA LEU A 110 29.11 -29.78 -11.78
C LEU A 110 30.04 -30.14 -12.94
N ALA A 111 30.66 -29.13 -13.50
CA ALA A 111 31.59 -29.35 -14.66
C ALA A 111 32.81 -30.21 -14.25
N ASP A 1 -15.92 6.40 -20.02
CA ASP A 1 -15.92 7.82 -19.55
C ASP A 1 -14.99 7.97 -18.35
N ARG A 2 -15.13 7.06 -17.42
CA ARG A 2 -14.30 7.08 -16.18
C ARG A 2 -14.24 5.67 -15.56
N ILE A 3 -15.23 4.88 -15.86
CA ILE A 3 -15.31 3.49 -15.32
C ILE A 3 -14.35 2.59 -16.12
N CYS A 4 -13.14 2.49 -15.62
CA CYS A 4 -12.09 1.66 -16.28
C CYS A 4 -12.31 0.22 -15.78
N THR A 5 -11.26 -0.56 -15.91
CA THR A 5 -11.29 -1.99 -15.46
C THR A 5 -11.24 -1.99 -13.91
N ASN A 6 -11.04 -3.15 -13.33
CA ASN A 6 -10.98 -3.26 -11.84
C ASN A 6 -9.66 -3.87 -11.36
N CYS A 7 -9.50 -3.71 -10.08
CA CYS A 7 -8.33 -4.18 -9.28
C CYS A 7 -6.97 -3.93 -9.95
N CYS A 8 -6.97 -2.93 -10.78
CA CYS A 8 -5.75 -2.53 -11.55
C CYS A 8 -4.82 -1.48 -10.88
N ALA A 9 -5.35 -0.30 -10.78
CA ALA A 9 -4.62 0.88 -10.17
C ALA A 9 -4.12 0.75 -8.73
N GLY A 10 -4.43 -0.33 -8.07
CA GLY A 10 -3.98 -0.55 -6.66
C GLY A 10 -2.47 -0.64 -6.58
N THR A 11 -1.93 -1.33 -7.57
CA THR A 11 -0.46 -1.55 -7.69
C THR A 11 -0.06 -2.49 -6.54
N LYS A 12 0.33 -3.68 -6.91
CA LYS A 12 0.75 -4.72 -5.91
C LYS A 12 1.56 -4.13 -4.74
N GLY A 13 0.82 -3.94 -3.68
CA GLY A 13 1.37 -3.36 -2.42
C GLY A 13 0.22 -2.76 -1.61
N CYS A 14 -0.84 -2.43 -2.30
CA CYS A 14 -2.04 -1.83 -1.65
C CYS A 14 -3.12 -2.91 -1.53
N LYS A 15 -4.15 -2.62 -0.79
CA LYS A 15 -5.24 -3.60 -0.61
C LYS A 15 -6.60 -3.03 -1.01
N TYR A 16 -6.96 -3.32 -2.23
CA TYR A 16 -8.27 -2.84 -2.79
C TYR A 16 -9.43 -3.16 -1.85
N PHE A 17 -10.35 -2.23 -1.86
CA PHE A 17 -11.57 -2.34 -1.01
C PHE A 17 -12.74 -1.54 -1.60
N SER A 18 -13.90 -1.86 -1.07
CA SER A 18 -15.17 -1.21 -1.49
C SER A 18 -15.85 -0.46 -0.35
N ASP A 19 -16.34 0.70 -0.74
CA ASP A 19 -17.06 1.67 0.14
C ASP A 19 -18.13 1.03 1.03
N ASP A 20 -18.62 -0.11 0.59
CA ASP A 20 -19.67 -0.85 1.35
C ASP A 20 -19.18 -1.27 2.76
N GLY A 21 -17.92 -1.03 3.00
CA GLY A 21 -17.30 -1.38 4.31
C GLY A 21 -16.68 -2.76 4.25
N THR A 22 -16.29 -3.19 3.07
CA THR A 22 -15.67 -4.54 2.91
C THR A 22 -14.56 -4.55 1.86
N PHE A 23 -13.54 -5.30 2.17
CA PHE A 23 -12.35 -5.45 1.27
C PHE A 23 -12.77 -6.10 -0.06
N VAL A 24 -11.93 -5.95 -1.05
CA VAL A 24 -12.23 -6.54 -2.39
C VAL A 24 -11.06 -7.33 -2.98
N CYS A 25 -9.92 -6.70 -3.13
CA CYS A 25 -8.74 -7.42 -3.70
C CYS A 25 -7.43 -6.70 -3.29
N GLU A 26 -6.37 -7.08 -3.94
CA GLU A 26 -5.01 -6.49 -3.71
C GLU A 26 -4.53 -5.93 -5.06
N GLY A 27 -3.95 -4.74 -5.05
CA GLY A 27 -3.44 -4.11 -6.31
C GLY A 27 -2.76 -5.12 -7.24
N GLU A 28 -3.18 -5.11 -8.49
CA GLU A 28 -2.60 -6.06 -9.50
C GLU A 28 -1.24 -5.61 -10.05
N SER A 29 -1.22 -4.40 -10.54
CA SER A 29 0.01 -3.80 -11.13
C SER A 29 1.29 -3.90 -10.30
N ASP A 30 1.96 -5.01 -10.48
CA ASP A 30 3.23 -5.27 -9.74
C ASP A 30 4.34 -4.63 -10.62
N PRO A 31 5.15 -3.77 -10.03
CA PRO A 31 5.84 -2.66 -10.76
C PRO A 31 6.85 -3.15 -11.82
N ARG A 32 6.27 -3.63 -12.89
CA ARG A 32 7.01 -4.16 -14.08
C ARG A 32 6.02 -4.09 -15.25
N ASN A 33 4.82 -4.55 -14.99
CA ASN A 33 3.78 -4.52 -16.07
C ASN A 33 3.21 -3.09 -16.20
N PRO A 34 3.03 -2.61 -17.41
CA PRO A 34 2.53 -1.23 -17.68
C PRO A 34 1.06 -1.12 -17.25
N LYS A 35 0.79 -0.24 -16.34
CA LYS A 35 -0.61 -0.02 -15.83
C LYS A 35 -1.17 1.31 -16.36
N ALA A 36 -2.47 1.39 -16.40
CA ALA A 36 -3.16 2.62 -16.88
C ALA A 36 -4.61 2.60 -16.35
N CYS A 37 -4.73 2.86 -15.07
CA CYS A 37 -6.09 2.88 -14.44
C CYS A 37 -6.13 3.81 -13.21
N THR A 38 -7.27 3.75 -12.56
CA THR A 38 -7.57 4.56 -11.33
C THR A 38 -8.38 3.59 -10.44
N LEU A 39 -8.39 3.84 -9.15
CA LEU A 39 -9.17 2.93 -8.23
C LEU A 39 -10.67 3.27 -8.29
N ASN A 40 -10.95 4.47 -8.72
CA ASN A 40 -12.37 4.93 -8.83
C ASN A 40 -12.90 4.70 -10.25
N CYS A 41 -12.48 3.59 -10.79
CA CYS A 41 -12.88 3.16 -12.17
C CYS A 41 -14.02 2.15 -12.02
N ASP A 42 -13.73 0.87 -12.03
CA ASP A 42 -14.79 -0.17 -11.89
C ASP A 42 -15.64 0.09 -10.61
N PRO A 43 -16.96 0.08 -10.73
CA PRO A 43 -17.85 0.65 -9.68
C PRO A 43 -17.82 -0.19 -8.40
N ARG A 44 -17.45 -1.44 -8.54
CA ARG A 44 -17.39 -2.36 -7.37
C ARG A 44 -16.43 -1.81 -6.30
N ILE A 45 -15.35 -1.25 -6.77
CA ILE A 45 -14.33 -0.68 -5.83
C ILE A 45 -14.44 0.83 -5.64
N ALA A 46 -13.95 1.19 -4.49
CA ALA A 46 -13.93 2.60 -4.02
C ALA A 46 -12.47 3.05 -3.96
N TYR A 47 -11.69 2.30 -3.22
CA TYR A 47 -10.23 2.60 -3.06
C TYR A 47 -9.53 1.40 -2.42
N GLY A 48 -8.24 1.52 -2.37
CA GLY A 48 -7.39 0.43 -1.78
C GLY A 48 -6.50 1.01 -0.69
N VAL A 49 -6.63 0.46 0.50
CA VAL A 49 -5.80 0.94 1.64
C VAL A 49 -4.41 0.31 1.52
N CYS A 50 -3.41 1.16 1.47
CA CYS A 50 -2.00 0.69 1.35
C CYS A 50 -1.33 0.76 2.75
N PRO A 51 -1.13 -0.37 3.39
CA PRO A 51 -0.57 -0.41 4.77
C PRO A 51 0.95 -0.22 4.73
N ARG A 52 1.60 -1.24 4.20
CA ARG A 52 3.09 -1.24 4.08
C ARG A 52 3.55 -2.27 3.03
N SER A 53 2.65 -3.16 2.68
CA SER A 53 2.94 -4.22 1.67
C SER A 53 3.43 -3.67 0.33
N GLU A 54 4.19 -4.49 -0.34
CA GLU A 54 4.77 -4.15 -1.68
C GLU A 54 5.42 -5.42 -2.26
N GLU A 55 5.94 -6.22 -1.36
CA GLU A 55 6.63 -7.51 -1.69
C GLU A 55 7.97 -7.30 -2.42
N LYS A 56 8.97 -7.96 -1.91
CA LYS A 56 10.35 -7.87 -2.50
C LYS A 56 10.31 -8.47 -3.92
N LYS A 57 9.55 -9.52 -4.04
CA LYS A 57 9.40 -10.23 -5.35
C LYS A 57 7.96 -10.73 -5.46
N ASN A 58 7.34 -10.42 -6.57
CA ASN A 58 5.93 -10.82 -6.83
C ASN A 58 5.70 -10.78 -8.35
N ASP A 59 4.67 -11.45 -8.80
CA ASP A 59 4.31 -11.51 -10.27
C ASP A 59 5.49 -12.11 -11.07
N ARG A 60 6.40 -12.72 -10.35
CA ARG A 60 7.61 -13.36 -10.96
C ARG A 60 7.31 -14.66 -11.71
N ILE A 61 6.05 -14.96 -11.87
CA ILE A 61 5.58 -16.20 -12.57
C ILE A 61 6.45 -16.51 -13.81
N CYS A 62 7.33 -17.46 -13.65
CA CYS A 62 8.23 -17.86 -14.76
C CYS A 62 7.68 -18.90 -15.73
N THR A 63 6.53 -18.57 -16.28
CA THR A 63 5.85 -19.47 -17.27
C THR A 63 6.33 -19.11 -18.67
N ASN A 64 5.90 -19.92 -19.61
CA ASN A 64 6.27 -19.72 -21.04
C ASN A 64 5.28 -20.50 -21.91
N CYS A 65 5.04 -19.98 -23.09
CA CYS A 65 4.09 -20.63 -24.06
C CYS A 65 4.43 -22.10 -24.38
N CYS A 66 5.65 -22.44 -24.08
CA CYS A 66 6.19 -23.82 -24.31
C CYS A 66 5.82 -24.80 -23.19
N ALA A 67 5.95 -24.29 -21.99
CA ALA A 67 5.66 -25.04 -20.73
C ALA A 67 4.17 -25.24 -20.44
N GLY A 68 3.57 -25.95 -21.35
CA GLY A 68 2.14 -26.31 -21.29
C GLY A 68 1.85 -27.36 -22.36
N THR A 69 0.60 -27.39 -22.79
CA THR A 69 0.19 -28.37 -23.84
C THR A 69 -0.87 -27.77 -24.74
N LYS A 70 -0.99 -28.36 -25.91
CA LYS A 70 -1.98 -27.94 -26.95
C LYS A 70 -3.45 -28.28 -26.61
N GLY A 71 -3.76 -28.13 -25.34
CA GLY A 71 -5.10 -28.39 -24.78
C GLY A 71 -5.50 -27.20 -23.88
N CYS A 72 -4.63 -26.20 -23.82
CA CYS A 72 -4.90 -24.98 -23.00
C CYS A 72 -4.55 -23.70 -23.75
N LYS A 73 -4.94 -22.59 -23.16
CA LYS A 73 -4.67 -21.25 -23.78
C LYS A 73 -4.03 -20.31 -22.75
N TYR A 74 -2.75 -20.06 -22.90
CA TYR A 74 -2.02 -19.15 -21.96
C TYR A 74 -2.74 -17.80 -21.87
N PHE A 75 -2.71 -17.23 -20.68
CA PHE A 75 -3.38 -15.92 -20.46
C PHE A 75 -2.70 -15.08 -19.37
N SER A 76 -2.98 -13.81 -19.49
CA SER A 76 -2.45 -12.75 -18.57
C SER A 76 -3.57 -11.97 -17.86
N ASP A 77 -3.40 -11.89 -16.57
CA ASP A 77 -4.36 -11.19 -15.66
C ASP A 77 -4.74 -9.79 -16.17
N ASP A 78 -3.72 -8.97 -16.33
CA ASP A 78 -3.89 -7.57 -16.80
C ASP A 78 -3.38 -7.43 -18.23
N GLY A 79 -3.38 -8.53 -18.95
CA GLY A 79 -2.91 -8.52 -20.37
C GLY A 79 -3.69 -9.51 -21.23
N THR A 80 -4.82 -9.96 -20.70
CA THR A 80 -5.73 -10.93 -21.38
C THR A 80 -4.98 -12.08 -22.09
N PHE A 81 -5.65 -12.72 -23.01
CA PHE A 81 -5.05 -13.86 -23.78
C PHE A 81 -3.58 -13.60 -24.16
N VAL A 82 -2.77 -14.59 -23.90
CA VAL A 82 -1.29 -14.50 -24.19
C VAL A 82 -0.96 -15.39 -25.40
N CYS A 83 -1.21 -16.67 -25.26
CA CYS A 83 -0.90 -17.61 -26.39
C CYS A 83 -1.65 -18.93 -26.14
N GLU A 84 -1.28 -19.93 -26.88
CA GLU A 84 -1.88 -21.30 -26.78
C GLU A 84 -0.75 -22.34 -26.67
N GLY A 85 -1.11 -23.53 -26.25
CA GLY A 85 -0.13 -24.64 -26.10
C GLY A 85 0.85 -24.77 -27.27
N GLU A 86 2.12 -24.66 -26.97
CA GLU A 86 3.16 -24.76 -28.03
C GLU A 86 3.92 -26.09 -27.84
N SER A 87 3.22 -27.09 -27.36
CA SER A 87 3.85 -28.44 -27.14
C SER A 87 2.79 -29.53 -27.22
N ASP A 88 3.07 -30.52 -28.02
CA ASP A 88 2.12 -31.67 -28.20
C ASP A 88 2.62 -32.84 -27.33
N PRO A 89 1.72 -33.61 -26.74
CA PRO A 89 2.08 -34.90 -26.05
C PRO A 89 3.03 -35.78 -26.89
N ARG A 90 2.99 -35.55 -28.19
CA ARG A 90 3.83 -36.31 -29.16
C ARG A 90 5.31 -36.06 -28.82
N ASN A 91 5.64 -34.79 -28.74
CA ASN A 91 7.05 -34.37 -28.42
C ASN A 91 7.23 -34.20 -26.89
N PRO A 92 8.06 -35.03 -26.28
CA PRO A 92 8.43 -34.91 -24.83
C PRO A 92 9.57 -33.89 -24.65
N LYS A 93 9.44 -32.77 -25.32
CA LYS A 93 10.49 -31.71 -25.23
C LYS A 93 10.34 -30.90 -23.95
N ALA A 94 11.42 -30.83 -23.21
CA ALA A 94 11.46 -30.08 -21.92
C ALA A 94 11.84 -28.63 -22.18
N CYS A 95 10.96 -27.74 -21.80
CA CYS A 95 11.20 -26.27 -22.00
C CYS A 95 12.13 -25.76 -20.87
N PRO A 96 13.00 -24.82 -21.16
CA PRO A 96 13.98 -24.30 -20.15
C PRO A 96 13.26 -23.49 -19.06
N ARG A 97 13.07 -22.21 -19.30
CA ARG A 97 12.38 -21.33 -18.33
C ARG A 97 11.56 -20.27 -19.08
N ASN A 98 12.26 -19.39 -19.77
CA ASN A 98 11.62 -18.29 -20.56
C ASN A 98 10.52 -17.60 -19.75
N CYS A 99 10.88 -17.26 -18.54
CA CYS A 99 9.96 -16.58 -17.56
C CYS A 99 8.98 -15.57 -18.18
N ASP A 100 7.72 -15.75 -17.87
CA ASP A 100 6.66 -14.84 -18.40
C ASP A 100 5.88 -14.22 -17.22
N PRO A 101 6.46 -13.19 -16.60
CA PRO A 101 5.86 -12.51 -15.43
C PRO A 101 4.48 -11.91 -15.75
N ARG A 102 4.28 -11.63 -17.02
CA ARG A 102 2.99 -11.05 -17.50
C ARG A 102 1.82 -12.05 -17.35
N ILE A 103 2.11 -13.30 -17.59
CA ILE A 103 1.05 -14.36 -17.47
C ILE A 103 0.47 -14.43 -16.05
N ALA A 104 -0.63 -15.13 -15.98
CA ALA A 104 -1.36 -15.33 -14.70
C ALA A 104 -1.82 -16.79 -14.64
N TYR A 105 -2.34 -17.26 -15.75
CA TYR A 105 -2.82 -18.68 -15.84
C TYR A 105 -3.21 -18.96 -17.29
N GLY A 106 -3.83 -20.07 -17.52
CA GLY A 106 -4.26 -20.45 -18.91
C GLY A 106 -5.67 -21.03 -18.92
N ILE A 107 -6.48 -20.49 -19.80
CA ILE A 107 -7.90 -20.95 -19.92
C ILE A 107 -7.84 -22.24 -20.75
N CYS A 108 -8.11 -23.35 -20.11
CA CYS A 108 -8.09 -24.67 -20.80
C CYS A 108 -9.52 -25.11 -21.17
N PRO A 109 -9.88 -25.11 -22.44
CA PRO A 109 -11.23 -25.53 -22.90
C PRO A 109 -11.36 -27.06 -22.83
N LEU A 110 -10.44 -27.72 -23.48
CA LEU A 110 -10.42 -29.21 -23.49
C LEU A 110 -9.81 -29.73 -22.19
N ALA A 111 -8.62 -29.25 -21.91
CA ALA A 111 -7.91 -29.68 -20.67
C ALA A 111 -8.44 -28.91 -19.43
N ASP A 1 -16.17 11.98 -12.73
CA ASP A 1 -15.21 10.87 -12.99
C ASP A 1 -15.33 9.82 -11.88
N ARG A 2 -15.45 10.30 -10.66
CA ARG A 2 -15.57 9.42 -9.46
C ARG A 2 -14.36 8.48 -9.32
N ILE A 3 -14.48 7.52 -8.43
CA ILE A 3 -13.38 6.53 -8.20
C ILE A 3 -13.19 5.61 -9.43
N CYS A 4 -12.33 6.05 -10.32
CA CYS A 4 -12.03 5.28 -11.56
C CYS A 4 -10.89 4.29 -11.37
N THR A 5 -10.97 3.61 -10.27
CA THR A 5 -9.98 2.58 -9.87
C THR A 5 -10.42 1.21 -10.41
N ASN A 6 -9.53 0.26 -10.29
CA ASN A 6 -9.75 -1.15 -10.74
C ASN A 6 -8.76 -2.05 -9.99
N CYS A 7 -8.91 -3.35 -10.13
CA CYS A 7 -7.96 -4.27 -9.43
C CYS A 7 -6.55 -4.19 -10.05
N CYS A 8 -6.51 -3.54 -11.19
CA CYS A 8 -5.25 -3.34 -11.97
C CYS A 8 -4.59 -2.02 -11.55
N ALA A 9 -5.42 -1.00 -11.56
CA ALA A 9 -5.03 0.40 -11.19
C ALA A 9 -4.07 0.54 -10.00
N GLY A 10 -4.53 0.20 -8.81
CA GLY A 10 -3.67 0.31 -7.59
C GLY A 10 -2.35 -0.47 -7.73
N THR A 11 -1.42 -0.10 -6.91
CA THR A 11 -0.06 -0.75 -6.93
C THR A 11 -0.07 -2.20 -6.39
N LYS A 12 0.66 -3.03 -7.10
CA LYS A 12 0.78 -4.47 -6.73
C LYS A 12 1.42 -4.59 -5.34
N GLY A 13 0.64 -5.07 -4.41
CA GLY A 13 1.11 -5.25 -3.00
C GLY A 13 0.06 -4.73 -2.01
N CYS A 14 -0.80 -3.85 -2.48
CA CYS A 14 -1.88 -3.28 -1.61
C CYS A 14 -3.09 -4.21 -1.63
N LYS A 15 -4.17 -3.78 -1.03
CA LYS A 15 -5.40 -4.64 -1.01
C LYS A 15 -6.64 -3.83 -1.38
N TYR A 16 -7.09 -4.00 -2.59
CA TYR A 16 -8.31 -3.27 -3.08
C TYR A 16 -9.46 -3.54 -2.10
N PHE A 17 -10.20 -2.50 -1.81
CA PHE A 17 -11.35 -2.63 -0.87
C PHE A 17 -12.49 -1.66 -1.18
N SER A 18 -13.67 -2.17 -0.91
CA SER A 18 -14.95 -1.41 -1.12
C SER A 18 -15.54 -0.93 0.21
N ASP A 19 -15.66 0.36 0.26
CA ASP A 19 -16.21 1.11 1.45
C ASP A 19 -17.61 0.65 1.82
N ASP A 20 -18.43 0.70 0.80
CA ASP A 20 -19.87 0.31 0.89
C ASP A 20 -20.05 -1.20 1.01
N GLY A 21 -18.96 -1.92 1.05
CA GLY A 21 -19.06 -3.40 1.16
C GLY A 21 -18.07 -3.96 2.17
N THR A 22 -16.89 -4.19 1.67
CA THR A 22 -15.70 -4.76 2.40
C THR A 22 -14.61 -5.01 1.33
N PHE A 23 -13.55 -5.67 1.71
CA PHE A 23 -12.40 -6.00 0.80
C PHE A 23 -12.90 -6.46 -0.60
N VAL A 24 -12.13 -6.07 -1.58
CA VAL A 24 -12.43 -6.40 -3.01
C VAL A 24 -11.42 -7.40 -3.60
N CYS A 25 -10.20 -6.97 -3.76
CA CYS A 25 -9.14 -7.86 -4.34
C CYS A 25 -7.76 -7.37 -3.85
N GLU A 26 -6.71 -7.88 -4.45
CA GLU A 26 -5.31 -7.48 -4.08
C GLU A 26 -4.59 -6.80 -5.26
N GLY A 27 -3.61 -5.98 -4.96
CA GLY A 27 -2.80 -5.23 -5.97
C GLY A 27 -2.33 -6.12 -7.13
N GLU A 28 -2.86 -5.92 -8.32
CA GLU A 28 -2.42 -6.78 -9.48
C GLU A 28 -1.34 -6.16 -10.37
N SER A 29 -1.04 -4.89 -10.17
CA SER A 29 0.01 -4.24 -11.03
C SER A 29 0.64 -3.03 -10.32
N ASP A 30 1.95 -3.00 -10.33
CA ASP A 30 2.71 -1.88 -9.68
C ASP A 30 3.00 -0.82 -10.77
N PRO A 31 2.97 0.44 -10.41
CA PRO A 31 3.59 1.53 -11.23
C PRO A 31 5.12 1.33 -11.23
N ARG A 32 5.51 0.35 -12.00
CA ARG A 32 6.93 -0.06 -12.17
C ARG A 32 6.99 -1.01 -13.37
N ASN A 33 6.01 -1.89 -13.43
CA ASN A 33 5.95 -2.88 -14.54
C ASN A 33 5.20 -2.28 -15.77
N PRO A 34 5.53 -2.76 -16.95
CA PRO A 34 4.82 -2.38 -18.22
C PRO A 34 3.49 -3.15 -18.39
N LYS A 35 2.72 -3.21 -17.34
CA LYS A 35 1.40 -3.92 -17.37
C LYS A 35 0.25 -2.91 -17.48
N ALA A 36 -0.83 -3.37 -18.07
CA ALA A 36 -2.05 -2.51 -18.25
C ALA A 36 -3.29 -3.42 -18.39
N CYS A 37 -4.45 -2.81 -18.27
CA CYS A 37 -5.73 -3.58 -18.38
C CYS A 37 -6.82 -2.70 -19.02
N THR A 38 -7.98 -3.28 -19.19
CA THR A 38 -9.15 -2.54 -19.79
C THR A 38 -10.46 -2.87 -19.04
N LEU A 39 -10.42 -2.65 -17.75
CA LEU A 39 -11.62 -2.92 -16.89
C LEU A 39 -12.47 -1.64 -16.71
N ASN A 40 -11.83 -0.51 -16.85
CA ASN A 40 -12.46 0.84 -16.72
C ASN A 40 -13.04 1.11 -15.32
N CYS A 41 -13.11 2.38 -15.00
CA CYS A 41 -13.63 2.91 -13.69
C CYS A 41 -14.51 1.96 -12.86
N ASP A 42 -14.17 1.84 -11.59
CA ASP A 42 -14.95 0.95 -10.66
C ASP A 42 -15.65 1.82 -9.59
N PRO A 43 -16.83 2.32 -9.89
CA PRO A 43 -17.52 3.34 -9.04
C PRO A 43 -17.84 2.84 -7.61
N ARG A 44 -17.84 1.54 -7.45
CA ARG A 44 -18.14 0.91 -6.12
C ARG A 44 -16.94 0.70 -5.17
N ILE A 45 -15.73 0.68 -5.67
CA ILE A 45 -14.57 0.45 -4.73
C ILE A 45 -14.25 1.77 -3.99
N ALA A 46 -13.65 1.63 -2.85
CA ALA A 46 -13.27 2.81 -2.01
C ALA A 46 -11.86 3.22 -2.43
N TYR A 47 -10.96 2.32 -2.12
CA TYR A 47 -9.50 2.48 -2.41
C TYR A 47 -8.77 1.21 -1.97
N GLY A 48 -7.52 1.14 -2.31
CA GLY A 48 -6.69 -0.05 -1.95
C GLY A 48 -6.00 0.17 -0.61
N VAL A 49 -6.43 -0.56 0.38
CA VAL A 49 -5.83 -0.43 1.73
C VAL A 49 -4.52 -1.22 1.69
N CYS A 50 -3.46 -0.46 1.66
CA CYS A 50 -2.07 -1.03 1.61
C CYS A 50 -1.57 -1.40 3.02
N PRO A 51 -0.54 -2.23 3.10
CA PRO A 51 0.21 -2.43 4.37
C PRO A 51 0.66 -1.08 4.92
N ARG A 52 1.23 -0.29 4.05
CA ARG A 52 1.73 1.08 4.43
C ARG A 52 1.55 2.04 3.24
N SER A 53 1.50 3.29 3.57
CA SER A 53 1.32 4.38 2.55
C SER A 53 2.23 5.55 2.94
N GLU A 54 3.39 5.19 3.44
CA GLU A 54 4.41 6.19 3.88
C GLU A 54 4.97 6.99 2.70
N GLU A 55 5.24 8.23 2.99
CA GLU A 55 5.79 9.19 1.98
C GLU A 55 7.26 9.48 2.37
N LYS A 56 8.00 10.06 1.47
CA LYS A 56 9.43 10.40 1.74
C LYS A 56 9.71 11.71 0.98
N LYS A 57 8.76 12.60 1.13
CA LYS A 57 8.83 13.95 0.49
C LYS A 57 8.96 14.92 1.66
N ASN A 58 7.90 15.09 2.41
CA ASN A 58 7.91 16.01 3.58
C ASN A 58 6.88 15.43 4.57
N ASP A 59 7.37 14.48 5.31
CA ASP A 59 6.53 13.79 6.34
C ASP A 59 7.45 13.06 7.32
N ARG A 60 8.49 12.48 6.78
CA ARG A 60 9.49 11.73 7.62
C ARG A 60 10.16 12.77 8.53
N ILE A 61 10.95 13.63 7.94
CA ILE A 61 11.65 14.69 8.72
C ILE A 61 10.69 15.89 8.74
N CYS A 62 11.03 16.95 9.45
CA CYS A 62 10.13 18.13 9.48
C CYS A 62 10.35 18.97 8.23
N THR A 63 9.87 20.18 8.22
CA THR A 63 10.06 21.04 7.00
C THR A 63 11.53 21.34 6.73
N ASN A 64 11.81 21.26 5.46
CA ASN A 64 13.18 21.52 4.90
C ASN A 64 13.09 21.97 3.45
N CYS A 65 14.10 22.69 3.05
CA CYS A 65 14.21 23.22 1.66
C CYS A 65 14.02 22.03 0.70
N CYS A 66 14.82 21.03 1.03
CA CYS A 66 14.91 19.72 0.33
C CYS A 66 13.60 18.95 0.36
N ALA A 67 13.13 18.78 1.57
CA ALA A 67 11.84 18.05 1.83
C ALA A 67 10.79 18.39 0.77
N GLY A 68 10.71 19.66 0.49
CA GLY A 68 9.75 20.14 -0.53
C GLY A 68 8.27 20.16 -0.14
N THR A 69 7.56 20.91 -0.94
CA THR A 69 6.08 21.13 -0.82
C THR A 69 5.76 22.17 -1.92
N LYS A 70 6.38 21.92 -3.06
CA LYS A 70 6.25 22.76 -4.30
C LYS A 70 5.15 23.83 -4.27
N GLY A 71 5.56 25.02 -3.87
CA GLY A 71 4.59 26.16 -3.79
C GLY A 71 4.79 26.97 -2.51
N CYS A 72 4.88 26.30 -1.39
CA CYS A 72 5.07 27.04 -0.10
C CYS A 72 6.52 27.45 0.08
N LYS A 73 6.66 28.74 0.23
CA LYS A 73 8.00 29.39 0.42
C LYS A 73 8.64 29.16 1.80
N TYR A 74 9.40 28.10 1.92
CA TYR A 74 10.09 27.78 3.21
C TYR A 74 10.74 29.06 3.75
N PHE A 75 10.58 29.25 5.03
CA PHE A 75 11.14 30.47 5.67
C PHE A 75 11.44 30.26 7.15
N SER A 76 12.49 30.92 7.54
CA SER A 76 12.99 30.88 8.94
C SER A 76 12.43 31.94 9.88
N ASP A 77 12.22 31.47 11.09
CA ASP A 77 11.66 32.27 12.23
C ASP A 77 12.40 33.59 12.48
N ASP A 78 13.69 33.59 12.25
CA ASP A 78 14.51 34.82 12.45
C ASP A 78 14.00 36.01 11.62
N GLY A 79 13.15 35.70 10.68
CA GLY A 79 12.56 36.73 9.78
C GLY A 79 13.22 36.72 8.41
N THR A 80 13.56 35.56 7.91
CA THR A 80 14.22 35.49 6.57
C THR A 80 13.72 34.29 5.75
N PHE A 81 13.70 34.48 4.46
CA PHE A 81 13.26 33.41 3.52
C PHE A 81 14.39 32.38 3.39
N VAL A 82 13.98 31.14 3.29
CA VAL A 82 14.96 30.02 3.15
C VAL A 82 14.91 29.48 1.71
N CYS A 83 13.79 28.89 1.37
CA CYS A 83 13.58 28.32 0.00
C CYS A 83 12.07 28.19 -0.23
N GLU A 84 11.73 27.36 -1.18
CA GLU A 84 10.30 27.06 -1.54
C GLU A 84 10.33 25.55 -1.79
N GLY A 85 9.18 24.93 -1.74
CA GLY A 85 9.08 23.45 -1.96
C GLY A 85 10.02 22.91 -3.05
N GLU A 86 11.14 22.33 -2.67
CA GLU A 86 12.08 21.79 -3.71
C GLU A 86 11.61 20.42 -4.24
N SER A 87 10.53 19.93 -3.67
CA SER A 87 9.97 18.61 -4.09
C SER A 87 8.44 18.69 -4.04
N ASP A 88 7.84 18.30 -5.14
CA ASP A 88 6.35 18.31 -5.25
C ASP A 88 5.79 17.01 -4.63
N PRO A 89 4.62 17.08 -4.01
CA PRO A 89 3.79 15.88 -3.67
C PRO A 89 3.50 15.10 -4.97
N ARG A 90 4.52 14.34 -5.31
CA ARG A 90 4.54 13.49 -6.52
C ARG A 90 5.85 12.70 -6.38
N ASN A 91 6.93 13.45 -6.39
CA ASN A 91 8.29 12.85 -6.26
C ASN A 91 8.69 12.82 -4.77
N PRO A 92 8.83 11.66 -4.19
CA PRO A 92 9.22 11.51 -2.75
C PRO A 92 10.72 11.83 -2.56
N LYS A 93 11.00 13.09 -2.32
CA LYS A 93 12.41 13.55 -2.12
C LYS A 93 12.51 14.21 -0.74
N ALA A 94 13.40 13.70 0.08
CA ALA A 94 13.60 14.25 1.45
C ALA A 94 15.04 14.04 1.93
N CYS A 95 15.47 14.94 2.79
CA CYS A 95 16.85 14.90 3.36
C CYS A 95 16.70 14.76 4.91
N PRO A 96 16.83 13.55 5.42
CA PRO A 96 16.78 13.31 6.90
C PRO A 96 18.04 13.92 7.55
N ARG A 97 17.87 15.14 7.99
CA ARG A 97 18.99 15.90 8.64
C ARG A 97 18.43 16.58 9.90
N ASN A 98 17.70 15.81 10.68
CA ASN A 98 17.08 16.33 11.95
C ASN A 98 16.22 17.57 11.59
N CYS A 99 15.56 17.40 10.47
CA CYS A 99 14.66 18.40 9.85
C CYS A 99 15.46 19.70 9.58
N ASP A 100 14.81 20.79 9.27
CA ASP A 100 15.58 22.04 9.01
C ASP A 100 15.38 22.97 10.22
N PRO A 101 16.33 23.02 11.13
CA PRO A 101 16.15 23.71 12.45
C PRO A 101 15.95 25.22 12.27
N ARG A 102 16.54 25.76 11.25
CA ARG A 102 16.42 27.23 10.98
C ARG A 102 15.01 27.58 10.48
N ILE A 103 14.38 26.66 9.77
CA ILE A 103 13.01 26.94 9.24
C ILE A 103 11.98 27.02 10.38
N ALA A 104 10.92 27.70 10.03
CA ALA A 104 9.77 27.93 10.95
C ALA A 104 8.51 27.44 10.24
N TYR A 105 8.30 28.00 9.07
CA TYR A 105 7.12 27.64 8.22
C TYR A 105 7.34 28.15 6.80
N GLY A 106 6.46 27.71 5.94
CA GLY A 106 6.51 28.11 4.50
C GLY A 106 5.34 29.03 4.14
N ILE A 107 5.66 30.19 3.62
CA ILE A 107 4.60 31.15 3.24
C ILE A 107 4.05 30.68 1.88
N CYS A 108 2.92 30.01 1.96
CA CYS A 108 2.24 29.48 0.75
C CYS A 108 1.47 30.62 0.07
N PRO A 109 1.06 30.46 -1.17
CA PRO A 109 0.18 31.44 -1.89
C PRO A 109 -1.03 31.86 -1.03
N LEU A 110 -1.39 31.01 -0.10
CA LEU A 110 -2.56 31.28 0.80
C LEU A 110 -2.04 31.33 2.25
N ALA A 111 -1.38 30.27 2.65
CA ALA A 111 -0.82 30.16 4.03
C ALA A 111 0.67 30.57 4.06
N ASP A 1 -18.76 11.66 -10.70
CA ASP A 1 -17.67 10.84 -10.11
C ASP A 1 -16.79 10.25 -11.22
N ARG A 2 -15.56 9.97 -10.87
CA ARG A 2 -14.58 9.40 -11.85
C ARG A 2 -13.76 8.34 -11.08
N ILE A 3 -14.48 7.40 -10.53
CA ILE A 3 -13.85 6.28 -9.75
C ILE A 3 -13.46 5.15 -10.72
N CYS A 4 -12.70 5.51 -11.73
CA CYS A 4 -12.25 4.51 -12.73
C CYS A 4 -11.01 3.73 -12.34
N THR A 5 -10.99 3.37 -11.09
CA THR A 5 -9.88 2.60 -10.49
C THR A 5 -10.30 1.12 -10.65
N ASN A 6 -9.33 0.22 -10.60
CA ASN A 6 -9.66 -1.23 -10.76
C ASN A 6 -8.73 -2.13 -9.94
N CYS A 7 -9.14 -3.36 -9.90
CA CYS A 7 -8.43 -4.46 -9.17
C CYS A 7 -7.02 -4.70 -9.74
N CYS A 8 -7.00 -4.92 -11.02
CA CYS A 8 -5.72 -5.18 -11.75
C CYS A 8 -4.86 -3.91 -11.73
N ALA A 9 -5.46 -2.86 -12.23
CA ALA A 9 -4.80 -1.52 -12.31
C ALA A 9 -4.28 -1.02 -10.95
N GLY A 10 -4.77 -1.62 -9.89
CA GLY A 10 -4.31 -1.21 -8.52
C GLY A 10 -2.79 -1.41 -8.35
N THR A 11 -2.25 -0.73 -7.37
CA THR A 11 -0.79 -0.79 -7.07
C THR A 11 -0.32 -2.07 -6.34
N LYS A 12 0.71 -2.66 -6.92
CA LYS A 12 1.32 -3.92 -6.34
C LYS A 12 1.86 -3.61 -4.95
N GLY A 13 1.04 -3.85 -3.96
CA GLY A 13 1.45 -3.59 -2.55
C GLY A 13 0.26 -3.39 -1.61
N CYS A 14 -0.85 -2.90 -2.11
CA CYS A 14 -2.03 -2.69 -1.22
C CYS A 14 -3.24 -3.53 -1.62
N LYS A 15 -4.21 -3.52 -0.74
CA LYS A 15 -5.46 -4.30 -0.96
C LYS A 15 -6.62 -3.39 -1.41
N TYR A 16 -6.83 -3.32 -2.70
CA TYR A 16 -7.93 -2.47 -3.23
C TYR A 16 -9.24 -2.97 -2.64
N PHE A 17 -9.91 -2.01 -2.09
CA PHE A 17 -11.22 -2.19 -1.41
C PHE A 17 -12.24 -1.13 -1.80
N SER A 18 -13.47 -1.55 -1.72
CA SER A 18 -14.63 -0.70 -2.06
C SER A 18 -15.20 0.07 -0.85
N ASP A 19 -15.42 1.34 -1.10
CA ASP A 19 -15.97 2.32 -0.10
C ASP A 19 -17.21 1.85 0.67
N ASP A 20 -18.01 1.01 0.06
CA ASP A 20 -19.25 0.50 0.73
C ASP A 20 -18.94 -0.20 2.07
N GLY A 21 -17.70 -0.58 2.23
CA GLY A 21 -17.24 -1.27 3.47
C GLY A 21 -16.85 -2.72 3.18
N THR A 22 -16.44 -2.99 1.96
CA THR A 22 -16.04 -4.38 1.58
C THR A 22 -14.75 -4.36 0.75
N PHE A 23 -14.06 -5.47 0.79
CA PHE A 23 -12.77 -5.62 0.04
C PHE A 23 -13.05 -6.07 -1.40
N VAL A 24 -12.18 -5.65 -2.29
CA VAL A 24 -12.31 -5.99 -3.74
C VAL A 24 -11.19 -7.02 -4.06
N CYS A 25 -9.99 -6.53 -4.23
CA CYS A 25 -8.83 -7.43 -4.54
C CYS A 25 -7.53 -6.64 -4.31
N GLU A 26 -6.40 -7.28 -4.53
CA GLU A 26 -5.07 -6.60 -4.34
C GLU A 26 -4.71 -5.83 -5.63
N GLY A 27 -3.87 -4.83 -5.53
CA GLY A 27 -3.49 -4.07 -6.75
C GLY A 27 -2.54 -5.00 -7.50
N GLU A 28 -2.91 -5.44 -8.68
CA GLU A 28 -2.02 -6.36 -9.46
C GLU A 28 -1.17 -5.68 -10.55
N SER A 29 -0.96 -4.40 -10.38
CA SER A 29 -0.15 -3.62 -11.37
C SER A 29 0.77 -2.67 -10.60
N ASP A 30 2.05 -2.85 -10.74
CA ASP A 30 3.01 -1.96 -10.02
C ASP A 30 3.13 -0.63 -10.79
N PRO A 31 3.05 0.49 -10.10
CA PRO A 31 3.17 1.84 -10.72
C PRO A 31 4.61 2.04 -11.24
N ARG A 32 4.81 1.56 -12.44
CA ARG A 32 6.13 1.65 -13.16
C ARG A 32 5.99 0.90 -14.49
N ASN A 33 5.33 -0.23 -14.44
CA ASN A 33 5.13 -1.04 -15.68
C ASN A 33 4.03 -0.46 -16.58
N PRO A 34 4.20 -0.59 -17.88
CA PRO A 34 3.09 -0.42 -18.87
C PRO A 34 2.27 -1.73 -18.95
N LYS A 35 1.90 -2.25 -17.80
CA LYS A 35 1.11 -3.51 -17.75
C LYS A 35 -0.32 -3.29 -18.30
N ALA A 36 -0.83 -4.37 -18.84
CA ALA A 36 -2.21 -4.37 -19.43
C ALA A 36 -3.20 -4.79 -18.33
N CYS A 37 -4.25 -4.03 -18.19
CA CYS A 37 -5.29 -4.32 -17.15
C CYS A 37 -6.72 -4.02 -17.62
N THR A 38 -7.62 -4.25 -16.70
CA THR A 38 -9.08 -4.03 -16.94
C THR A 38 -9.38 -2.53 -16.70
N LEU A 39 -9.74 -1.86 -17.76
CA LEU A 39 -10.07 -0.41 -17.69
C LEU A 39 -11.49 -0.15 -17.15
N ASN A 40 -12.18 -1.22 -16.82
CA ASN A 40 -13.57 -1.09 -16.28
C ASN A 40 -13.54 -0.25 -14.99
N CYS A 41 -14.26 0.85 -15.04
CA CYS A 41 -14.32 1.76 -13.86
C CYS A 41 -15.11 1.04 -12.75
N ASP A 42 -14.38 0.36 -11.90
CA ASP A 42 -15.02 -0.39 -10.78
C ASP A 42 -15.74 0.58 -9.81
N PRO A 43 -17.04 0.68 -9.91
CA PRO A 43 -17.79 1.85 -9.36
C PRO A 43 -17.71 1.89 -7.83
N ARG A 44 -17.76 0.72 -7.26
CA ARG A 44 -17.70 0.57 -5.78
C ARG A 44 -16.29 0.70 -5.19
N ILE A 45 -15.28 0.45 -5.99
CA ILE A 45 -13.86 0.54 -5.47
C ILE A 45 -13.61 1.93 -4.85
N ALA A 46 -12.61 2.00 -4.00
CA ALA A 46 -12.29 3.30 -3.33
C ALA A 46 -10.78 3.51 -3.19
N TYR A 47 -10.14 2.66 -2.44
CA TYR A 47 -8.67 2.78 -2.22
C TYR A 47 -8.02 1.46 -1.84
N GLY A 48 -6.72 1.47 -2.03
CA GLY A 48 -5.88 0.27 -1.73
C GLY A 48 -5.35 0.34 -0.30
N VAL A 49 -6.05 -0.31 0.60
CA VAL A 49 -5.59 -0.30 2.02
C VAL A 49 -4.48 -1.36 2.19
N CYS A 50 -3.27 -0.89 2.40
CA CYS A 50 -2.12 -1.82 2.59
C CYS A 50 -2.13 -2.37 4.03
N PRO A 51 -1.55 -3.53 4.24
CA PRO A 51 -1.61 -4.24 5.56
C PRO A 51 -1.08 -3.36 6.70
N ARG A 52 -0.10 -2.56 6.37
CA ARG A 52 0.52 -1.64 7.38
C ARG A 52 1.25 -0.50 6.66
N SER A 53 1.66 0.48 7.42
CA SER A 53 2.39 1.65 6.84
C SER A 53 3.79 1.20 6.40
N GLU A 54 3.96 1.05 5.11
CA GLU A 54 5.27 0.61 4.57
C GLU A 54 6.28 1.75 4.80
N GLU A 55 7.36 1.43 5.45
CA GLU A 55 8.41 2.45 5.74
C GLU A 55 9.63 2.26 4.82
N LYS A 56 10.39 1.22 5.04
CA LYS A 56 11.61 0.90 4.24
C LYS A 56 12.57 2.10 4.20
N LYS A 57 13.42 2.16 5.19
CA LYS A 57 14.41 3.27 5.29
C LYS A 57 15.61 2.79 6.12
N ASN A 58 16.79 3.00 5.58
CA ASN A 58 18.04 2.58 6.27
C ASN A 58 19.23 3.36 5.68
N ASP A 59 20.15 3.70 6.55
CA ASP A 59 21.36 4.46 6.13
C ASP A 59 22.42 3.46 5.64
N ARG A 60 22.19 2.97 4.45
CA ARG A 60 23.11 1.98 3.82
C ARG A 60 24.47 2.62 3.51
N ILE A 61 25.38 2.41 4.43
CA ILE A 61 26.76 2.96 4.33
C ILE A 61 27.63 2.09 3.40
N CYS A 62 27.30 2.12 2.13
CA CYS A 62 28.06 1.30 1.14
C CYS A 62 29.27 2.03 0.52
N THR A 63 30.10 2.48 1.43
CA THR A 63 31.35 3.20 1.05
C THR A 63 32.47 2.18 0.92
N ASN A 64 33.52 2.55 0.24
CA ASN A 64 34.66 1.60 0.06
C ASN A 64 35.93 2.37 -0.36
N CYS A 65 37.07 1.87 0.05
CA CYS A 65 38.36 2.54 -0.29
C CYS A 65 38.69 2.53 -1.81
N CYS A 66 37.98 1.70 -2.53
CA CYS A 66 38.18 1.57 -4.00
C CYS A 66 37.51 2.63 -4.88
N ALA A 67 36.20 2.59 -4.85
CA ALA A 67 35.35 3.52 -5.65
C ALA A 67 35.20 4.93 -5.05
N GLY A 68 36.33 5.57 -4.99
CA GLY A 68 36.43 6.96 -4.45
C GLY A 68 37.06 7.87 -5.50
N THR A 69 37.74 8.87 -4.98
CA THR A 69 38.43 9.87 -5.85
C THR A 69 39.83 10.15 -5.28
N LYS A 70 40.82 9.89 -6.09
CA LYS A 70 42.24 10.11 -5.70
C LYS A 70 42.50 11.58 -5.30
N GLY A 71 42.31 11.79 -4.03
CA GLY A 71 42.50 13.15 -3.42
C GLY A 71 41.78 13.18 -2.07
N CYS A 72 40.60 12.60 -2.03
CA CYS A 72 39.81 12.57 -0.77
C CYS A 72 40.37 11.45 0.10
N LYS A 73 40.67 11.83 1.31
CA LYS A 73 41.25 10.88 2.30
C LYS A 73 40.24 9.96 2.99
N TYR A 74 39.89 8.87 2.35
CA TYR A 74 38.92 7.89 2.94
C TYR A 74 39.28 7.68 4.42
N PHE A 75 38.28 7.87 5.24
CA PHE A 75 38.45 7.72 6.71
C PHE A 75 37.23 7.07 7.37
N SER A 76 37.53 6.41 8.46
CA SER A 76 36.49 5.68 9.26
C SER A 76 36.00 6.39 10.54
N ASP A 77 34.73 6.19 10.73
CA ASP A 77 33.92 6.73 11.87
C ASP A 77 34.57 6.47 13.24
N ASP A 78 35.36 5.43 13.30
CA ASP A 78 36.06 5.05 14.55
C ASP A 78 37.04 6.14 15.03
N GLY A 79 37.14 7.17 14.23
CA GLY A 79 38.04 8.32 14.54
C GLY A 79 39.44 8.03 14.01
N THR A 80 39.50 7.25 12.95
CA THR A 80 40.82 6.90 12.35
C THR A 80 40.72 6.86 10.83
N PHE A 81 41.79 7.28 10.21
CA PHE A 81 41.90 7.30 8.72
C PHE A 81 41.95 5.88 8.16
N VAL A 82 41.63 5.79 6.89
CA VAL A 82 41.63 4.47 6.17
C VAL A 82 42.58 4.50 4.96
N CYS A 83 42.16 5.16 3.91
CA CYS A 83 43.00 5.26 2.67
C CYS A 83 42.55 6.51 1.89
N GLU A 84 42.91 6.58 0.64
CA GLU A 84 42.52 7.73 -0.23
C GLU A 84 41.69 7.09 -1.38
N GLY A 85 40.96 7.88 -2.12
CA GLY A 85 40.16 7.27 -3.24
C GLY A 85 41.09 6.60 -4.26
N GLU A 86 40.99 5.29 -4.34
CA GLU A 86 41.85 4.52 -5.30
C GLU A 86 41.22 4.46 -6.70
N SER A 87 40.35 5.41 -6.93
CA SER A 87 39.63 5.55 -8.21
C SER A 87 39.70 7.02 -8.61
N ASP A 88 39.48 7.27 -9.88
CA ASP A 88 39.52 8.68 -10.40
C ASP A 88 38.17 9.35 -10.04
N PRO A 89 38.17 10.64 -9.75
CA PRO A 89 36.91 11.43 -9.58
C PRO A 89 35.87 11.20 -10.69
N ARG A 90 36.31 10.63 -11.78
CA ARG A 90 35.43 10.35 -12.95
C ARG A 90 35.84 8.96 -13.49
N ASN A 91 35.84 8.01 -12.59
CA ASN A 91 36.20 6.60 -12.94
C ASN A 91 34.96 5.79 -13.37
N PRO A 92 35.02 5.14 -14.51
CA PRO A 92 34.13 4.00 -14.86
C PRO A 92 34.73 2.70 -14.26
N LYS A 93 35.11 2.77 -13.01
CA LYS A 93 35.71 1.59 -12.30
C LYS A 93 35.03 1.31 -10.96
N ALA A 94 34.97 0.05 -10.61
CA ALA A 94 34.35 -0.38 -9.32
C ALA A 94 34.84 -1.79 -8.96
N CYS A 95 35.38 -1.92 -7.78
CA CYS A 95 35.90 -3.25 -7.31
C CYS A 95 34.71 -4.11 -6.84
N PRO A 96 34.90 -5.40 -6.72
CA PRO A 96 33.96 -6.28 -5.94
C PRO A 96 34.08 -6.00 -4.42
N ARG A 97 34.88 -5.01 -4.08
CA ARG A 97 35.09 -4.63 -2.65
C ARG A 97 34.13 -3.49 -2.24
N ASN A 98 33.05 -3.38 -2.97
CA ASN A 98 32.02 -2.32 -2.67
C ASN A 98 31.39 -2.53 -1.29
N CYS A 99 30.87 -1.45 -0.77
CA CYS A 99 30.20 -1.39 0.56
C CYS A 99 31.16 -1.73 1.72
N ASP A 100 31.24 -0.82 2.66
CA ASP A 100 32.14 -1.01 3.84
C ASP A 100 31.62 -0.16 5.04
N PRO A 101 30.70 -0.69 5.79
CA PRO A 101 30.20 -0.03 7.05
C PRO A 101 31.34 0.36 7.99
N ARG A 102 32.49 -0.26 7.79
CA ARG A 102 33.68 0.02 8.62
C ARG A 102 34.05 1.49 8.37
N ILE A 103 34.23 1.84 7.11
CA ILE A 103 34.61 3.26 6.79
C ILE A 103 33.35 4.14 6.82
N ALA A 104 33.57 5.42 7.02
CA ALA A 104 32.45 6.41 7.09
C ALA A 104 32.48 7.41 5.91
N TYR A 105 33.55 8.15 5.82
CA TYR A 105 33.71 9.16 4.72
C TYR A 105 35.16 9.61 4.56
N GLY A 106 35.42 10.14 3.39
CA GLY A 106 36.78 10.63 3.04
C GLY A 106 36.92 12.14 3.27
N ILE A 107 37.93 12.49 4.02
CA ILE A 107 38.19 13.93 4.33
C ILE A 107 38.92 14.52 3.12
N CYS A 108 38.15 15.18 2.28
CA CYS A 108 38.72 15.81 1.05
C CYS A 108 39.38 17.15 1.43
N PRO A 109 40.49 17.48 0.81
CA PRO A 109 41.30 18.69 1.16
C PRO A 109 40.44 19.96 1.23
N LEU A 110 40.71 20.75 2.25
CA LEU A 110 39.95 22.02 2.45
C LEU A 110 40.77 23.01 3.32
N ALA A 111 41.86 22.52 3.87
CA ALA A 111 42.75 23.35 4.74
C ALA A 111 41.94 24.03 5.87
N ASP A 1 -20.22 8.96 -12.56
CA ASP A 1 -18.77 9.24 -12.76
C ASP A 1 -18.14 8.08 -13.57
N ARG A 2 -17.06 8.41 -14.23
CA ARG A 2 -16.32 7.41 -15.06
C ARG A 2 -15.31 6.69 -14.16
N ILE A 3 -15.84 6.08 -13.13
CA ILE A 3 -15.03 5.32 -12.14
C ILE A 3 -14.80 3.88 -12.65
N CYS A 4 -14.47 3.78 -13.92
CA CYS A 4 -14.22 2.45 -14.53
C CYS A 4 -12.78 1.95 -14.32
N THR A 5 -12.46 1.84 -13.07
CA THR A 5 -11.11 1.37 -12.65
C THR A 5 -11.18 -0.17 -12.52
N ASN A 6 -10.04 -0.78 -12.41
CA ASN A 6 -9.97 -2.27 -12.28
C ASN A 6 -8.80 -2.66 -11.37
N CYS A 7 -8.97 -3.78 -10.70
CA CYS A 7 -7.91 -4.26 -9.77
C CYS A 7 -6.65 -4.68 -10.55
N CYS A 8 -6.85 -4.93 -11.82
CA CYS A 8 -5.75 -5.34 -12.75
C CYS A 8 -4.65 -4.28 -12.67
N ALA A 9 -5.10 -3.07 -12.92
CA ALA A 9 -4.19 -1.88 -12.90
C ALA A 9 -3.80 -1.55 -11.45
N GLY A 10 -4.63 -1.98 -10.53
CA GLY A 10 -4.37 -1.72 -9.08
C GLY A 10 -2.98 -2.16 -8.65
N THR A 11 -2.46 -1.34 -7.79
CA THR A 11 -1.10 -1.51 -7.20
C THR A 11 -0.98 -2.82 -6.41
N LYS A 12 -0.24 -3.74 -6.97
CA LYS A 12 -0.03 -5.07 -6.32
C LYS A 12 0.82 -4.87 -5.05
N GLY A 13 0.10 -4.60 -3.99
CA GLY A 13 0.69 -4.37 -2.65
C GLY A 13 -0.34 -3.71 -1.73
N CYS A 14 -1.32 -3.07 -2.33
CA CYS A 14 -2.39 -2.37 -1.54
C CYS A 14 -3.71 -3.15 -1.64
N LYS A 15 -4.35 -3.24 -0.50
CA LYS A 15 -5.65 -3.96 -0.40
C LYS A 15 -6.81 -3.06 -0.82
N TYR A 16 -7.05 -3.02 -2.11
CA TYR A 16 -8.17 -2.18 -2.66
C TYR A 16 -9.45 -2.45 -1.89
N PHE A 17 -10.02 -1.35 -1.47
CA PHE A 17 -11.28 -1.36 -0.68
C PHE A 17 -12.27 -0.28 -1.14
N SER A 18 -13.49 -0.50 -0.76
CA SER A 18 -14.62 0.43 -1.09
C SER A 18 -15.05 1.29 0.10
N ASP A 19 -15.19 2.55 -0.20
CA ASP A 19 -15.60 3.62 0.77
C ASP A 19 -16.81 3.26 1.63
N ASP A 20 -17.63 2.38 1.11
CA ASP A 20 -18.86 1.92 1.84
C ASP A 20 -18.54 1.26 3.19
N GLY A 21 -17.27 1.06 3.43
CA GLY A 21 -16.80 0.43 4.70
C GLY A 21 -16.60 -1.07 4.49
N THR A 22 -16.31 -1.44 3.27
CA THR A 22 -16.09 -2.89 2.95
C THR A 22 -14.96 -3.03 1.94
N PHE A 23 -14.14 -4.04 2.17
CA PHE A 23 -12.97 -4.34 1.28
C PHE A 23 -13.45 -4.80 -0.11
N VAL A 24 -12.53 -4.79 -1.05
CA VAL A 24 -12.85 -5.20 -2.45
C VAL A 24 -11.84 -6.24 -2.99
N CYS A 25 -10.65 -5.79 -3.31
CA CYS A 25 -9.60 -6.70 -3.86
C CYS A 25 -8.18 -6.23 -3.48
N GLU A 26 -7.22 -6.89 -4.07
CA GLU A 26 -5.77 -6.60 -3.86
C GLU A 26 -5.23 -6.33 -5.26
N GLY A 27 -4.37 -5.34 -5.41
CA GLY A 27 -3.82 -5.02 -6.77
C GLY A 27 -3.11 -6.21 -7.46
N GLU A 28 -3.07 -6.13 -8.78
CA GLU A 28 -2.42 -7.18 -9.63
C GLU A 28 -1.17 -6.67 -10.34
N SER A 29 -1.16 -5.38 -10.62
CA SER A 29 0.01 -4.76 -11.31
C SER A 29 0.70 -3.86 -10.28
N ASP A 30 1.98 -4.09 -10.10
CA ASP A 30 2.77 -3.28 -9.12
C ASP A 30 3.11 -1.92 -9.76
N PRO A 31 3.12 -0.85 -8.99
CA PRO A 31 3.49 0.52 -9.47
C PRO A 31 4.69 0.60 -10.44
N ARG A 32 5.52 -0.41 -10.41
CA ARG A 32 6.72 -0.47 -11.31
C ARG A 32 6.30 -0.36 -12.79
N ASN A 33 5.12 -0.87 -13.07
CA ASN A 33 4.55 -0.85 -14.44
C ASN A 33 4.52 0.56 -15.08
N PRO A 34 5.17 0.74 -16.21
CA PRO A 34 5.01 1.96 -17.06
C PRO A 34 3.76 1.83 -17.95
N LYS A 35 2.72 1.30 -17.36
CA LYS A 35 1.41 1.10 -18.07
C LYS A 35 0.36 0.69 -17.03
N ALA A 36 -0.89 0.87 -17.40
CA ALA A 36 -2.03 0.52 -16.50
C ALA A 36 -3.17 -0.12 -17.30
N CYS A 37 -3.91 -0.97 -16.64
CA CYS A 37 -5.06 -1.66 -17.32
C CYS A 37 -6.25 -0.69 -17.38
N THR A 38 -6.99 -0.75 -18.46
CA THR A 38 -8.17 0.14 -18.65
C THR A 38 -9.21 -0.63 -19.48
N LEU A 39 -10.10 -1.30 -18.79
CA LEU A 39 -11.16 -2.08 -19.49
C LEU A 39 -12.34 -2.30 -18.52
N ASN A 40 -12.10 -3.10 -17.51
CA ASN A 40 -13.17 -3.38 -16.49
C ASN A 40 -13.47 -2.17 -15.61
N CYS A 41 -14.71 -2.07 -15.23
CA CYS A 41 -15.19 -0.95 -14.36
C CYS A 41 -15.42 -1.46 -12.94
N ASP A 42 -14.90 -0.74 -11.97
CA ASP A 42 -15.07 -1.14 -10.54
C ASP A 42 -15.45 0.09 -9.67
N PRO A 43 -16.71 0.47 -9.75
CA PRO A 43 -17.23 1.72 -9.12
C PRO A 43 -17.09 1.71 -7.59
N ARG A 44 -17.11 0.52 -7.04
CA ARG A 44 -17.00 0.37 -5.57
C ARG A 44 -15.63 0.81 -5.03
N ILE A 45 -14.58 0.59 -5.79
CA ILE A 45 -13.23 1.02 -5.28
C ILE A 45 -13.16 2.52 -4.99
N ALA A 46 -12.54 2.77 -3.87
CA ALA A 46 -12.34 4.16 -3.34
C ALA A 46 -10.83 4.33 -3.13
N TYR A 47 -10.29 3.38 -2.40
CA TYR A 47 -8.83 3.34 -2.06
C TYR A 47 -8.49 2.01 -1.41
N GLY A 48 -7.23 1.69 -1.49
CA GLY A 48 -6.71 0.42 -0.92
C GLY A 48 -5.78 0.66 0.28
N VAL A 49 -6.00 -0.09 1.33
CA VAL A 49 -5.16 0.06 2.54
C VAL A 49 -3.88 -0.75 2.33
N CYS A 50 -2.82 -0.02 2.07
CA CYS A 50 -1.48 -0.65 1.84
C CYS A 50 -0.85 -1.00 3.20
N PRO A 51 -0.70 -2.28 3.50
CA PRO A 51 -0.25 -2.74 4.85
C PRO A 51 1.25 -2.46 5.05
N ARG A 52 1.61 -2.20 6.28
CA ARG A 52 3.04 -1.92 6.63
C ARG A 52 3.80 -3.23 6.85
N SER A 53 5.08 -3.09 7.14
CA SER A 53 5.95 -4.28 7.39
C SER A 53 5.58 -4.96 8.72
N GLU A 54 6.29 -6.02 9.04
CA GLU A 54 6.01 -6.77 10.32
C GLU A 54 6.39 -5.92 11.54
N GLU A 55 6.02 -6.45 12.69
CA GLU A 55 6.32 -5.77 13.99
C GLU A 55 7.80 -6.02 14.35
N LYS A 56 8.37 -5.12 15.11
CA LYS A 56 9.82 -5.27 15.51
C LYS A 56 9.98 -4.91 17.01
N LYS A 57 9.67 -3.68 17.36
CA LYS A 57 9.79 -3.21 18.78
C LYS A 57 8.59 -3.68 19.63
N ASN A 58 7.90 -4.66 19.11
CA ASN A 58 6.71 -5.24 19.79
C ASN A 58 7.10 -6.19 20.93
N ASP A 59 8.10 -6.99 20.68
CA ASP A 59 8.61 -7.98 21.70
C ASP A 59 7.44 -8.93 22.07
N ARG A 60 6.68 -9.24 21.06
CA ARG A 60 5.49 -10.14 21.17
C ARG A 60 5.90 -11.54 20.68
N ILE A 61 5.01 -12.49 20.87
CA ILE A 61 5.24 -13.90 20.46
C ILE A 61 5.44 -14.01 18.92
N CYS A 62 6.67 -13.82 18.51
CA CYS A 62 7.00 -13.91 17.06
C CYS A 62 7.48 -15.29 16.64
N THR A 63 6.63 -16.25 16.92
CA THR A 63 6.90 -17.68 16.60
C THR A 63 6.64 -17.90 15.11
N ASN A 64 7.14 -18.98 14.58
CA ASN A 64 6.94 -19.28 13.14
C ASN A 64 7.19 -20.77 12.86
N CYS A 65 6.60 -21.24 11.80
CA CYS A 65 6.76 -22.67 11.41
C CYS A 65 8.08 -22.87 10.62
N CYS A 66 8.65 -21.76 10.21
CA CYS A 66 9.92 -21.78 9.44
C CYS A 66 11.01 -22.35 10.35
N ALA A 67 11.20 -21.65 11.45
CA ALA A 67 12.22 -22.07 12.45
C ALA A 67 11.55 -22.99 13.49
N GLY A 68 10.61 -23.78 13.01
CA GLY A 68 9.86 -24.73 13.89
C GLY A 68 10.73 -25.93 14.26
N THR A 69 10.25 -27.11 13.93
CA THR A 69 11.00 -28.36 14.24
C THR A 69 10.51 -29.50 13.34
N LYS A 70 11.37 -29.83 12.40
CA LYS A 70 11.08 -30.91 11.41
C LYS A 70 10.81 -32.19 12.22
N GLY A 71 9.54 -32.47 12.31
CA GLY A 71 9.07 -33.67 13.06
C GLY A 71 7.57 -33.54 13.32
N CYS A 72 7.10 -32.33 13.50
CA CYS A 72 5.63 -32.14 13.77
C CYS A 72 5.03 -31.17 12.76
N LYS A 73 3.73 -31.01 12.86
CA LYS A 73 3.01 -30.10 11.93
C LYS A 73 2.51 -28.87 12.72
N TYR A 74 3.27 -27.81 12.62
CA TYR A 74 2.92 -26.54 13.33
C TYR A 74 1.51 -26.13 12.94
N PHE A 75 0.76 -25.83 13.96
CA PHE A 75 -0.65 -25.41 13.80
C PHE A 75 -1.06 -24.27 14.75
N SER A 76 -1.96 -23.50 14.20
CA SER A 76 -2.56 -22.29 14.85
C SER A 76 -3.94 -22.68 15.43
N ASP A 77 -4.03 -22.60 16.73
CA ASP A 77 -5.28 -22.94 17.48
C ASP A 77 -6.48 -22.09 17.06
N ASP A 78 -6.25 -20.80 17.14
CA ASP A 78 -7.29 -19.80 16.78
C ASP A 78 -7.30 -19.54 15.28
N GLY A 79 -6.64 -20.39 14.54
CA GLY A 79 -6.58 -20.22 13.07
C GLY A 79 -6.97 -21.54 12.41
N THR A 80 -5.95 -22.34 12.22
CA THR A 80 -6.01 -23.70 11.58
C THR A 80 -4.53 -24.14 11.39
N PHE A 81 -4.32 -25.27 10.76
CA PHE A 81 -2.93 -25.78 10.52
C PHE A 81 -2.11 -24.69 9.81
N VAL A 82 -0.89 -24.53 10.28
CA VAL A 82 0.04 -23.53 9.71
C VAL A 82 0.94 -24.19 8.66
N CYS A 83 1.88 -25.00 9.10
CA CYS A 83 2.81 -25.70 8.16
C CYS A 83 3.59 -26.78 8.92
N GLU A 84 4.42 -27.51 8.23
CA GLU A 84 5.23 -28.58 8.90
C GLU A 84 6.59 -27.99 9.33
N GLY A 85 7.17 -28.54 10.37
CA GLY A 85 8.49 -28.05 10.86
C GLY A 85 9.51 -27.95 9.73
N GLU A 86 9.71 -26.74 9.28
CA GLU A 86 10.68 -26.48 8.17
C GLU A 86 12.12 -26.46 8.71
N SER A 87 12.24 -26.41 10.02
CA SER A 87 13.58 -26.39 10.67
C SER A 87 14.18 -27.80 10.67
N ASP A 88 14.80 -28.13 9.57
CA ASP A 88 15.45 -29.47 9.41
C ASP A 88 16.79 -29.40 10.15
N PRO A 89 17.10 -30.37 10.98
CA PRO A 89 18.28 -30.29 11.91
C PRO A 89 19.60 -29.94 11.22
N ARG A 90 19.66 -30.18 9.93
CA ARG A 90 20.89 -29.88 9.13
C ARG A 90 20.93 -28.40 8.68
N ASN A 91 20.06 -27.60 9.26
CA ASN A 91 20.00 -26.16 8.91
C ASN A 91 20.98 -25.33 9.76
N PRO A 92 21.71 -24.42 9.15
CA PRO A 92 22.40 -23.31 9.87
C PRO A 92 21.44 -22.14 10.15
N LYS A 93 20.19 -22.50 10.29
CA LYS A 93 19.06 -21.56 10.56
C LYS A 93 18.91 -20.47 9.49
N ALA A 94 17.73 -20.40 8.92
CA ALA A 94 17.45 -19.39 7.85
C ALA A 94 15.96 -18.97 7.88
N CYS A 95 15.68 -18.09 8.81
CA CYS A 95 14.28 -17.56 8.97
C CYS A 95 14.36 -16.15 9.60
N PRO A 96 13.79 -15.15 8.97
CA PRO A 96 13.76 -13.77 9.53
C PRO A 96 13.02 -13.75 10.88
N ARG A 97 11.72 -13.63 10.84
CA ARG A 97 10.90 -13.60 12.09
C ARG A 97 9.59 -14.35 11.84
N ASN A 98 8.84 -13.87 10.89
CA ASN A 98 7.52 -14.48 10.51
C ASN A 98 6.64 -14.66 11.76
N CYS A 99 6.57 -13.60 12.52
CA CYS A 99 5.76 -13.58 13.79
C CYS A 99 4.40 -14.29 13.64
N ASP A 100 4.14 -15.20 14.55
CA ASP A 100 2.85 -15.96 14.51
C ASP A 100 2.27 -16.13 15.93
N PRO A 101 1.63 -15.10 16.44
CA PRO A 101 0.86 -15.16 17.71
C PRO A 101 -0.27 -16.19 17.68
N ARG A 102 -0.86 -16.35 16.52
CA ARG A 102 -1.98 -17.33 16.37
C ARG A 102 -1.52 -18.78 16.62
N ILE A 103 -0.23 -18.99 16.56
CA ILE A 103 0.36 -20.35 16.78
C ILE A 103 -0.20 -21.05 18.04
N ALA A 104 -0.19 -22.35 18.00
CA ALA A 104 -0.68 -23.18 19.14
C ALA A 104 0.43 -24.13 19.55
N TYR A 105 0.66 -25.12 18.71
CA TYR A 105 1.71 -26.13 19.00
C TYR A 105 2.18 -26.76 17.68
N GLY A 106 2.82 -27.88 17.81
CA GLY A 106 3.35 -28.65 16.65
C GLY A 106 2.66 -30.01 16.73
N ILE A 107 1.55 -30.13 16.04
CA ILE A 107 0.81 -31.42 16.06
C ILE A 107 1.48 -32.45 15.13
N CYS A 108 2.14 -33.39 15.73
CA CYS A 108 2.84 -34.46 14.94
C CYS A 108 1.82 -35.51 14.47
N PRO A 109 2.09 -36.15 13.34
CA PRO A 109 1.12 -37.08 12.68
C PRO A 109 0.74 -38.24 13.61
N LEU A 110 -0.52 -38.24 13.99
CA LEU A 110 -1.04 -39.32 14.89
C LEU A 110 -1.35 -40.62 14.14
N ALA A 111 -1.86 -41.59 14.85
CA ALA A 111 -2.21 -42.90 14.23
C ALA A 111 -3.33 -42.74 13.20
N ASP A 1 -19.37 7.69 -14.89
CA ASP A 1 -18.80 7.54 -13.53
C ASP A 1 -17.51 8.36 -13.42
N ARG A 2 -17.22 8.80 -12.21
CA ARG A 2 -15.99 9.61 -11.95
C ARG A 2 -14.91 8.76 -11.28
N ILE A 3 -15.30 8.02 -10.27
CA ILE A 3 -14.34 7.15 -9.54
C ILE A 3 -13.80 6.01 -10.45
N CYS A 4 -12.76 6.32 -11.19
CA CYS A 4 -12.18 5.28 -12.08
C CYS A 4 -11.05 4.49 -11.45
N THR A 5 -11.44 3.84 -10.40
CA THR A 5 -10.50 2.98 -9.62
C THR A 5 -10.62 1.59 -10.26
N ASN A 6 -9.64 0.76 -10.03
CA ASN A 6 -9.64 -0.62 -10.60
C ASN A 6 -8.65 -1.50 -9.80
N CYS A 7 -8.33 -2.65 -10.35
CA CYS A 7 -7.39 -3.59 -9.69
C CYS A 7 -6.11 -3.84 -10.51
N CYS A 8 -6.27 -3.91 -11.81
CA CYS A 8 -5.12 -4.16 -12.75
C CYS A 8 -4.09 -3.03 -12.64
N ALA A 9 -4.56 -1.86 -12.97
CA ALA A 9 -3.71 -0.63 -12.93
C ALA A 9 -3.82 0.02 -11.54
N GLY A 10 -4.08 -0.81 -10.56
CA GLY A 10 -4.23 -0.34 -9.15
C GLY A 10 -2.86 0.04 -8.55
N THR A 11 -2.49 -0.68 -7.51
CA THR A 11 -1.18 -0.44 -6.82
C THR A 11 -0.77 -1.75 -6.14
N LYS A 12 0.00 -2.56 -6.84
CA LYS A 12 0.45 -3.86 -6.28
C LYS A 12 1.15 -3.64 -4.94
N GLY A 13 0.49 -4.13 -3.92
CA GLY A 13 1.01 -4.03 -2.51
C GLY A 13 -0.14 -3.61 -1.57
N CYS A 14 -1.07 -2.86 -2.12
CA CYS A 14 -2.24 -2.39 -1.30
C CYS A 14 -3.39 -3.40 -1.35
N LYS A 15 -4.47 -3.05 -0.69
CA LYS A 15 -5.67 -3.95 -0.64
C LYS A 15 -6.94 -3.19 -1.01
N TYR A 16 -7.26 -3.25 -2.28
CA TYR A 16 -8.49 -2.57 -2.80
C TYR A 16 -9.70 -3.12 -2.07
N PHE A 17 -10.50 -2.19 -1.61
CA PHE A 17 -11.73 -2.51 -0.84
C PHE A 17 -12.91 -1.57 -1.17
N SER A 18 -14.08 -2.07 -0.85
CA SER A 18 -15.37 -1.33 -1.09
C SER A 18 -15.94 -0.77 0.22
N ASP A 19 -16.34 0.47 0.11
CA ASP A 19 -16.94 1.27 1.23
C ASP A 19 -18.06 0.59 2.02
N ASP A 20 -18.77 -0.31 1.37
CA ASP A 20 -19.89 -1.04 2.04
C ASP A 20 -19.44 -1.68 3.36
N GLY A 21 -18.15 -1.90 3.45
CA GLY A 21 -17.52 -2.52 4.64
C GLY A 21 -16.98 -3.90 4.27
N THR A 22 -16.66 -4.07 3.01
CA THR A 22 -16.14 -5.38 2.53
C THR A 22 -14.98 -5.17 1.55
N PHE A 23 -14.01 -6.06 1.67
CA PHE A 23 -12.79 -6.04 0.81
C PHE A 23 -13.17 -6.44 -0.62
N VAL A 24 -12.31 -6.09 -1.55
CA VAL A 24 -12.56 -6.42 -2.99
C VAL A 24 -11.38 -7.16 -3.63
N CYS A 25 -10.28 -6.47 -3.86
CA CYS A 25 -9.10 -7.13 -4.48
C CYS A 25 -7.79 -6.55 -3.91
N GLU A 26 -6.70 -7.05 -4.44
CA GLU A 26 -5.34 -6.61 -4.03
C GLU A 26 -4.77 -5.89 -5.26
N GLY A 27 -3.99 -4.86 -5.07
CA GLY A 27 -3.44 -4.13 -6.25
C GLY A 27 -2.64 -5.07 -7.16
N GLU A 28 -2.60 -4.73 -8.43
CA GLU A 28 -1.85 -5.58 -9.42
C GLU A 28 -0.84 -4.74 -10.21
N SER A 29 -0.93 -3.44 -10.07
CA SER A 29 0.01 -2.52 -10.79
C SER A 29 1.42 -2.61 -10.20
N ASP A 30 2.20 -3.49 -10.77
CA ASP A 30 3.60 -3.70 -10.32
C ASP A 30 4.55 -2.93 -11.27
N PRO A 31 5.19 -1.90 -10.78
CA PRO A 31 5.94 -0.93 -11.64
C PRO A 31 7.05 -1.58 -12.46
N ARG A 32 7.44 -2.78 -12.07
CA ARG A 32 8.51 -3.51 -12.81
C ARG A 32 8.06 -3.73 -14.26
N ASN A 33 6.86 -4.25 -14.40
CA ASN A 33 6.28 -4.51 -15.75
C ASN A 33 5.48 -3.30 -16.25
N PRO A 34 5.83 -2.76 -17.40
CA PRO A 34 4.96 -1.80 -18.15
C PRO A 34 3.86 -2.58 -18.87
N LYS A 35 2.62 -2.26 -18.57
CA LYS A 35 1.47 -2.96 -19.22
C LYS A 35 0.20 -2.12 -19.12
N ALA A 36 -0.68 -2.35 -20.07
CA ALA A 36 -1.98 -1.62 -20.14
C ALA A 36 -3.07 -2.34 -19.33
N CYS A 37 -4.20 -1.68 -19.20
CA CYS A 37 -5.35 -2.25 -18.43
C CYS A 37 -6.70 -1.70 -18.91
N THR A 38 -7.73 -2.42 -18.53
CA THR A 38 -9.13 -2.04 -18.89
C THR A 38 -9.78 -1.58 -17.57
N LEU A 39 -9.68 -0.30 -17.32
CA LEU A 39 -10.26 0.29 -16.08
C LEU A 39 -11.77 0.48 -16.24
N ASN A 40 -12.13 1.37 -17.14
CA ASN A 40 -13.56 1.69 -17.44
C ASN A 40 -14.35 1.95 -16.14
N CYS A 41 -13.62 2.49 -15.20
CA CYS A 41 -14.13 2.85 -13.84
C CYS A 41 -14.79 1.72 -13.02
N ASP A 42 -14.38 1.60 -11.79
CA ASP A 42 -14.95 0.54 -10.88
C ASP A 42 -15.61 1.22 -9.65
N PRO A 43 -16.83 1.70 -9.81
CA PRO A 43 -17.60 2.32 -8.69
C PRO A 43 -17.80 1.35 -7.51
N ARG A 44 -17.56 0.08 -7.76
CA ARG A 44 -17.72 -0.96 -6.70
C ARG A 44 -16.72 -0.65 -5.57
N ILE A 45 -15.52 -0.31 -5.98
CA ILE A 45 -14.44 0.01 -5.01
C ILE A 45 -14.56 1.46 -4.55
N ALA A 46 -14.01 1.66 -3.39
CA ALA A 46 -14.00 2.98 -2.72
C ALA A 46 -12.54 3.43 -2.59
N TYR A 47 -11.76 2.56 -2.00
CA TYR A 47 -10.30 2.83 -1.79
C TYR A 47 -9.60 1.53 -1.41
N GLY A 48 -8.31 1.60 -1.46
CA GLY A 48 -7.46 0.43 -1.12
C GLY A 48 -6.55 0.74 0.05
N VAL A 49 -6.72 0.01 1.13
CA VAL A 49 -5.86 0.25 2.32
C VAL A 49 -4.51 -0.42 2.06
N CYS A 50 -3.45 0.29 2.36
CA CYS A 50 -2.07 -0.23 2.15
C CYS A 50 -1.41 -0.46 3.53
N PRO A 51 -1.56 -1.64 4.09
CA PRO A 51 -1.03 -1.98 5.45
C PRO A 51 0.45 -1.64 5.67
N ARG A 52 1.16 -1.44 4.58
CA ARG A 52 2.62 -1.11 4.64
C ARG A 52 2.81 0.39 4.94
N SER A 53 2.41 0.75 6.14
CA SER A 53 2.51 2.16 6.62
C SER A 53 3.46 2.21 7.83
N GLU A 54 4.11 3.35 7.97
CA GLU A 54 5.09 3.59 9.08
C GLU A 54 6.34 2.70 8.90
N GLU A 55 7.47 3.21 9.34
CA GLU A 55 8.77 2.46 9.24
C GLU A 55 9.10 2.08 7.78
N LYS A 56 10.09 1.23 7.62
CA LYS A 56 10.50 0.77 6.26
C LYS A 56 11.34 -0.52 6.36
N LYS A 57 12.21 -0.73 5.40
CA LYS A 57 13.08 -1.94 5.37
C LYS A 57 14.26 -1.88 6.37
N ASN A 58 14.10 -1.07 7.39
CA ASN A 58 15.16 -0.90 8.44
C ASN A 58 15.28 -2.13 9.37
N ASP A 59 14.75 -3.23 8.92
CA ASP A 59 14.78 -4.50 9.69
C ASP A 59 16.21 -5.07 9.74
N ARG A 60 16.61 -5.72 8.68
CA ARG A 60 17.99 -6.32 8.62
C ARG A 60 18.33 -6.77 7.19
N ILE A 61 19.54 -6.45 6.78
CA ILE A 61 20.04 -6.79 5.43
C ILE A 61 20.61 -8.24 5.46
N CYS A 62 19.72 -9.19 5.63
CA CYS A 62 20.15 -10.61 5.68
C CYS A 62 20.32 -11.30 4.32
N THR A 63 20.87 -10.53 3.42
CA THR A 63 21.13 -10.98 2.04
C THR A 63 22.55 -11.58 1.99
N ASN A 64 22.67 -12.88 1.85
CA ASN A 64 24.04 -13.51 1.79
C ASN A 64 24.34 -13.97 0.36
N CYS A 65 25.35 -14.78 0.21
CA CYS A 65 25.72 -15.27 -1.15
C CYS A 65 25.66 -16.82 -1.22
N CYS A 66 26.00 -17.45 -0.12
CA CYS A 66 25.99 -18.94 -0.05
C CYS A 66 24.61 -19.48 -0.41
N ALA A 67 23.66 -19.02 0.37
CA ALA A 67 22.25 -19.45 0.18
C ALA A 67 21.62 -18.63 -0.98
N GLY A 68 22.33 -17.62 -1.41
CA GLY A 68 21.84 -16.75 -2.53
C GLY A 68 21.78 -17.52 -3.85
N THR A 69 20.94 -17.03 -4.72
CA THR A 69 20.74 -17.66 -6.07
C THR A 69 22.00 -17.47 -6.94
N LYS A 70 22.51 -18.59 -7.41
CA LYS A 70 23.73 -18.59 -8.28
C LYS A 70 23.56 -17.98 -9.70
N GLY A 71 22.54 -17.19 -9.80
CA GLY A 71 22.18 -16.48 -11.07
C GLY A 71 22.22 -14.98 -10.84
N CYS A 72 22.02 -14.57 -9.60
CA CYS A 72 22.04 -13.11 -9.27
C CYS A 72 23.44 -12.70 -8.84
N LYS A 73 23.86 -11.60 -9.39
CA LYS A 73 25.21 -11.04 -9.08
C LYS A 73 25.12 -10.11 -7.87
N TYR A 74 25.19 -10.72 -6.72
CA TYR A 74 25.12 -9.95 -5.43
C TYR A 74 26.12 -8.80 -5.50
N PHE A 75 25.57 -7.64 -5.26
CA PHE A 75 26.35 -6.37 -5.29
C PHE A 75 26.08 -5.49 -4.06
N SER A 76 26.98 -4.56 -3.87
CA SER A 76 26.91 -3.60 -2.72
C SER A 76 26.55 -2.17 -3.17
N ASP A 77 25.69 -1.59 -2.37
CA ASP A 77 25.15 -0.21 -2.54
C ASP A 77 26.21 0.86 -2.82
N ASP A 78 27.41 0.59 -2.36
CA ASP A 78 28.55 1.54 -2.55
C ASP A 78 28.85 1.80 -4.04
N GLY A 79 28.18 1.06 -4.88
CA GLY A 79 28.34 1.19 -6.36
C GLY A 79 29.39 0.20 -6.85
N THR A 80 29.52 -0.89 -6.14
CA THR A 80 30.51 -1.93 -6.52
C THR A 80 29.95 -3.34 -6.26
N PHE A 81 30.23 -4.20 -7.20
CA PHE A 81 29.77 -5.63 -7.14
C PHE A 81 30.42 -6.36 -5.95
N VAL A 82 29.87 -7.50 -5.62
CA VAL A 82 30.40 -8.31 -4.49
C VAL A 82 30.65 -9.78 -4.86
N CYS A 83 29.59 -10.52 -5.05
CA CYS A 83 29.69 -11.97 -5.42
C CYS A 83 28.44 -12.37 -6.22
N GLU A 84 28.34 -13.66 -6.48
CA GLU A 84 27.18 -14.24 -7.22
C GLU A 84 26.72 -15.38 -6.31
N GLY A 85 25.45 -15.71 -6.31
CA GLY A 85 25.00 -16.81 -5.40
C GLY A 85 25.69 -18.17 -5.63
N GLU A 86 25.45 -19.07 -4.70
CA GLU A 86 26.02 -20.46 -4.75
C GLU A 86 24.91 -21.52 -4.64
N SER A 87 23.73 -21.08 -4.24
CA SER A 87 22.58 -22.03 -4.10
C SER A 87 21.96 -22.28 -5.47
N ASP A 88 21.94 -23.53 -5.85
CA ASP A 88 21.36 -23.94 -7.16
C ASP A 88 19.92 -24.45 -6.91
N PRO A 89 18.99 -24.19 -7.80
CA PRO A 89 17.59 -24.72 -7.73
C PRO A 89 17.50 -26.20 -7.32
N ARG A 90 18.54 -26.94 -7.65
CA ARG A 90 18.58 -28.40 -7.30
C ARG A 90 18.49 -28.57 -5.78
N ASN A 91 19.32 -27.84 -5.10
CA ASN A 91 19.35 -27.88 -3.60
C ASN A 91 18.43 -26.81 -2.97
N PRO A 92 17.41 -27.24 -2.24
CA PRO A 92 16.68 -26.36 -1.27
C PRO A 92 17.45 -26.39 0.06
N LYS A 93 18.20 -25.35 0.34
CA LYS A 93 18.98 -25.31 1.62
C LYS A 93 19.42 -23.89 2.01
N ALA A 94 19.77 -23.78 3.26
CA ALA A 94 20.24 -22.49 3.85
C ALA A 94 21.75 -22.59 4.12
N CYS A 95 22.26 -21.65 4.88
CA CYS A 95 23.73 -21.64 5.21
C CYS A 95 23.98 -21.08 6.62
N PRO A 96 25.12 -21.37 7.20
CA PRO A 96 25.66 -20.60 8.35
C PRO A 96 26.17 -19.23 7.85
N ARG A 97 26.39 -19.15 6.56
CA ARG A 97 26.89 -17.91 5.90
C ARG A 97 25.74 -16.89 5.68
N ASN A 98 24.57 -17.22 6.16
CA ASN A 98 23.39 -16.30 6.01
C ASN A 98 23.67 -14.89 6.54
N CYS A 99 22.92 -13.97 5.97
CA CYS A 99 22.98 -12.51 6.30
C CYS A 99 24.38 -11.89 6.09
N ASP A 100 24.52 -11.14 5.02
CA ASP A 100 25.82 -10.48 4.70
C ASP A 100 25.59 -8.96 4.52
N PRO A 101 26.01 -8.16 5.47
CA PRO A 101 25.85 -6.67 5.40
C PRO A 101 26.62 -6.08 4.22
N ARG A 102 27.66 -6.77 3.79
CA ARG A 102 28.48 -6.29 2.64
C ARG A 102 27.56 -6.12 1.43
N ILE A 103 26.64 -7.06 1.31
CA ILE A 103 25.66 -7.02 0.18
C ILE A 103 24.56 -6.01 0.46
N ALA A 104 24.02 -5.56 -0.64
CA ALA A 104 22.91 -4.56 -0.61
C ALA A 104 21.79 -5.02 -1.55
N TYR A 105 22.20 -5.44 -2.72
CA TYR A 105 21.23 -5.92 -3.75
C TYR A 105 21.83 -7.14 -4.47
N GLY A 106 21.24 -7.44 -5.60
CA GLY A 106 21.66 -8.59 -6.45
C GLY A 106 21.29 -8.25 -7.89
N ILE A 107 22.30 -7.97 -8.68
CA ILE A 107 22.09 -7.61 -10.11
C ILE A 107 21.87 -8.92 -10.89
N CYS A 108 20.62 -9.34 -10.88
CA CYS A 108 20.22 -10.59 -11.59
C CYS A 108 20.06 -10.23 -13.08
N PRO A 109 20.92 -10.74 -13.94
CA PRO A 109 21.03 -10.24 -15.35
C PRO A 109 19.79 -10.62 -16.18
N LEU A 110 19.68 -11.89 -16.45
CA LEU A 110 18.53 -12.42 -17.26
C LEU A 110 17.38 -12.83 -16.33
N ALA A 111 17.09 -11.96 -15.38
CA ALA A 111 15.99 -12.21 -14.39
C ALA A 111 15.56 -10.90 -13.72
N ASP A 1 -15.64 13.29 -7.04
CA ASP A 1 -14.70 12.76 -8.07
C ASP A 1 -15.20 11.41 -8.60
N ARG A 2 -14.79 11.11 -9.81
CA ARG A 2 -15.19 9.82 -10.45
C ARG A 2 -14.49 8.64 -9.78
N ILE A 3 -15.29 7.68 -9.39
CA ILE A 3 -14.76 6.45 -8.71
C ILE A 3 -14.35 5.42 -9.79
N CYS A 4 -13.69 5.92 -10.81
CA CYS A 4 -13.24 5.03 -11.92
C CYS A 4 -11.93 4.28 -11.64
N THR A 5 -11.98 3.50 -10.60
CA THR A 5 -10.81 2.68 -10.18
C THR A 5 -10.88 1.31 -10.85
N ASN A 6 -9.82 0.56 -10.66
CA ASN A 6 -9.75 -0.81 -11.27
C ASN A 6 -8.67 -1.63 -10.56
N CYS A 7 -8.90 -2.91 -10.44
CA CYS A 7 -7.90 -3.80 -9.76
C CYS A 7 -6.54 -3.86 -10.50
N CYS A 8 -6.55 -3.45 -11.74
CA CYS A 8 -5.32 -3.48 -12.57
C CYS A 8 -4.36 -2.31 -12.34
N ALA A 9 -4.85 -1.13 -12.65
CA ALA A 9 -4.04 0.11 -12.48
C ALA A 9 -4.11 0.68 -11.06
N GLY A 10 -3.63 -0.13 -10.14
CA GLY A 10 -3.62 0.24 -8.69
C GLY A 10 -2.20 0.56 -8.25
N THR A 11 -1.68 -0.30 -7.41
CA THR A 11 -0.29 -0.18 -6.86
C THR A 11 0.12 -1.49 -6.18
N LYS A 12 1.16 -2.09 -6.71
CA LYS A 12 1.68 -3.39 -6.14
C LYS A 12 2.26 -3.08 -4.76
N GLY A 13 1.39 -3.04 -3.78
CA GLY A 13 1.81 -2.76 -2.39
C GLY A 13 0.62 -2.48 -1.47
N CYS A 14 -0.53 -2.13 -2.02
CA CYS A 14 -1.73 -1.85 -1.16
C CYS A 14 -2.82 -2.86 -1.51
N LYS A 15 -3.96 -2.72 -0.89
CA LYS A 15 -5.06 -3.69 -1.20
C LYS A 15 -6.40 -3.02 -1.52
N TYR A 16 -6.82 -3.24 -2.74
CA TYR A 16 -8.12 -2.68 -3.23
C TYR A 16 -9.21 -3.17 -2.29
N PHE A 17 -10.05 -2.23 -1.97
CA PHE A 17 -11.18 -2.52 -1.05
C PHE A 17 -12.37 -1.62 -1.34
N SER A 18 -13.50 -2.21 -1.05
CA SER A 18 -14.82 -1.54 -1.24
C SER A 18 -15.37 -0.94 0.06
N ASP A 19 -15.83 0.27 -0.09
CA ASP A 19 -16.42 1.10 1.01
C ASP A 19 -17.53 0.39 1.81
N ASP A 20 -18.18 -0.54 1.16
CA ASP A 20 -19.28 -1.32 1.82
C ASP A 20 -18.80 -2.08 3.08
N GLY A 21 -17.50 -2.10 3.25
CA GLY A 21 -16.87 -2.78 4.42
C GLY A 21 -16.42 -4.17 3.98
N THR A 22 -16.08 -4.28 2.71
CA THR A 22 -15.60 -5.58 2.14
C THR A 22 -14.39 -5.34 1.25
N PHE A 23 -13.51 -6.31 1.27
CA PHE A 23 -12.25 -6.26 0.46
C PHE A 23 -12.56 -6.54 -1.02
N VAL A 24 -11.61 -6.22 -1.86
CA VAL A 24 -11.75 -6.43 -3.34
C VAL A 24 -10.53 -7.20 -3.90
N CYS A 25 -9.41 -6.53 -4.06
CA CYS A 25 -8.20 -7.22 -4.60
C CYS A 25 -6.92 -6.48 -4.12
N GLU A 26 -5.81 -6.77 -4.75
CA GLU A 26 -4.49 -6.13 -4.40
C GLU A 26 -4.13 -5.23 -5.59
N GLY A 27 -3.63 -4.03 -5.35
CA GLY A 27 -3.24 -3.13 -6.48
C GLY A 27 -2.26 -3.83 -7.43
N GLU A 28 -2.65 -4.02 -8.66
CA GLU A 28 -1.75 -4.72 -9.64
C GLU A 28 -0.87 -3.80 -10.50
N SER A 29 -0.81 -2.53 -10.19
CA SER A 29 0.04 -1.62 -11.02
C SER A 29 1.52 -1.85 -10.65
N ASP A 30 2.15 -2.68 -11.44
CA ASP A 30 3.59 -3.01 -11.22
C ASP A 30 4.45 -1.97 -11.96
N PRO A 31 5.59 -1.62 -11.42
CA PRO A 31 6.61 -0.80 -12.16
C PRO A 31 6.82 -1.36 -13.57
N ARG A 32 6.39 -0.59 -14.53
CA ARG A 32 6.50 -0.96 -15.98
C ARG A 32 5.79 -2.31 -16.22
N ASN A 33 4.58 -2.37 -15.72
CA ASN A 33 3.75 -3.61 -15.86
C ASN A 33 3.52 -3.95 -17.34
N PRO A 34 3.58 -5.22 -17.69
CA PRO A 34 3.39 -5.67 -19.11
C PRO A 34 1.96 -5.38 -19.59
N LYS A 35 1.88 -4.74 -20.73
CA LYS A 35 0.57 -4.36 -21.38
C LYS A 35 -0.27 -3.39 -20.52
N ALA A 36 -1.21 -2.78 -21.18
CA ALA A 36 -2.12 -1.79 -20.51
C ALA A 36 -3.35 -2.52 -19.93
N CYS A 37 -4.09 -1.80 -19.12
CA CYS A 37 -5.32 -2.39 -18.49
C CYS A 37 -6.51 -2.40 -19.45
N THR A 38 -7.50 -3.18 -19.09
CA THR A 38 -8.74 -3.31 -19.93
C THR A 38 -9.99 -3.33 -19.01
N LEU A 39 -9.78 -3.08 -17.74
CA LEU A 39 -10.92 -3.08 -16.77
C LEU A 39 -11.67 -1.74 -16.90
N ASN A 40 -10.97 -0.69 -16.56
CA ASN A 40 -11.51 0.71 -16.61
C ASN A 40 -12.81 0.94 -15.82
N CYS A 41 -12.67 1.79 -14.82
CA CYS A 41 -13.78 2.19 -13.90
C CYS A 41 -14.44 1.05 -13.10
N ASP A 42 -14.39 1.19 -11.80
CA ASP A 42 -14.99 0.18 -10.88
C ASP A 42 -15.59 0.88 -9.64
N PRO A 43 -16.85 1.24 -9.72
CA PRO A 43 -17.57 1.92 -8.60
C PRO A 43 -17.57 1.11 -7.30
N ARG A 44 -17.49 -0.20 -7.43
CA ARG A 44 -17.48 -1.07 -6.21
C ARG A 44 -16.30 -0.68 -5.32
N ILE A 45 -15.17 -0.43 -5.95
CA ILE A 45 -13.96 -0.03 -5.18
C ILE A 45 -14.13 1.35 -4.58
N ALA A 46 -13.40 1.53 -3.52
CA ALA A 46 -13.39 2.80 -2.75
C ALA A 46 -11.95 3.31 -2.74
N TYR A 47 -11.06 2.42 -2.37
CA TYR A 47 -9.60 2.75 -2.31
C TYR A 47 -8.77 1.50 -2.05
N GLY A 48 -7.50 1.65 -2.31
CA GLY A 48 -6.52 0.55 -2.11
C GLY A 48 -5.75 0.85 -0.84
N VAL A 49 -6.25 0.34 0.27
CA VAL A 49 -5.54 0.59 1.56
C VAL A 49 -4.39 -0.39 1.83
N CYS A 50 -3.22 0.16 2.10
CA CYS A 50 -2.03 -0.70 2.37
C CYS A 50 -2.11 -1.20 3.82
N PRO A 51 -1.50 -2.33 4.13
CA PRO A 51 -1.61 -2.99 5.46
C PRO A 51 -0.85 -2.17 6.52
N ARG A 52 -1.51 -1.13 6.98
CA ARG A 52 -0.94 -0.22 8.01
C ARG A 52 -2.08 0.31 8.88
N SER A 53 -1.74 0.82 10.04
CA SER A 53 -2.77 1.37 10.97
C SER A 53 -3.32 2.66 10.34
N GLU A 54 -4.58 2.64 10.00
CA GLU A 54 -5.22 3.83 9.38
C GLU A 54 -5.27 4.99 10.40
N GLU A 55 -5.63 4.68 11.61
CA GLU A 55 -5.70 5.73 12.67
C GLU A 55 -4.37 5.77 13.43
N LYS A 56 -3.75 6.91 13.40
CA LYS A 56 -2.44 7.13 14.08
C LYS A 56 -2.45 8.51 14.75
N LYS A 57 -2.82 9.50 13.97
CA LYS A 57 -2.87 10.90 14.49
C LYS A 57 -4.24 11.18 15.13
N ASN A 58 -5.24 11.38 14.32
CA ASN A 58 -6.62 11.64 14.83
C ASN A 58 -7.65 11.40 13.70
N ASP A 59 -7.54 10.24 13.12
CA ASP A 59 -8.44 9.82 12.00
C ASP A 59 -9.65 9.04 12.58
N ARG A 60 -10.10 9.48 13.73
CA ARG A 60 -11.27 8.84 14.44
C ARG A 60 -10.92 7.36 14.68
N ILE A 61 -10.41 7.09 15.86
CA ILE A 61 -10.01 5.69 16.25
C ILE A 61 -10.99 4.62 15.77
N CYS A 62 -10.57 3.95 14.72
CA CYS A 62 -11.37 2.87 14.12
C CYS A 62 -10.54 1.61 13.88
N THR A 63 -9.72 1.38 14.86
CA THR A 63 -8.80 0.22 14.87
C THR A 63 -9.52 -0.95 15.57
N ASN A 64 -8.94 -2.12 15.52
CA ASN A 64 -9.54 -3.33 16.17
C ASN A 64 -8.43 -4.37 16.37
N CYS A 65 -8.84 -5.59 16.59
CA CYS A 65 -7.85 -6.71 16.79
C CYS A 65 -7.81 -7.61 15.55
N CYS A 66 -8.92 -7.64 14.87
CA CYS A 66 -9.11 -8.46 13.63
C CYS A 66 -8.40 -7.91 12.38
N ALA A 67 -8.75 -6.70 12.05
CA ALA A 67 -8.17 -6.01 10.86
C ALA A 67 -6.78 -5.40 11.14
N GLY A 68 -5.89 -6.28 11.51
CA GLY A 68 -4.46 -5.90 11.83
C GLY A 68 -3.54 -7.04 11.38
N THR A 69 -2.53 -7.36 12.16
CA THR A 69 -1.59 -8.48 11.76
C THR A 69 -0.88 -9.17 12.95
N LYS A 70 -0.59 -10.42 12.71
CA LYS A 70 0.11 -11.33 13.69
C LYS A 70 1.60 -11.00 13.85
N GLY A 71 1.87 -9.73 13.78
CA GLY A 71 3.25 -9.19 13.92
C GLY A 71 3.25 -8.03 14.92
N CYS A 72 2.10 -7.75 15.51
CA CYS A 72 2.04 -6.62 16.50
C CYS A 72 1.13 -6.95 17.68
N LYS A 73 1.23 -6.16 18.71
CA LYS A 73 0.39 -6.39 19.92
C LYS A 73 -0.51 -5.17 20.18
N TYR A 74 -1.77 -5.33 19.87
CA TYR A 74 -2.77 -4.23 20.06
C TYR A 74 -2.68 -3.67 21.49
N PHE A 75 -2.71 -2.36 21.59
CA PHE A 75 -2.62 -1.69 22.93
C PHE A 75 -3.43 -0.39 22.99
N SER A 76 -3.76 -0.04 24.22
CA SER A 76 -4.56 1.19 24.52
C SER A 76 -3.73 2.28 25.24
N ASP A 77 -3.87 3.46 24.67
CA ASP A 77 -3.19 4.72 25.13
C ASP A 77 -3.24 4.99 26.64
N ASP A 78 -4.31 4.54 27.25
CA ASP A 78 -4.50 4.71 28.73
C ASP A 78 -3.35 4.12 29.56
N GLY A 79 -2.51 3.38 28.88
CA GLY A 79 -1.34 2.73 29.55
C GLY A 79 -1.65 1.26 29.84
N THR A 80 -2.59 0.71 29.10
CA THR A 80 -2.98 -0.70 29.30
C THR A 80 -3.01 -1.42 27.95
N PHE A 81 -2.66 -2.69 28.01
CA PHE A 81 -2.62 -3.56 26.81
C PHE A 81 -4.04 -4.00 26.40
N VAL A 82 -4.20 -4.32 25.13
CA VAL A 82 -5.53 -4.75 24.59
C VAL A 82 -5.53 -6.22 24.15
N CYS A 83 -4.90 -6.50 23.03
CA CYS A 83 -4.85 -7.91 22.50
C CYS A 83 -3.63 -8.06 21.57
N GLU A 84 -3.51 -9.20 20.93
CA GLU A 84 -2.37 -9.47 20.00
C GLU A 84 -2.91 -9.75 18.58
N GLY A 85 -2.07 -9.51 17.58
CA GLY A 85 -2.43 -9.72 16.14
C GLY A 85 -3.43 -10.86 15.95
N GLU A 86 -4.64 -10.53 15.55
CA GLU A 86 -5.68 -11.60 15.34
C GLU A 86 -5.79 -11.90 13.84
N SER A 87 -4.72 -11.69 13.12
CA SER A 87 -4.71 -11.95 11.65
C SER A 87 -3.40 -12.58 11.18
N ASP A 88 -3.43 -13.89 11.09
CA ASP A 88 -2.23 -14.67 10.65
C ASP A 88 -2.28 -14.68 9.11
N PRO A 89 -1.14 -14.71 8.44
CA PRO A 89 -1.11 -15.02 6.98
C PRO A 89 -1.58 -16.47 6.78
N ARG A 90 -2.89 -16.62 6.69
CA ARG A 90 -3.63 -17.93 6.50
C ARG A 90 -5.03 -17.83 7.12
N ASN A 91 -5.16 -16.98 8.12
CA ASN A 91 -6.44 -16.76 8.85
C ASN A 91 -7.70 -16.71 7.91
N PRO A 92 -8.61 -17.66 8.05
CA PRO A 92 -9.90 -17.64 7.31
C PRO A 92 -10.86 -16.62 7.95
N LYS A 93 -10.60 -15.37 7.65
CA LYS A 93 -11.43 -14.25 8.19
C LYS A 93 -11.12 -12.94 7.47
N ALA A 94 -11.93 -11.95 7.73
CA ALA A 94 -11.76 -10.60 7.11
C ALA A 94 -12.49 -9.53 7.92
N CYS A 95 -11.93 -8.34 7.92
CA CYS A 95 -12.52 -7.20 8.67
C CYS A 95 -12.11 -5.86 8.02
N PRO A 96 -13.05 -4.98 7.75
CA PRO A 96 -12.74 -3.59 7.30
C PRO A 96 -11.96 -2.80 8.37
N ARG A 97 -12.68 -2.32 9.36
CA ARG A 97 -12.06 -1.53 10.47
C ARG A 97 -12.59 -1.96 11.84
N ASN A 98 -13.89 -2.13 11.94
CA ASN A 98 -14.54 -2.55 13.23
C ASN A 98 -14.04 -1.62 14.35
N CYS A 99 -14.26 -0.35 14.14
CA CYS A 99 -13.84 0.71 15.10
C CYS A 99 -13.92 0.33 16.58
N ASP A 100 -12.81 0.53 17.25
CA ASP A 100 -12.70 0.22 18.71
C ASP A 100 -12.13 1.43 19.48
N PRO A 101 -12.99 2.22 20.10
CA PRO A 101 -12.55 3.43 20.86
C PRO A 101 -11.66 3.07 22.05
N ARG A 102 -11.61 1.80 22.39
CA ARG A 102 -10.78 1.33 23.53
C ARG A 102 -9.30 1.19 23.17
N ILE A 103 -9.00 0.87 21.94
CA ILE A 103 -7.57 0.71 21.52
C ILE A 103 -7.02 2.05 21.00
N ALA A 104 -5.70 2.11 20.93
CA ALA A 104 -4.98 3.33 20.44
C ALA A 104 -4.08 2.92 19.28
N TYR A 105 -3.19 2.01 19.56
CA TYR A 105 -2.22 1.50 18.54
C TYR A 105 -1.62 0.16 18.98
N GLY A 106 -1.08 -0.51 18.00
CA GLY A 106 -0.44 -1.84 18.24
C GLY A 106 1.06 -1.71 18.45
N ILE A 107 1.49 -2.06 19.64
CA ILE A 107 2.93 -1.99 19.99
C ILE A 107 3.54 -3.30 19.48
N CYS A 108 4.22 -3.16 18.36
CA CYS A 108 4.88 -4.33 17.72
C CYS A 108 6.22 -4.64 18.43
N PRO A 109 6.46 -5.90 18.74
CA PRO A 109 7.69 -6.32 19.48
C PRO A 109 8.92 -6.26 18.56
N LEU A 110 9.53 -5.09 18.52
CA LEU A 110 10.74 -4.89 17.68
C LEU A 110 11.96 -5.48 18.40
N ALA A 111 12.02 -5.22 19.69
CA ALA A 111 13.15 -5.73 20.53
C ALA A 111 13.09 -7.27 20.65
#